data_2GD4
#
_entry.id   2GD4
#
_cell.length_a   220.263
_cell.length_b   60.588
_cell.length_c   156.174
_cell.angle_alpha   90.00
_cell.angle_beta   113.14
_cell.angle_gamma   90.00
#
_symmetry.space_group_name_H-M   'C 1 2 1'
#
loop_
_entity.id
_entity.type
_entity.pdbx_description
1 polymer 'Coagulation factor X, Stuart factor, Stuart-Prower factor, Contains: Factor X light chain; Factor X heavy chain; Activated factor Xa heavy chain'
2 polymer 'Coagulation factor, Stuart factor, Stuart-Prower factor, Contains: Factor X light chain; Factor X heavy chain; Activated factor Xa heavy chain'
3 polymer Antithrombin-III
4 branched alpha-D-mannopyranose-(1-2)-alpha-D-mannopyranose-(1-3)-[alpha-D-mannopyranose-(1-6)]beta-D-mannopyranose-(1-4)-2-acetamido-2-deoxy-beta-D-glucopyranose-(1-4)-2-acetamido-2-deoxy-beta-D-glucopyranose
5 branched 2-acetamido-2-deoxy-beta-D-glucopyranose-(1-4)-2-acetamido-2-deoxy-beta-D-glucopyranose
6 branched '2-deoxy-6-O-sulfo-2-(sulfoamino)-alpha-D-glucopyranose-(1-4)-beta-D-glucopyranuronic acid-(1-4)-2-deoxy-3,6-di-O-sulfo-2-(sulfoamino)-alpha-D-glucopyranose-(1-4)-2-O-sulfo-alpha-L-idopyranuronic acid-(1-4)-methyl 2-deoxy-6-O-sulfo-2-(sulfoamino)-alpha-D-glucopyranoside'
7 non-polymer 'CALCIUM ION'
8 non-polymer 2-acetamido-2-deoxy-beta-D-glucopyranose
9 water water
#
loop_
_entity_poly.entity_id
_entity_poly.type
_entity_poly.pdbx_seq_one_letter_code
_entity_poly.pdbx_strand_id
1 'polypeptide(L)' MRKLCSLDNGDCDQFCHEEQNSVVCSCARGYTLADNGKACIPTGPYPCGKQTLERRKR L,A
2 'polypeptide(L)'
;IVGGQECKDGECPWQALLINEENEGFCGGTILSEFYILTAAHCLYQAKRFKVRVGDRNTEQEEGGEAVHEVEVVIKHNRF
TKETYDFDIAVLRLKTPITFRMNVAPACLPERDWAESTLMTQKTGIVSGFGRTHEKGRQSTRLKMLEVPYVDRNSCKLSS
SFIITQNMFCAGYDTKQEDACQGDAGGPHVTRFKDTYFVTGIVSWGEGCARKGKYGIYTKVTAFLKWIDRSMKTRGLPKA
K
;
H,B
3 'polypeptide(L)'
;LLIGFWDCVTCHGSPVDICTAKPRDIPMNPMCIYRSPEKKATEDEGSEQKIPEATNRRVWELSKANSRFATTFYQHLADS
KNDNDNIFLSPLSISTAFAMTKLGACNDTLQQLMEVFKFDTISEKTSDQIHFFFAKLNCRLYRKANKASKLVSANRLFGD
KSLTFNETYQDISELVYGAKLQPLDFKENAEQSRAAINKWVSNKTEGRITDVIPSEAINELTVLVLVNTIYFKGLWKSKF
SPENTRKELFYKADGESCSASMMYQEGKFRYRRVAEGTQVLELPFKGDDITMVLILPKPEKSLAKVEKELTPEVLQEWLD
ELEEMMLVVHMPRFRIEDGFSLKEQLQDMGLVDLFSPAASALPGIVAEGRDDLYVSDAFHKAFLEVNEEGSEAAASTAVV
IAGRSLNPNRVTFKANRPFLVFIREVPLNTIIFMGRVANPCVK
;
I,C
#
# COMPACT_ATOMS: atom_id res chain seq x y z
N ARG A 2 -28.60 -31.50 -84.27
CA ARG A 2 -29.38 -30.93 -85.40
C ARG A 2 -28.51 -30.73 -86.66
N LYS A 3 -28.05 -31.84 -87.22
CA LYS A 3 -27.25 -31.87 -88.45
C LYS A 3 -25.72 -31.90 -88.39
N LEU A 4 -25.08 -30.84 -88.90
CA LEU A 4 -23.63 -30.77 -88.97
C LEU A 4 -22.96 -30.22 -87.71
N CYS A 5 -22.57 -28.94 -87.72
CA CYS A 5 -21.92 -28.35 -86.55
C CYS A 5 -22.86 -28.37 -85.36
N SER A 6 -24.14 -28.62 -85.63
CA SER A 6 -25.13 -28.67 -84.57
C SER A 6 -24.83 -29.88 -83.70
N LEU A 7 -24.40 -30.97 -84.33
CA LEU A 7 -24.10 -32.19 -83.62
C LEU A 7 -22.65 -32.24 -83.14
N ASP A 8 -22.49 -32.39 -81.82
CA ASP A 8 -21.18 -32.46 -81.17
C ASP A 8 -20.09 -31.62 -81.84
N ASN A 9 -20.42 -30.38 -82.14
CA ASN A 9 -19.47 -29.47 -82.76
C ASN A 9 -18.54 -30.15 -83.76
N GLY A 10 -19.13 -30.75 -84.79
CA GLY A 10 -18.38 -31.42 -85.83
C GLY A 10 -17.10 -32.18 -85.50
N ASP A 11 -17.12 -32.92 -84.40
CA ASP A 11 -15.96 -33.71 -83.99
C ASP A 11 -14.65 -32.95 -84.17
N CYS A 12 -14.71 -31.62 -84.15
CA CYS A 12 -13.50 -30.83 -84.28
C CYS A 12 -12.92 -30.70 -82.88
N ASP A 13 -11.89 -29.89 -82.74
CA ASP A 13 -11.25 -29.66 -81.44
C ASP A 13 -11.46 -28.20 -81.03
N GLN A 14 -11.80 -27.35 -81.99
CA GLN A 14 -12.03 -25.94 -81.71
C GLN A 14 -13.15 -25.31 -82.54
N PHE A 15 -12.81 -24.63 -83.62
CA PHE A 15 -13.83 -23.98 -84.44
C PHE A 15 -14.56 -24.84 -85.47
N CYS A 16 -15.84 -24.52 -85.68
CA CYS A 16 -16.70 -25.25 -86.62
C CYS A 16 -17.30 -24.29 -87.66
N HIS A 17 -17.41 -24.74 -88.89
CA HIS A 17 -17.96 -23.92 -89.96
C HIS A 17 -18.87 -24.75 -90.86
N GLU A 18 -18.77 -24.51 -92.16
CA GLU A 18 -19.54 -25.26 -93.15
C GLU A 18 -19.36 -24.78 -94.60
N GLU A 19 -18.13 -24.82 -95.09
CA GLU A 19 -17.85 -24.44 -96.46
C GLU A 19 -18.23 -25.64 -97.34
N GLN A 20 -19.13 -25.41 -98.29
CA GLN A 20 -19.61 -26.44 -99.22
C GLN A 20 -20.53 -27.46 -98.57
N ASN A 21 -21.55 -26.97 -97.86
CA ASN A 21 -22.55 -27.79 -97.18
C ASN A 21 -21.98 -28.98 -96.40
N SER A 22 -20.73 -28.87 -95.95
CA SER A 22 -20.09 -29.94 -95.20
C SER A 22 -19.18 -29.40 -94.08
N VAL A 23 -19.04 -30.16 -93.02
CA VAL A 23 -18.21 -29.78 -91.87
C VAL A 23 -16.77 -29.42 -92.23
N VAL A 24 -16.22 -28.46 -91.49
CA VAL A 24 -14.85 -27.99 -91.68
C VAL A 24 -14.32 -27.51 -90.34
N CYS A 25 -13.04 -27.71 -90.08
CA CYS A 25 -12.47 -27.28 -88.80
C CYS A 25 -11.29 -26.34 -89.00
N SER A 26 -11.01 -25.55 -87.97
CA SER A 26 -9.89 -24.61 -87.99
C SER A 26 -9.34 -24.53 -86.57
N CYS A 27 -8.48 -23.55 -86.31
CA CYS A 27 -7.90 -23.41 -84.97
C CYS A 27 -7.43 -22.01 -84.64
N ALA A 28 -7.36 -21.71 -83.34
CA ALA A 28 -6.91 -20.40 -82.88
C ALA A 28 -5.44 -20.19 -83.21
N ARG A 29 -5.04 -18.94 -83.39
CA ARG A 29 -3.65 -18.66 -83.73
C ARG A 29 -2.68 -19.26 -82.73
N GLY A 30 -1.65 -19.89 -83.26
CA GLY A 30 -0.65 -20.52 -82.42
C GLY A 30 -0.84 -22.01 -82.45
N TYR A 31 -1.90 -22.43 -83.14
CA TYR A 31 -2.23 -23.84 -83.27
C TYR A 31 -2.22 -24.18 -84.74
N THR A 32 -2.16 -25.48 -85.04
CA THR A 32 -2.16 -25.97 -86.42
C THR A 32 -3.03 -27.22 -86.50
N LEU A 33 -4.11 -27.13 -87.26
CA LEU A 33 -5.01 -28.27 -87.42
C LEU A 33 -4.18 -29.48 -87.81
N ALA A 34 -4.63 -30.65 -87.37
CA ALA A 34 -3.93 -31.88 -87.67
C ALA A 34 -4.24 -32.36 -89.08
N ASP A 35 -3.51 -33.38 -89.51
CA ASP A 35 -3.71 -33.95 -90.82
C ASP A 35 -5.07 -34.62 -90.89
N ASN A 36 -5.55 -35.11 -89.76
CA ASN A 36 -6.85 -35.76 -89.71
C ASN A 36 -7.93 -34.70 -89.89
N GLY A 37 -7.54 -33.44 -89.75
CA GLY A 37 -8.47 -32.33 -89.93
C GLY A 37 -9.53 -32.02 -88.87
N LYS A 38 -9.67 -32.87 -87.87
CA LYS A 38 -10.66 -32.63 -86.84
C LYS A 38 -10.04 -32.56 -85.44
N ALA A 39 -8.94 -31.82 -85.32
CA ALA A 39 -8.24 -31.68 -84.04
C ALA A 39 -7.14 -30.64 -84.14
N CYS A 40 -6.97 -29.83 -83.09
CA CYS A 40 -5.97 -28.78 -83.08
C CYS A 40 -4.68 -29.13 -82.35
N ILE A 41 -3.60 -29.23 -83.11
CA ILE A 41 -2.29 -29.56 -82.58
C ILE A 41 -1.46 -28.32 -82.41
N PRO A 42 -1.06 -28.01 -81.17
CA PRO A 42 -0.25 -26.83 -80.88
C PRO A 42 0.85 -26.52 -81.90
N THR A 43 1.47 -25.35 -81.76
CA THR A 43 2.53 -24.90 -82.66
C THR A 43 3.75 -24.56 -81.82
N GLY A 44 3.53 -24.40 -80.53
CA GLY A 44 4.61 -24.06 -79.63
C GLY A 44 4.37 -24.67 -78.27
N PRO A 45 5.06 -24.18 -77.23
CA PRO A 45 4.95 -24.67 -75.85
C PRO A 45 3.72 -24.12 -75.09
N TYR A 46 3.71 -22.81 -74.89
CA TYR A 46 2.63 -22.12 -74.17
C TYR A 46 1.66 -21.48 -75.15
N PRO A 47 0.58 -22.20 -75.49
CA PRO A 47 -0.49 -21.78 -76.39
C PRO A 47 -1.68 -21.30 -75.57
N CYS A 48 -2.44 -20.40 -76.16
CA CYS A 48 -3.61 -19.82 -75.49
C CYS A 48 -4.62 -20.81 -74.95
N GLY A 49 -5.31 -20.40 -73.90
CA GLY A 49 -6.32 -21.24 -73.29
C GLY A 49 -5.76 -22.41 -72.52
N LYS A 50 -4.44 -22.58 -72.52
CA LYS A 50 -3.81 -23.70 -71.83
C LYS A 50 -3.17 -23.37 -70.49
N GLN A 51 -3.85 -23.76 -69.41
CA GLN A 51 -3.33 -23.51 -68.09
C GLN A 51 -1.93 -24.04 -68.06
N THR A 52 -0.98 -23.19 -67.68
CA THR A 52 0.42 -23.58 -67.59
C THR A 52 0.60 -24.66 -66.55
N LEU A 53 0.96 -25.85 -66.98
CA LEU A 53 1.14 -26.95 -66.05
C LEU A 53 2.43 -27.68 -66.37
N GLU A 54 3.50 -27.34 -65.67
CA GLU A 54 4.81 -27.98 -65.86
C GLU A 54 5.27 -28.69 -64.59
N ARG A 55 5.14 -30.02 -64.59
CA ARG A 55 5.53 -30.86 -63.45
C ARG A 55 5.70 -32.32 -63.87
N ILE B 1 -12.50 -9.98 -56.53
CA ILE B 1 -13.51 -11.07 -56.57
C ILE B 1 -14.20 -11.18 -55.23
N VAL B 2 -15.36 -11.80 -55.20
CA VAL B 2 -16.12 -11.97 -53.96
C VAL B 2 -16.61 -13.42 -53.89
N GLY B 3 -15.87 -14.25 -53.17
CA GLY B 3 -16.24 -15.64 -53.10
C GLY B 3 -15.19 -16.38 -53.89
N GLY B 4 -15.60 -17.24 -54.81
CA GLY B 4 -14.62 -17.95 -55.62
C GLY B 4 -13.47 -18.56 -54.83
N GLN B 5 -12.25 -18.45 -55.33
CA GLN B 5 -11.13 -19.02 -54.60
C GLN B 5 -9.81 -18.35 -54.94
N GLU B 6 -8.74 -19.13 -55.04
CA GLU B 6 -7.42 -18.56 -55.31
C GLU B 6 -6.72 -19.32 -56.43
N CYS B 7 -6.48 -18.68 -57.58
CA CYS B 7 -5.83 -19.39 -58.70
C CYS B 7 -4.54 -20.06 -58.23
N LYS B 8 -4.55 -21.39 -58.20
CA LYS B 8 -3.39 -22.14 -57.80
C LYS B 8 -2.44 -21.95 -58.97
N ASP B 9 -1.15 -22.07 -58.73
CA ASP B 9 -0.16 -21.88 -59.78
C ASP B 9 -0.62 -22.39 -61.13
N GLY B 10 -0.63 -21.50 -62.11
CA GLY B 10 -1.03 -21.89 -63.46
C GLY B 10 -2.48 -22.15 -63.78
N GLU B 11 -3.42 -21.59 -63.05
CA GLU B 11 -4.85 -21.81 -63.36
C GLU B 11 -5.47 -20.65 -64.12
N CYS B 12 -4.77 -19.51 -64.13
CA CYS B 12 -5.27 -18.31 -64.77
C CYS B 12 -4.09 -17.50 -65.30
N PRO B 13 -3.18 -18.15 -66.05
CA PRO B 13 -1.99 -17.51 -66.62
C PRO B 13 -2.22 -16.25 -67.43
N TRP B 14 -3.39 -16.13 -68.02
CA TRP B 14 -3.70 -14.96 -68.84
C TRP B 14 -4.02 -13.67 -68.06
N GLN B 15 -4.39 -13.83 -66.81
CA GLN B 15 -4.69 -12.68 -65.98
C GLN B 15 -3.51 -11.74 -66.09
N ALA B 16 -3.80 -10.46 -66.26
CA ALA B 16 -2.76 -9.46 -66.33
C ALA B 16 -3.10 -8.48 -65.22
N LEU B 17 -2.25 -7.48 -65.03
CA LEU B 17 -2.50 -6.51 -63.98
C LEU B 17 -1.91 -5.13 -64.27
N LEU B 18 -2.77 -4.12 -64.31
CA LEU B 18 -2.34 -2.75 -64.57
C LEU B 18 -1.97 -2.13 -63.22
N ILE B 19 -0.84 -1.45 -63.15
CA ILE B 19 -0.41 -0.83 -61.89
C ILE B 19 0.14 0.57 -62.11
N ASN B 20 0.15 1.39 -61.07
CA ASN B 20 0.60 2.77 -61.19
C ASN B 20 2.04 3.05 -60.81
N GLU B 21 2.44 4.31 -61.00
CA GLU B 21 3.78 4.78 -60.69
C GLU B 21 4.12 4.59 -59.22
N GLU B 22 3.09 4.55 -58.38
CA GLU B 22 3.28 4.36 -56.94
C GLU B 22 3.19 2.87 -56.73
N ASN B 23 2.97 2.15 -57.82
CA ASN B 23 2.87 0.70 -57.80
C ASN B 23 1.62 0.30 -57.05
N GLU B 24 0.57 -0.01 -57.78
CA GLU B 24 -0.71 -0.40 -57.21
C GLU B 24 -1.55 -0.92 -58.33
N GLY B 25 -2.17 -2.07 -58.13
CA GLY B 25 -3.00 -2.63 -59.19
C GLY B 25 -4.32 -1.89 -59.18
N PHE B 26 -5.13 -2.06 -60.21
CA PHE B 26 -6.40 -1.37 -60.22
C PHE B 26 -7.24 -1.72 -61.42
N CYS B 27 -6.78 -2.69 -62.21
CA CYS B 27 -7.54 -3.10 -63.37
C CYS B 27 -6.97 -4.34 -63.99
N GLY B 28 -7.79 -5.37 -64.02
CA GLY B 28 -7.36 -6.62 -64.60
C GLY B 28 -7.15 -6.50 -66.09
N GLY B 29 -6.31 -7.40 -66.59
CA GLY B 29 -6.00 -7.44 -68.00
C GLY B 29 -6.30 -8.85 -68.45
N THR B 30 -6.01 -9.12 -69.72
CA THR B 30 -6.25 -10.43 -70.29
C THR B 30 -5.18 -10.60 -71.34
N ILE B 31 -4.13 -11.33 -71.04
CA ILE B 31 -3.10 -11.51 -72.03
C ILE B 31 -3.64 -12.14 -73.32
N LEU B 32 -3.62 -11.37 -74.40
CA LEU B 32 -4.12 -11.84 -75.67
C LEU B 32 -2.99 -12.41 -76.48
N SER B 33 -1.77 -11.99 -76.16
CA SER B 33 -0.60 -12.48 -76.87
C SER B 33 0.63 -11.74 -76.37
N GLU B 34 1.78 -12.12 -76.88
CA GLU B 34 3.06 -11.55 -76.49
C GLU B 34 3.19 -10.01 -76.48
N PHE B 35 2.24 -9.32 -77.12
CA PHE B 35 2.27 -7.85 -77.21
C PHE B 35 1.04 -7.08 -76.73
N TYR B 36 -0.12 -7.61 -77.07
CA TYR B 36 -1.38 -6.95 -76.73
C TYR B 36 -2.11 -7.41 -75.46
N ILE B 37 -2.54 -6.45 -74.66
CA ILE B 37 -3.27 -6.78 -73.46
C ILE B 37 -4.72 -6.34 -73.62
N LEU B 38 -5.64 -7.14 -73.10
CA LEU B 38 -7.05 -6.82 -73.22
C LEU B 38 -7.62 -6.31 -71.90
N THR B 39 -8.01 -5.03 -71.87
CA THR B 39 -8.54 -4.44 -70.67
C THR B 39 -9.81 -3.64 -70.91
N ALA B 40 -10.41 -3.15 -69.83
CA ALA B 40 -11.64 -2.35 -69.87
C ALA B 40 -11.34 -0.95 -70.35
N ALA B 41 -12.36 -0.20 -70.76
CA ALA B 41 -12.14 1.16 -71.22
C ALA B 41 -12.12 2.13 -70.06
N HIS B 42 -13.13 2.05 -69.21
CA HIS B 42 -13.20 2.96 -68.08
C HIS B 42 -11.95 2.88 -67.23
N CYS B 43 -11.23 1.76 -67.34
CA CYS B 43 -10.00 1.57 -66.57
C CYS B 43 -8.99 2.71 -66.75
N LEU B 44 -8.75 3.11 -68.00
CA LEU B 44 -7.79 4.15 -68.29
C LEU B 44 -8.35 5.59 -68.25
N TYR B 45 -9.68 5.73 -68.23
CA TYR B 45 -10.30 7.05 -68.23
C TYR B 45 -9.53 8.12 -67.50
N GLN B 46 -9.67 8.16 -66.18
CA GLN B 46 -8.99 9.16 -65.34
C GLN B 46 -7.62 8.67 -64.86
N ALA B 47 -7.10 7.69 -65.56
CA ALA B 47 -5.83 7.11 -65.20
C ALA B 47 -4.72 8.02 -65.61
N LYS B 48 -3.51 7.68 -65.18
CA LYS B 48 -2.32 8.46 -65.49
C LYS B 48 -1.02 7.73 -65.16
N ARG B 49 -0.35 7.22 -66.19
CA ARG B 49 0.93 6.53 -66.03
C ARG B 49 0.70 5.22 -65.31
N PHE B 50 0.92 4.13 -66.02
CA PHE B 50 0.72 2.83 -65.41
C PHE B 50 1.58 1.84 -66.16
N LYS B 51 1.45 0.57 -65.82
CA LYS B 51 2.22 -0.49 -66.46
C LYS B 51 1.48 -1.82 -66.25
N VAL B 52 1.89 -2.85 -66.97
CA VAL B 52 1.24 -4.14 -66.84
C VAL B 52 2.17 -5.17 -66.26
N ARG B 53 1.72 -5.81 -65.20
CA ARG B 53 2.51 -6.82 -64.54
C ARG B 53 1.85 -8.14 -64.87
N VAL B 54 2.64 -9.12 -65.28
CA VAL B 54 2.08 -10.41 -65.64
C VAL B 54 2.44 -11.52 -64.69
N GLY B 55 1.73 -12.62 -64.82
CA GLY B 55 1.95 -13.80 -64.00
C GLY B 55 2.36 -13.61 -62.55
N ASP B 56 1.71 -12.70 -61.84
CA ASP B 56 2.02 -12.52 -60.45
C ASP B 56 0.80 -12.88 -59.65
N ARG B 57 0.92 -13.85 -58.74
CA ARG B 57 -0.24 -14.25 -57.97
C ARG B 57 -0.29 -13.66 -56.56
N ASN B 58 0.71 -12.89 -56.16
CA ASN B 58 0.71 -12.32 -54.82
C ASN B 58 1.29 -10.90 -54.84
N THR B 59 0.53 -9.92 -54.36
CA THR B 59 1.01 -8.54 -54.37
C THR B 59 1.83 -8.14 -53.16
N GLU B 60 1.54 -8.73 -52.01
CA GLU B 60 2.25 -8.38 -50.79
C GLU B 60 3.69 -8.85 -50.78
N GLN B 61 4.00 -9.85 -51.62
CA GLN B 61 5.35 -10.42 -51.69
C GLN B 61 5.79 -10.73 -53.12
N GLU B 62 6.72 -9.94 -53.65
CA GLU B 62 7.24 -10.16 -54.99
C GLU B 62 8.30 -11.26 -54.97
N GLU B 63 8.17 -12.26 -55.84
CA GLU B 63 9.15 -13.35 -55.87
C GLU B 63 9.48 -13.81 -57.28
N GLY B 64 9.99 -12.90 -58.11
CA GLY B 64 10.33 -13.27 -59.47
C GLY B 64 9.15 -13.92 -60.14
N GLY B 65 9.36 -14.47 -61.34
CA GLY B 65 8.26 -15.09 -62.07
C GLY B 65 7.34 -13.99 -62.58
N GLU B 66 7.26 -12.90 -61.81
CA GLU B 66 6.44 -11.76 -62.15
C GLU B 66 7.24 -10.90 -63.11
N ALA B 67 6.57 -10.28 -64.08
CA ALA B 67 7.24 -9.43 -65.04
C ALA B 67 6.47 -8.12 -65.21
N VAL B 68 7.20 -7.05 -65.48
CA VAL B 68 6.57 -5.73 -65.65
C VAL B 68 6.85 -5.18 -67.03
N HIS B 69 5.81 -5.08 -67.85
CA HIS B 69 6.01 -4.58 -69.20
C HIS B 69 5.46 -3.15 -69.29
N GLU B 70 5.96 -2.35 -70.24
CA GLU B 70 5.49 -0.97 -70.43
C GLU B 70 4.53 -0.83 -71.63
N VAL B 71 3.71 0.21 -71.61
CA VAL B 71 2.73 0.43 -72.65
C VAL B 71 3.14 1.37 -73.76
N GLU B 72 3.33 0.81 -74.93
CA GLU B 72 3.75 1.53 -76.12
C GLU B 72 2.57 2.27 -76.70
N VAL B 73 1.43 1.60 -76.75
CA VAL B 73 0.24 2.18 -77.33
C VAL B 73 -1.05 1.83 -76.59
N VAL B 74 -1.81 2.85 -76.20
CA VAL B 74 -3.08 2.63 -75.52
C VAL B 74 -4.15 2.92 -76.55
N ILE B 75 -5.23 2.14 -76.55
CA ILE B 75 -6.30 2.35 -77.51
C ILE B 75 -7.63 2.06 -76.89
N LYS B 76 -8.33 3.11 -76.51
CA LYS B 76 -9.65 2.97 -75.87
C LYS B 76 -10.66 2.99 -77.00
N HIS B 77 -11.72 2.19 -76.91
CA HIS B 77 -12.69 2.21 -77.97
C HIS B 77 -13.26 3.61 -78.04
N ASN B 78 -12.99 4.33 -79.12
CA ASN B 78 -13.45 5.71 -79.26
C ASN B 78 -14.91 5.99 -78.85
N ARG B 79 -15.78 4.98 -78.91
CA ARG B 79 -17.18 5.23 -78.56
C ARG B 79 -17.64 4.86 -77.15
N PHE B 80 -16.75 5.02 -76.17
CA PHE B 80 -17.05 4.68 -74.79
C PHE B 80 -17.56 5.86 -73.98
N THR B 81 -18.42 5.58 -73.01
CA THR B 81 -18.96 6.65 -72.19
C THR B 81 -19.17 6.23 -70.75
N LYS B 82 -18.78 7.10 -69.83
CA LYS B 82 -18.94 6.79 -68.41
C LYS B 82 -20.41 6.99 -68.05
N GLU B 83 -21.20 7.37 -69.04
CA GLU B 83 -22.60 7.60 -68.80
C GLU B 83 -23.48 6.47 -69.27
N THR B 84 -22.89 5.43 -69.85
CA THR B 84 -23.65 4.28 -70.33
C THR B 84 -22.77 3.06 -70.19
N TYR B 85 -21.49 3.32 -69.94
CA TYR B 85 -20.57 2.23 -69.81
C TYR B 85 -20.67 1.22 -70.96
N ASP B 86 -21.08 1.74 -72.11
CA ASP B 86 -21.19 0.94 -73.32
C ASP B 86 -19.80 1.09 -73.94
N PHE B 87 -19.36 0.12 -74.73
CA PHE B 87 -18.04 0.19 -75.33
C PHE B 87 -16.94 0.38 -74.29
N ASP B 88 -16.98 -0.44 -73.24
CA ASP B 88 -15.96 -0.36 -72.19
C ASP B 88 -14.96 -1.47 -72.47
N ILE B 89 -13.93 -1.13 -73.24
CA ILE B 89 -12.90 -2.06 -73.67
C ILE B 89 -11.76 -1.21 -74.24
N ALA B 90 -10.61 -1.82 -74.47
CA ALA B 90 -9.46 -1.10 -75.01
C ALA B 90 -8.35 -2.11 -75.15
N VAL B 91 -7.46 -1.90 -76.11
CA VAL B 91 -6.33 -2.80 -76.32
C VAL B 91 -5.06 -2.10 -75.98
N LEU B 92 -4.12 -2.86 -75.44
CA LEU B 92 -2.83 -2.34 -75.02
C LEU B 92 -1.67 -3.02 -75.69
N ARG B 93 -0.87 -2.23 -76.40
CA ARG B 93 0.32 -2.78 -77.04
C ARG B 93 1.50 -2.40 -76.14
N LEU B 94 2.29 -3.39 -75.76
CA LEU B 94 3.43 -3.15 -74.89
C LEU B 94 4.69 -2.79 -75.67
N LYS B 95 5.71 -2.30 -74.97
CA LYS B 95 6.93 -1.92 -75.66
C LYS B 95 7.88 -3.09 -75.92
N THR B 96 7.96 -4.05 -75.01
CA THR B 96 8.84 -5.22 -75.17
C THR B 96 8.09 -6.50 -74.85
N PRO B 97 7.80 -7.33 -75.88
CA PRO B 97 7.07 -8.60 -75.77
C PRO B 97 7.26 -9.45 -74.51
N ILE B 98 6.15 -10.07 -74.12
CA ILE B 98 6.13 -10.92 -72.94
C ILE B 98 6.90 -12.19 -73.21
N THR B 99 7.40 -12.82 -72.14
CA THR B 99 8.11 -14.07 -72.28
C THR B 99 7.25 -15.08 -71.55
N PHE B 100 6.55 -15.94 -72.28
CA PHE B 100 5.68 -16.92 -71.63
C PHE B 100 6.40 -17.85 -70.64
N ARG B 101 5.74 -18.12 -69.52
CA ARG B 101 6.27 -19.01 -68.51
C ARG B 101 5.15 -19.39 -67.55
N MET B 102 5.44 -20.27 -66.60
CA MET B 102 4.39 -20.68 -65.66
C MET B 102 3.67 -19.44 -65.17
N ASN B 103 2.37 -19.57 -64.95
CA ASN B 103 1.56 -18.46 -64.48
C ASN B 103 1.44 -17.43 -65.59
N VAL B 104 2.11 -17.65 -66.70
CA VAL B 104 2.04 -16.68 -67.80
C VAL B 104 1.86 -17.27 -69.18
N ALA B 105 0.68 -17.04 -69.76
CA ALA B 105 0.32 -17.51 -71.08
C ALA B 105 -0.97 -16.80 -71.42
N PRO B 106 -1.31 -16.74 -72.71
CA PRO B 106 -2.52 -16.07 -73.16
C PRO B 106 -3.79 -16.88 -72.99
N ALA B 107 -4.88 -16.34 -73.52
CA ALA B 107 -6.17 -16.96 -73.51
C ALA B 107 -6.56 -16.79 -74.98
N CYS B 108 -7.34 -17.71 -75.55
CA CYS B 108 -7.68 -17.60 -76.96
C CYS B 108 -8.86 -16.72 -77.24
N LEU B 109 -8.91 -16.18 -78.46
CA LEU B 109 -10.02 -15.33 -78.90
C LEU B 109 -10.94 -16.09 -79.86
N PRO B 110 -12.17 -16.36 -79.45
CA PRO B 110 -13.09 -17.09 -80.32
C PRO B 110 -13.29 -16.48 -81.69
N GLU B 111 -14.09 -17.14 -82.52
CA GLU B 111 -14.41 -16.67 -83.85
C GLU B 111 -15.89 -16.29 -83.71
N ARG B 112 -16.19 -15.00 -83.85
CA ARG B 112 -17.55 -14.47 -83.71
C ARG B 112 -18.66 -15.52 -83.67
N ASP B 113 -19.18 -15.84 -84.84
CA ASP B 113 -20.26 -16.81 -84.99
C ASP B 113 -20.12 -17.99 -84.04
N TRP B 114 -19.10 -18.82 -84.24
CA TRP B 114 -18.86 -19.99 -83.41
C TRP B 114 -19.04 -19.60 -81.97
N ALA B 115 -18.35 -18.52 -81.59
CA ALA B 115 -18.41 -18.04 -80.24
C ALA B 115 -19.85 -17.93 -79.76
N GLU B 116 -20.59 -17.02 -80.37
CA GLU B 116 -21.99 -16.77 -80.02
C GLU B 116 -22.84 -18.02 -79.96
N SER B 117 -22.35 -19.13 -80.49
CA SER B 117 -23.12 -20.36 -80.50
C SER B 117 -22.54 -21.45 -79.62
N THR B 118 -21.26 -21.36 -79.30
CA THR B 118 -20.64 -22.40 -78.47
C THR B 118 -20.12 -22.02 -77.08
N LEU B 119 -19.67 -20.79 -76.88
CA LEU B 119 -19.20 -20.43 -75.56
C LEU B 119 -20.30 -19.76 -74.78
N MET B 120 -20.98 -18.83 -75.45
CA MET B 120 -22.05 -18.05 -74.85
C MET B 120 -23.25 -18.88 -74.40
N THR B 121 -23.45 -20.03 -75.01
CA THR B 121 -24.57 -20.90 -74.67
C THR B 121 -24.17 -21.76 -73.49
N GLN B 122 -22.86 -21.97 -73.34
CA GLN B 122 -22.31 -22.78 -72.26
C GLN B 122 -22.77 -22.26 -70.91
N LYS B 123 -22.83 -23.15 -69.92
CA LYS B 123 -23.30 -22.77 -68.60
C LYS B 123 -22.48 -21.78 -67.78
N THR B 124 -21.16 -21.93 -67.74
CA THR B 124 -20.35 -21.02 -66.91
C THR B 124 -19.02 -20.56 -67.46
N GLY B 125 -18.43 -19.58 -66.78
CA GLY B 125 -17.14 -19.03 -67.17
C GLY B 125 -16.35 -18.62 -65.93
N ILE B 126 -15.11 -18.19 -66.12
CA ILE B 126 -14.32 -17.84 -64.97
C ILE B 126 -13.66 -16.46 -64.92
N VAL B 127 -14.23 -15.57 -64.14
CA VAL B 127 -13.69 -14.23 -63.99
C VAL B 127 -12.67 -14.30 -62.86
N SER B 128 -11.69 -13.41 -62.93
CA SER B 128 -10.62 -13.40 -61.96
C SER B 128 -9.93 -12.06 -61.87
N GLY B 129 -9.32 -11.79 -60.72
CA GLY B 129 -8.61 -10.54 -60.54
C GLY B 129 -8.18 -10.35 -59.10
N PHE B 130 -7.89 -9.11 -58.72
CA PHE B 130 -7.48 -8.80 -57.36
C PHE B 130 -8.44 -7.75 -56.79
N GLY B 131 -9.71 -7.82 -57.17
CA GLY B 131 -10.67 -6.84 -56.69
C GLY B 131 -10.83 -6.84 -55.18
N ARG B 132 -11.99 -6.41 -54.69
CA ARG B 132 -12.22 -6.39 -53.25
C ARG B 132 -12.74 -7.75 -52.73
N THR B 133 -13.79 -7.76 -51.92
CA THR B 133 -14.34 -9.00 -51.40
C THR B 133 -15.58 -8.75 -50.53
N HIS B 134 -16.30 -7.71 -50.91
CA HIS B 134 -17.53 -7.27 -50.28
C HIS B 134 -17.70 -5.94 -50.97
N GLU B 135 -18.92 -5.44 -51.02
CA GLU B 135 -19.11 -4.19 -51.72
C GLU B 135 -18.02 -3.20 -51.40
N LYS B 136 -17.79 -2.92 -50.12
CA LYS B 136 -16.75 -1.96 -49.81
C LYS B 136 -15.74 -2.49 -48.83
N GLY B 137 -15.22 -3.68 -49.14
CA GLY B 137 -14.23 -4.32 -48.27
C GLY B 137 -12.78 -4.09 -48.66
N ARG B 138 -11.92 -5.04 -48.29
CA ARG B 138 -10.49 -4.93 -48.57
C ARG B 138 -10.11 -5.48 -49.94
N GLN B 139 -8.94 -5.06 -50.41
CA GLN B 139 -8.44 -5.50 -51.70
C GLN B 139 -7.87 -6.87 -51.46
N SER B 140 -7.83 -7.72 -52.48
CA SER B 140 -7.26 -9.04 -52.27
C SER B 140 -5.74 -9.00 -52.42
N THR B 141 -5.07 -9.75 -51.55
CA THR B 141 -3.63 -9.81 -51.58
C THR B 141 -3.29 -10.77 -52.70
N ARG B 142 -4.10 -11.82 -52.79
CA ARG B 142 -3.90 -12.87 -53.78
C ARG B 142 -4.89 -12.79 -54.93
N LEU B 143 -4.61 -13.56 -55.98
CA LEU B 143 -5.45 -13.58 -57.18
C LEU B 143 -6.58 -14.58 -57.12
N LYS B 144 -7.75 -14.09 -56.74
CA LYS B 144 -8.91 -14.96 -56.66
C LYS B 144 -9.53 -15.16 -58.02
N MET B 145 -10.19 -16.31 -58.16
CA MET B 145 -10.92 -16.65 -59.37
C MET B 145 -12.28 -17.19 -58.90
N LEU B 146 -13.30 -17.06 -59.74
CA LEU B 146 -14.61 -17.56 -59.37
C LEU B 146 -15.37 -17.84 -60.64
N GLU B 147 -16.15 -18.92 -60.58
CA GLU B 147 -16.98 -19.39 -61.67
C GLU B 147 -18.23 -18.54 -61.69
N VAL B 148 -18.90 -18.44 -62.83
CA VAL B 148 -20.12 -17.65 -62.89
C VAL B 148 -21.06 -18.09 -63.99
N PRO B 149 -22.26 -18.48 -63.59
CA PRO B 149 -23.31 -18.93 -64.49
C PRO B 149 -23.65 -17.78 -65.41
N TYR B 150 -23.82 -18.05 -66.70
CA TYR B 150 -24.19 -16.99 -67.61
C TYR B 150 -25.62 -16.65 -67.20
N VAL B 151 -26.06 -15.40 -67.44
CA VAL B 151 -27.42 -15.01 -67.07
C VAL B 151 -28.28 -14.63 -68.27
N ASP B 152 -29.55 -14.99 -68.20
CA ASP B 152 -30.53 -14.72 -69.25
C ASP B 152 -30.67 -13.23 -69.57
N ARG B 153 -30.18 -12.82 -70.73
CA ARG B 153 -30.26 -11.42 -71.14
C ARG B 153 -31.54 -10.72 -70.71
N ASN B 154 -32.66 -11.22 -71.21
CA ASN B 154 -33.97 -10.66 -70.90
C ASN B 154 -34.22 -10.51 -69.40
N SER B 155 -33.49 -11.27 -68.58
CA SER B 155 -33.65 -11.20 -67.12
C SER B 155 -32.75 -10.11 -66.59
N CYS B 156 -31.51 -10.14 -67.09
CA CYS B 156 -30.47 -9.17 -66.78
C CYS B 156 -31.15 -7.81 -66.78
N LYS B 157 -31.80 -7.49 -67.89
CA LYS B 157 -32.51 -6.23 -68.08
C LYS B 157 -33.54 -5.86 -67.02
N LEU B 158 -34.33 -6.84 -66.59
CA LEU B 158 -35.34 -6.55 -65.58
C LEU B 158 -34.73 -6.26 -64.22
N SER B 159 -33.54 -6.78 -63.98
CA SER B 159 -32.86 -6.56 -62.71
C SER B 159 -32.08 -5.27 -62.76
N SER B 160 -31.66 -4.90 -63.97
CA SER B 160 -30.85 -3.71 -64.15
C SER B 160 -31.54 -2.36 -64.02
N SER B 161 -30.87 -1.47 -63.30
CA SER B 161 -31.36 -0.11 -63.08
C SER B 161 -30.92 0.67 -64.30
N PHE B 162 -29.79 0.26 -64.87
CA PHE B 162 -29.23 0.90 -66.04
C PHE B 162 -29.40 0.00 -67.24
N ILE B 163 -29.58 0.57 -68.42
CA ILE B 163 -29.78 -0.19 -69.64
C ILE B 163 -28.70 -1.23 -69.90
N ILE B 164 -28.98 -2.16 -70.78
CA ILE B 164 -28.01 -3.20 -71.10
C ILE B 164 -27.77 -3.33 -72.61
N THR B 165 -26.64 -2.82 -73.07
CA THR B 165 -26.27 -2.85 -74.48
C THR B 165 -26.08 -4.27 -74.95
N GLN B 166 -26.16 -4.49 -76.26
CA GLN B 166 -25.96 -5.82 -76.81
C GLN B 166 -24.47 -6.03 -76.84
N ASN B 167 -23.75 -5.08 -76.23
CA ASN B 167 -22.30 -5.14 -76.13
C ASN B 167 -21.96 -5.70 -74.77
N MET B 168 -22.96 -5.71 -73.90
CA MET B 168 -22.81 -6.19 -72.55
C MET B 168 -23.36 -7.60 -72.42
N PHE B 169 -23.43 -8.08 -71.19
CA PHE B 169 -23.97 -9.39 -70.88
C PHE B 169 -23.85 -9.63 -69.37
N CYS B 170 -24.73 -10.47 -68.84
CA CYS B 170 -24.74 -10.75 -67.41
C CYS B 170 -24.15 -12.09 -66.96
N ALA B 171 -23.63 -12.08 -65.74
CA ALA B 171 -23.07 -13.29 -65.16
C ALA B 171 -23.12 -13.16 -63.64
N GLY B 172 -23.95 -14.01 -63.04
CA GLY B 172 -24.14 -14.03 -61.60
C GLY B 172 -25.05 -15.16 -61.17
N TYR B 173 -25.08 -15.43 -59.86
CA TYR B 173 -25.92 -16.49 -59.30
C TYR B 173 -27.19 -15.82 -58.82
N ASP B 174 -28.33 -16.37 -59.19
CA ASP B 174 -29.57 -15.76 -58.79
C ASP B 174 -29.59 -15.42 -57.30
N THR B 175 -29.26 -16.37 -56.45
CA THR B 175 -29.31 -16.09 -55.02
C THR B 175 -27.97 -16.17 -54.26
N LYS B 176 -27.10 -17.07 -54.67
CA LYS B 176 -25.80 -17.18 -54.04
C LYS B 176 -25.20 -15.79 -54.14
N GLN B 177 -24.40 -15.39 -53.17
CA GLN B 177 -23.81 -14.06 -53.23
C GLN B 177 -22.31 -14.04 -53.46
N GLU B 178 -21.94 -14.09 -54.73
CA GLU B 178 -20.55 -14.08 -55.14
C GLU B 178 -20.49 -13.31 -56.45
N ASP B 179 -19.38 -12.64 -56.70
CA ASP B 179 -19.28 -11.90 -57.94
C ASP B 179 -17.95 -11.21 -58.10
N ALA B 180 -17.88 -10.37 -59.12
CA ALA B 180 -16.70 -9.58 -59.45
C ALA B 180 -16.89 -8.28 -58.72
N CYS B 181 -15.81 -7.65 -58.29
CA CYS B 181 -15.96 -6.38 -57.58
C CYS B 181 -14.89 -5.39 -57.95
N GLN B 182 -15.02 -4.18 -57.44
CA GLN B 182 -14.06 -3.11 -57.71
C GLN B 182 -12.62 -3.60 -57.61
N GLY B 183 -11.83 -3.24 -58.61
CA GLY B 183 -10.45 -3.67 -58.69
C GLY B 183 -10.35 -4.76 -59.74
N ASP B 184 -11.51 -5.28 -60.12
CA ASP B 184 -11.61 -6.36 -61.10
C ASP B 184 -11.86 -5.92 -62.52
N ALA B 185 -12.43 -4.74 -62.69
CA ALA B 185 -12.71 -4.26 -64.03
C ALA B 185 -11.52 -4.49 -64.95
N GLY B 186 -11.80 -4.83 -66.20
CA GLY B 186 -10.74 -5.05 -67.17
C GLY B 186 -10.18 -6.45 -67.14
N GLY B 187 -10.55 -7.19 -66.10
CA GLY B 187 -10.06 -8.55 -65.96
C GLY B 187 -10.71 -9.51 -66.93
N PRO B 188 -10.19 -10.74 -67.05
CA PRO B 188 -10.75 -11.72 -67.96
C PRO B 188 -11.97 -12.47 -67.46
N HIS B 189 -12.78 -12.88 -68.43
CA HIS B 189 -13.98 -13.68 -68.21
C HIS B 189 -13.81 -14.66 -69.34
N VAL B 190 -13.23 -15.82 -69.01
CA VAL B 190 -12.95 -16.87 -69.98
C VAL B 190 -13.89 -18.06 -69.85
N THR B 191 -14.26 -18.60 -70.99
CA THR B 191 -15.17 -19.72 -71.09
C THR B 191 -14.44 -20.90 -71.73
N ARG B 192 -14.62 -22.10 -71.18
CA ARG B 192 -13.93 -23.26 -71.70
C ARG B 192 -14.75 -24.02 -72.72
N PHE B 193 -14.08 -24.73 -73.62
CA PHE B 193 -14.81 -25.54 -74.59
C PHE B 193 -14.45 -27.00 -74.40
N LYS B 194 -13.19 -27.33 -74.68
CA LYS B 194 -12.74 -28.68 -74.43
C LYS B 194 -11.61 -28.50 -73.44
N ASP B 195 -10.37 -28.50 -73.89
CA ASP B 195 -9.29 -28.30 -72.94
C ASP B 195 -8.75 -26.89 -73.06
N THR B 196 -9.44 -26.07 -73.85
CA THR B 196 -9.02 -24.68 -74.08
C THR B 196 -9.96 -23.61 -73.55
N TYR B 197 -9.38 -22.51 -73.08
CA TYR B 197 -10.16 -21.39 -72.58
C TYR B 197 -10.14 -20.24 -73.56
N PHE B 198 -11.29 -19.61 -73.76
CA PHE B 198 -11.38 -18.49 -74.68
C PHE B 198 -11.87 -17.32 -73.86
N VAL B 199 -11.42 -16.11 -74.18
CA VAL B 199 -11.91 -14.96 -73.43
C VAL B 199 -13.27 -14.70 -74.02
N THR B 200 -14.25 -14.40 -73.18
CA THR B 200 -15.58 -14.18 -73.68
C THR B 200 -16.11 -12.77 -73.41
N GLY B 201 -15.83 -12.26 -72.22
CA GLY B 201 -16.26 -10.92 -71.87
C GLY B 201 -15.27 -10.18 -70.98
N ILE B 202 -15.35 -8.85 -70.90
CA ILE B 202 -14.44 -8.08 -70.05
C ILE B 202 -15.17 -7.58 -68.81
N VAL B 203 -14.50 -7.61 -67.66
CA VAL B 203 -15.11 -7.16 -66.40
C VAL B 203 -15.43 -5.69 -66.44
N SER B 204 -16.69 -5.34 -66.68
CA SER B 204 -17.07 -3.94 -66.77
C SER B 204 -17.59 -3.28 -65.50
N TRP B 205 -18.91 -3.29 -65.30
CA TRP B 205 -19.52 -2.67 -64.13
C TRP B 205 -20.48 -3.57 -63.43
N GLY B 206 -21.34 -2.93 -62.67
CA GLY B 206 -22.35 -3.65 -61.92
C GLY B 206 -22.82 -2.72 -60.83
N GLU B 207 -23.95 -3.04 -60.21
CA GLU B 207 -24.47 -2.23 -59.13
C GLU B 207 -23.97 -2.88 -57.84
N GLY B 208 -23.08 -2.20 -57.13
CA GLY B 208 -22.53 -2.74 -55.91
C GLY B 208 -21.74 -3.98 -56.27
N CYS B 209 -21.77 -4.98 -55.39
CA CYS B 209 -21.08 -6.25 -55.63
C CYS B 209 -21.77 -7.37 -54.87
N ALA B 210 -22.53 -8.18 -55.59
CA ALA B 210 -23.25 -9.32 -55.03
C ALA B 210 -24.44 -8.88 -54.25
N ARG B 211 -25.23 -7.99 -54.82
CA ARG B 211 -26.42 -7.53 -54.14
C ARG B 211 -27.56 -8.48 -54.50
N LYS B 212 -28.63 -8.44 -53.72
CA LYS B 212 -29.75 -9.31 -54.00
C LYS B 212 -30.29 -8.95 -55.37
N GLY B 213 -30.52 -9.98 -56.19
CA GLY B 213 -31.06 -9.81 -57.52
C GLY B 213 -30.31 -8.82 -58.41
N LYS B 214 -28.99 -8.89 -58.37
CA LYS B 214 -28.17 -8.01 -59.17
C LYS B 214 -27.15 -8.87 -59.90
N TYR B 215 -26.86 -8.54 -61.14
CA TYR B 215 -25.90 -9.36 -61.88
C TYR B 215 -24.61 -8.71 -62.33
N GLY B 216 -23.65 -9.58 -62.65
CA GLY B 216 -22.35 -9.14 -63.11
C GLY B 216 -22.41 -8.73 -64.58
N ILE B 217 -21.97 -7.52 -64.87
CA ILE B 217 -21.97 -7.02 -66.24
C ILE B 217 -20.60 -7.16 -66.86
N TYR B 218 -20.53 -7.78 -68.03
CA TYR B 218 -19.25 -7.97 -68.71
C TYR B 218 -19.36 -7.53 -70.15
N THR B 219 -18.29 -6.92 -70.65
CA THR B 219 -18.22 -6.48 -72.04
C THR B 219 -18.17 -7.74 -72.88
N LYS B 220 -19.14 -7.90 -73.76
CA LYS B 220 -19.26 -9.06 -74.65
C LYS B 220 -18.11 -9.02 -75.66
N VAL B 221 -17.05 -9.79 -75.40
CA VAL B 221 -15.92 -9.79 -76.31
C VAL B 221 -16.46 -10.20 -77.66
N THR B 222 -17.16 -11.33 -77.65
CA THR B 222 -17.74 -11.92 -78.84
C THR B 222 -18.36 -10.93 -79.78
N ALA B 223 -18.46 -9.69 -79.35
CA ALA B 223 -19.03 -8.65 -80.19
C ALA B 223 -18.03 -7.54 -80.38
N PHE B 224 -16.78 -7.91 -80.63
CA PHE B 224 -15.72 -6.94 -80.80
C PHE B 224 -14.49 -7.61 -81.37
N LEU B 225 -14.57 -8.90 -81.60
CA LEU B 225 -13.43 -9.63 -82.14
C LEU B 225 -12.94 -8.88 -83.35
N LYS B 226 -13.83 -8.07 -83.92
CA LYS B 226 -13.53 -7.25 -85.09
C LYS B 226 -12.72 -6.03 -84.65
N TRP B 227 -13.34 -5.13 -83.89
CA TRP B 227 -12.65 -3.93 -83.42
C TRP B 227 -11.39 -4.34 -82.69
N ILE B 228 -11.36 -5.55 -82.15
CA ILE B 228 -10.20 -5.99 -81.43
C ILE B 228 -9.03 -6.20 -82.36
N ASP B 229 -8.97 -7.35 -83.03
CA ASP B 229 -7.83 -7.60 -83.90
C ASP B 229 -7.60 -6.45 -84.89
N ARG B 230 -8.60 -5.58 -85.05
CA ARG B 230 -8.42 -4.44 -85.95
C ARG B 230 -7.46 -3.56 -85.19
N SER B 231 -7.72 -3.38 -83.91
CA SER B 231 -6.85 -2.58 -83.07
C SER B 231 -5.52 -3.29 -83.00
N MET B 232 -5.56 -4.62 -82.93
CA MET B 232 -4.36 -5.45 -82.84
C MET B 232 -3.45 -5.34 -84.06
N LYS B 233 -3.67 -4.29 -84.85
CA LYS B 233 -2.90 -3.99 -86.07
C LYS B 233 -2.68 -2.46 -86.23
N THR B 234 -1.82 -1.91 -85.37
CA THR B 234 -1.52 -0.49 -85.41
C THR B 234 -0.24 -0.23 -86.20
N VAL C 16 -19.54 33.56 -13.83
CA VAL C 16 -18.99 34.24 -15.04
C VAL C 16 -18.28 33.21 -15.94
N ASP C 17 -18.38 33.40 -17.26
CA ASP C 17 -17.76 32.50 -18.22
C ASP C 17 -16.71 33.25 -19.05
N ILE C 18 -15.48 32.75 -18.97
CA ILE C 18 -14.31 33.28 -19.63
C ILE C 18 -14.36 33.27 -21.15
N CYS C 19 -15.06 32.29 -21.72
CA CYS C 19 -15.15 32.16 -23.16
C CYS C 19 -15.81 33.32 -23.88
N THR C 20 -16.32 34.27 -23.11
CA THR C 20 -16.96 35.46 -23.65
C THR C 20 -16.78 36.58 -22.64
N ALA C 21 -15.55 36.77 -22.19
CA ALA C 21 -15.23 37.80 -21.20
C ALA C 21 -13.77 38.26 -21.29
N LYS C 22 -13.53 39.34 -22.04
CA LYS C 22 -12.19 39.89 -22.21
C LYS C 22 -11.51 40.14 -20.87
N PRO C 23 -10.17 40.14 -20.84
CA PRO C 23 -9.42 40.37 -19.61
C PRO C 23 -9.71 41.77 -19.12
N ARG C 24 -8.90 42.24 -18.18
CA ARG C 24 -9.09 43.59 -17.64
C ARG C 24 -10.58 43.81 -17.45
N ASP C 25 -11.28 42.73 -17.15
CA ASP C 25 -12.71 42.68 -16.89
C ASP C 25 -12.74 41.91 -15.58
N ILE C 26 -11.52 41.60 -15.13
CA ILE C 26 -11.28 40.87 -13.89
C ILE C 26 -9.94 41.39 -13.40
N PRO C 27 -9.70 41.35 -12.09
CA PRO C 27 -8.41 41.83 -11.58
C PRO C 27 -7.26 41.38 -12.45
N MET C 28 -6.59 42.33 -13.11
CA MET C 28 -5.50 42.01 -14.01
C MET C 28 -4.13 42.49 -13.53
N ASN C 29 -3.18 42.54 -14.46
CA ASN C 29 -1.81 42.97 -14.21
C ASN C 29 -1.28 42.65 -12.81
N PRO C 30 -0.87 41.40 -12.59
CA PRO C 30 -0.33 40.93 -11.32
C PRO C 30 1.06 41.47 -11.00
N MET C 31 1.76 40.75 -10.12
CA MET C 31 3.11 41.10 -9.66
C MET C 31 4.23 40.50 -10.52
N CYS C 32 5.33 41.24 -10.66
CA CYS C 32 6.47 40.82 -11.48
C CYS C 32 5.99 40.40 -12.86
N ILE C 33 6.33 41.17 -13.87
CA ILE C 33 5.95 40.81 -15.20
C ILE C 33 7.23 40.90 -16.00
N TYR C 34 7.60 39.78 -16.60
CA TYR C 34 8.83 39.65 -17.38
C TYR C 34 8.87 40.34 -18.74
N ARG C 35 10.06 40.83 -19.09
CA ARG C 35 10.32 41.51 -20.36
C ARG C 35 11.65 41.02 -20.96
N SER C 36 11.68 40.84 -22.27
CA SER C 36 12.87 40.37 -22.97
C SER C 36 13.81 41.50 -23.39
N PRO C 37 15.11 41.33 -23.14
CA PRO C 37 16.11 42.36 -23.49
C PRO C 37 16.03 42.83 -24.95
N GLU C 48 3.14 39.37 -44.19
CA GLU C 48 3.90 38.85 -43.07
C GLU C 48 3.02 38.07 -42.07
N GLN C 49 2.96 36.75 -42.25
CA GLN C 49 2.14 35.86 -41.39
C GLN C 49 0.75 36.43 -41.02
N LYS C 50 -0.25 36.12 -41.84
CA LYS C 50 -1.61 36.60 -41.65
C LYS C 50 -2.48 35.78 -40.70
N ILE C 51 -3.32 36.47 -39.94
CA ILE C 51 -4.23 35.85 -38.97
C ILE C 51 -5.44 35.26 -39.65
N PRO C 52 -5.80 34.03 -39.28
CA PRO C 52 -6.93 33.24 -39.78
C PRO C 52 -8.29 33.86 -39.55
N GLU C 53 -9.33 33.15 -39.98
CA GLU C 53 -10.70 33.60 -39.82
C GLU C 53 -10.94 33.83 -38.34
N ALA C 54 -12.21 34.00 -37.96
CA ALA C 54 -12.59 34.24 -36.58
C ALA C 54 -11.56 33.76 -35.59
N THR C 55 -10.67 34.65 -35.20
CA THR C 55 -9.61 34.32 -34.26
C THR C 55 -9.00 35.59 -33.71
N ASN C 56 -8.51 35.51 -32.47
CA ASN C 56 -7.89 36.65 -31.81
C ASN C 56 -6.39 36.60 -32.02
N ARG C 57 -5.82 37.68 -32.55
CA ARG C 57 -4.39 37.77 -32.80
C ARG C 57 -3.58 37.14 -31.67
N ARG C 58 -3.95 37.44 -30.44
CA ARG C 58 -3.23 36.90 -29.29
C ARG C 58 -3.34 35.38 -29.17
N VAL C 59 -4.55 34.84 -29.19
CA VAL C 59 -4.71 33.40 -29.10
C VAL C 59 -3.79 32.71 -30.11
N TRP C 60 -3.98 33.03 -31.38
CA TRP C 60 -3.15 32.49 -32.46
C TRP C 60 -1.67 32.66 -32.11
N GLU C 61 -1.39 33.57 -31.20
CA GLU C 61 -0.02 33.82 -30.80
C GLU C 61 0.34 32.86 -29.69
N LEU C 62 -0.34 33.01 -28.57
CA LEU C 62 -0.11 32.16 -27.41
C LEU C 62 -0.14 30.72 -27.85
N SER C 63 -0.79 30.48 -28.99
CA SER C 63 -0.93 29.15 -29.58
C SER C 63 0.35 28.66 -30.26
N LYS C 64 0.81 29.43 -31.26
CA LYS C 64 2.03 29.10 -32.02
C LYS C 64 3.23 28.96 -31.10
N ALA C 65 3.13 29.58 -29.92
CA ALA C 65 4.18 29.52 -28.92
C ALA C 65 4.27 28.09 -28.46
N ASN C 66 3.12 27.56 -28.03
CA ASN C 66 3.02 26.18 -27.58
C ASN C 66 3.67 25.30 -28.64
N SER C 67 3.31 25.50 -29.89
CA SER C 67 3.89 24.72 -30.96
C SER C 67 5.40 24.72 -30.79
N ARG C 68 6.00 25.92 -30.71
CA ARG C 68 7.45 26.02 -30.56
C ARG C 68 7.95 25.14 -29.42
N PHE C 69 7.23 25.19 -28.30
CA PHE C 69 7.53 24.44 -27.09
C PHE C 69 7.33 22.93 -27.25
N ALA C 70 6.22 22.56 -27.87
CA ALA C 70 5.86 21.16 -28.07
C ALA C 70 6.91 20.23 -28.67
N THR C 71 7.60 20.68 -29.72
CA THR C 71 8.61 19.83 -30.32
C THR C 71 9.78 19.56 -29.38
N THR C 72 10.38 20.63 -28.87
CA THR C 72 11.51 20.49 -27.96
C THR C 72 11.15 19.46 -26.90
N PHE C 73 10.08 19.75 -26.18
CA PHE C 73 9.61 18.88 -25.11
C PHE C 73 9.43 17.43 -25.53
N TYR C 74 8.63 17.19 -26.56
CA TYR C 74 8.43 15.83 -27.02
C TYR C 74 9.78 15.11 -27.09
N GLN C 75 10.73 15.75 -27.78
CA GLN C 75 12.08 15.21 -27.95
C GLN C 75 12.68 14.70 -26.63
N HIS C 76 12.79 15.59 -25.66
CA HIS C 76 13.35 15.23 -24.36
C HIS C 76 12.57 14.07 -23.78
N LEU C 77 11.26 14.26 -23.63
CA LEU C 77 10.40 13.24 -23.08
C LEU C 77 10.54 11.95 -23.84
N ALA C 78 11.07 12.05 -25.05
CA ALA C 78 11.25 10.86 -25.87
C ALA C 78 12.41 10.05 -25.36
N ASP C 79 13.51 10.73 -25.02
CA ASP C 79 14.68 10.00 -24.53
C ASP C 79 14.41 9.40 -23.15
N SER C 80 13.54 10.04 -22.39
CA SER C 80 13.21 9.57 -21.05
C SER C 80 12.62 8.18 -21.07
N LYS C 81 11.90 7.85 -22.13
CA LYS C 81 11.25 6.55 -22.25
C LYS C 81 11.98 5.59 -23.20
N ASN C 82 11.36 4.43 -23.41
CA ASN C 82 11.89 3.39 -24.29
C ASN C 82 11.28 3.55 -25.68
N ASP C 83 12.11 3.53 -26.71
CA ASP C 83 11.61 3.68 -28.07
C ASP C 83 10.45 2.75 -28.33
N ASN C 84 10.23 1.81 -27.42
CA ASN C 84 9.15 0.85 -27.58
C ASN C 84 7.88 1.14 -26.79
N ASP C 85 7.92 2.18 -25.95
CA ASP C 85 6.75 2.55 -25.18
C ASP C 85 5.93 3.57 -25.98
N ASN C 86 4.61 3.43 -26.01
CA ASN C 86 3.81 4.40 -26.74
C ASN C 86 3.93 5.75 -26.04
N ILE C 87 3.66 6.83 -26.75
CA ILE C 87 3.75 8.14 -26.14
C ILE C 87 2.46 8.87 -26.37
N PHE C 88 2.08 9.72 -25.41
CA PHE C 88 0.88 10.54 -25.53
C PHE C 88 0.90 11.70 -24.56
N LEU C 89 0.24 12.79 -24.90
CA LEU C 89 0.27 13.94 -24.01
C LEU C 89 -0.36 15.17 -24.65
N SER C 90 -0.57 16.20 -23.84
CA SER C 90 -1.10 17.45 -24.36
C SER C 90 -0.10 18.55 -24.05
N PRO C 91 0.72 18.90 -25.03
CA PRO C 91 1.69 19.96 -24.79
C PRO C 91 0.95 21.18 -24.30
N LEU C 92 -0.18 21.46 -24.92
CA LEU C 92 -0.95 22.62 -24.53
C LEU C 92 -1.33 22.60 -23.06
N SER C 93 -1.68 21.44 -22.53
CA SER C 93 -2.02 21.40 -21.12
C SER C 93 -0.73 21.66 -20.34
N ILE C 94 0.24 20.77 -20.49
CA ILE C 94 1.51 20.92 -19.80
C ILE C 94 1.92 22.39 -19.90
N SER C 95 1.62 23.00 -21.04
CA SER C 95 1.99 24.40 -21.27
C SER C 95 1.14 25.40 -20.48
N THR C 96 -0.16 25.24 -20.55
CA THR C 96 -1.08 26.15 -19.87
C THR C 96 -0.91 26.10 -18.36
N ALA C 97 -0.64 24.91 -17.84
CA ALA C 97 -0.48 24.74 -16.40
C ALA C 97 0.66 25.61 -15.89
N PHE C 98 1.86 25.39 -16.41
CA PHE C 98 2.99 26.17 -15.96
C PHE C 98 2.76 27.65 -16.22
N ALA C 99 1.61 27.98 -16.80
CA ALA C 99 1.27 29.36 -17.08
C ALA C 99 0.57 29.92 -15.86
N MET C 100 0.10 29.03 -15.00
CA MET C 100 -0.55 29.44 -13.76
C MET C 100 0.54 29.65 -12.72
N THR C 101 1.76 29.36 -13.10
CA THR C 101 2.91 29.54 -12.24
C THR C 101 3.53 30.84 -12.71
N LYS C 102 3.76 30.93 -14.01
CA LYS C 102 4.31 32.13 -14.63
C LYS C 102 3.54 33.30 -14.05
N LEU C 103 2.26 33.05 -13.78
CA LEU C 103 1.37 34.06 -13.22
C LEU C 103 1.94 34.65 -11.95
N GLY C 104 2.20 33.79 -10.97
CA GLY C 104 2.72 34.26 -9.70
C GLY C 104 4.20 34.04 -9.45
N ALA C 105 5.02 34.25 -10.47
CA ALA C 105 6.44 34.05 -10.29
C ALA C 105 7.14 35.40 -10.27
N CYS C 106 8.40 35.41 -9.82
CA CYS C 106 9.23 36.61 -9.77
C CYS C 106 10.70 36.28 -10.06
N ASN C 107 11.48 37.30 -10.37
CA ASN C 107 12.90 37.16 -10.65
C ASN C 107 13.33 35.88 -11.38
N ASP C 108 14.64 35.67 -11.41
CA ASP C 108 15.29 34.54 -12.06
C ASP C 108 14.48 33.24 -12.24
N THR C 109 13.44 33.03 -11.44
CA THR C 109 12.57 31.86 -11.61
C THR C 109 11.69 32.02 -12.83
N LEU C 110 10.93 33.10 -12.87
CA LEU C 110 10.04 33.39 -13.99
C LEU C 110 10.76 33.32 -15.34
N GLN C 111 11.79 34.15 -15.51
CA GLN C 111 12.53 34.19 -16.76
C GLN C 111 12.56 32.80 -17.37
N GLN C 112 12.98 31.82 -16.58
CA GLN C 112 13.04 30.46 -17.06
C GLN C 112 11.68 30.05 -17.60
N LEU C 113 10.66 30.00 -16.75
CA LEU C 113 9.32 29.63 -17.20
C LEU C 113 8.92 30.37 -18.47
N MET C 114 9.62 31.46 -18.75
CA MET C 114 9.31 32.23 -19.93
C MET C 114 10.03 31.71 -21.14
N GLU C 115 11.29 31.32 -20.98
CA GLU C 115 12.05 30.83 -22.12
C GLU C 115 11.97 29.33 -22.38
N VAL C 116 11.32 28.58 -21.50
CA VAL C 116 11.23 27.15 -21.71
C VAL C 116 9.88 26.78 -22.28
N PHE C 117 8.94 27.69 -22.17
CA PHE C 117 7.60 27.48 -22.70
C PHE C 117 7.45 28.51 -23.80
N LYS C 118 8.59 29.02 -24.22
CA LYS C 118 8.69 30.02 -25.27
C LYS C 118 7.68 31.15 -25.19
N PHE C 119 7.25 31.51 -23.98
CA PHE C 119 6.29 32.61 -23.84
C PHE C 119 6.98 33.95 -23.96
N ASP C 120 8.26 33.95 -24.31
CA ASP C 120 9.01 35.20 -24.43
C ASP C 120 8.89 35.84 -25.81
N THR C 121 8.30 35.10 -26.74
CA THR C 121 8.13 35.57 -28.10
C THR C 121 6.92 36.51 -28.18
N ILE C 122 5.86 36.17 -27.45
CA ILE C 122 4.64 36.96 -27.45
C ILE C 122 4.84 38.42 -27.05
N SER C 123 3.93 39.27 -27.50
CA SER C 123 3.96 40.71 -27.24
C SER C 123 3.71 41.05 -25.79
N GLU C 124 3.77 42.34 -25.50
CA GLU C 124 3.55 42.86 -24.15
C GLU C 124 2.30 42.23 -23.51
N LYS C 125 1.18 42.93 -23.62
CA LYS C 125 -0.09 42.51 -23.07
C LYS C 125 -0.12 41.00 -22.86
N THR C 126 -0.22 40.27 -23.96
CA THR C 126 -0.25 38.81 -23.90
C THR C 126 0.69 38.25 -22.85
N SER C 127 1.99 38.51 -23.00
CA SER C 127 2.98 38.01 -22.06
C SER C 127 2.69 38.36 -20.61
N ASP C 128 1.49 38.88 -20.36
CA ASP C 128 1.07 39.24 -19.02
C ASP C 128 -0.24 38.56 -18.74
N GLN C 129 -1.29 39.04 -19.36
CA GLN C 129 -2.62 38.47 -19.18
C GLN C 129 -2.63 37.04 -19.75
N ILE C 130 -1.50 36.63 -20.31
CA ILE C 130 -1.34 35.30 -20.89
C ILE C 130 -2.17 34.22 -20.22
N HIS C 131 -2.06 34.11 -18.90
CA HIS C 131 -2.79 33.07 -18.19
C HIS C 131 -4.26 33.10 -18.55
N PHE C 132 -4.75 34.29 -18.84
CA PHE C 132 -6.14 34.46 -19.23
C PHE C 132 -6.33 33.88 -20.64
N PHE C 133 -5.62 34.45 -21.61
CA PHE C 133 -5.76 33.96 -22.95
C PHE C 133 -5.68 32.46 -22.99
N PHE C 134 -4.63 31.86 -22.42
CA PHE C 134 -4.51 30.41 -22.43
C PHE C 134 -5.86 29.78 -22.16
N ALA C 135 -6.65 30.45 -21.33
CA ALA C 135 -7.97 29.96 -21.03
C ALA C 135 -8.80 30.21 -22.28
N LYS C 136 -8.93 31.48 -22.67
CA LYS C 136 -9.70 31.83 -23.86
C LYS C 136 -9.34 30.95 -25.05
N LEU C 137 -8.19 30.32 -24.98
CA LEU C 137 -7.73 29.43 -26.04
C LEU C 137 -8.39 28.10 -25.81
N ASN C 138 -8.09 27.51 -24.67
CA ASN C 138 -8.64 26.22 -24.31
C ASN C 138 -10.13 26.13 -24.61
N CYS C 139 -10.88 27.15 -24.23
CA CYS C 139 -12.31 27.11 -24.47
C CYS C 139 -12.56 26.83 -25.95
N ARG C 140 -12.03 27.70 -26.81
CA ARG C 140 -12.19 27.52 -28.26
C ARG C 140 -11.90 26.07 -28.60
N LEU C 141 -10.71 25.61 -28.22
CA LEU C 141 -10.33 24.24 -28.50
C LEU C 141 -11.19 23.24 -27.74
N TYR C 142 -11.95 23.71 -26.76
CA TYR C 142 -12.80 22.81 -26.00
C TYR C 142 -14.07 22.50 -26.77
N ARG C 143 -14.77 23.53 -27.21
CA ARG C 143 -16.02 23.36 -27.96
C ARG C 143 -15.89 22.48 -29.20
N LYS C 144 -15.29 23.03 -30.25
CA LYS C 144 -15.11 22.31 -31.52
C LYS C 144 -14.84 20.85 -31.28
N ALA C 145 -14.01 20.58 -30.30
CA ALA C 145 -13.64 19.22 -29.96
C ALA C 145 -14.85 18.43 -29.50
N ASN C 146 -15.42 18.82 -28.37
CA ASN C 146 -16.57 18.12 -27.80
C ASN C 146 -17.83 18.23 -28.63
N LYS C 147 -17.94 19.29 -29.41
CA LYS C 147 -19.09 19.52 -30.28
C LYS C 147 -19.53 18.21 -30.95
N ALA C 148 -18.58 17.51 -31.57
CA ALA C 148 -18.86 16.26 -32.26
C ALA C 148 -18.17 15.07 -31.61
N SER C 149 -17.07 15.32 -30.90
CA SER C 149 -16.32 14.26 -30.25
C SER C 149 -16.21 14.49 -28.75
N LYS C 150 -15.41 13.69 -28.04
CA LYS C 150 -15.29 13.83 -26.60
C LYS C 150 -13.88 14.09 -26.07
N LEU C 151 -13.74 15.17 -25.29
CA LEU C 151 -12.48 15.58 -24.70
C LEU C 151 -12.66 15.95 -23.24
N VAL C 152 -12.21 15.07 -22.35
CA VAL C 152 -12.31 15.29 -20.91
C VAL C 152 -10.97 15.72 -20.29
N SER C 153 -11.02 16.69 -19.40
CA SER C 153 -9.80 17.16 -18.76
C SER C 153 -9.95 17.29 -17.24
N ALA C 154 -8.86 17.04 -16.53
CA ALA C 154 -8.85 17.14 -15.08
C ALA C 154 -7.52 17.70 -14.63
N ASN C 155 -7.48 18.99 -14.32
CA ASN C 155 -6.22 19.59 -13.89
C ASN C 155 -6.34 20.68 -12.82
N ARG C 156 -5.54 20.53 -11.77
CA ARG C 156 -5.52 21.44 -10.64
C ARG C 156 -4.15 21.57 -10.01
N LEU C 157 -3.97 22.65 -9.24
CA LEU C 157 -2.71 22.90 -8.55
C LEU C 157 -2.94 22.44 -7.11
N PHE C 158 -1.93 21.85 -6.49
CA PHE C 158 -2.08 21.38 -5.12
C PHE C 158 -1.05 21.90 -4.11
N GLY C 159 -1.53 22.39 -2.98
CA GLY C 159 -0.65 22.92 -1.95
C GLY C 159 -1.11 22.59 -0.54
N ASP C 160 -0.15 22.55 0.39
CA ASP C 160 -0.44 22.24 1.78
C ASP C 160 -1.25 23.32 2.52
N LYS C 161 -1.94 22.91 3.58
CA LYS C 161 -2.75 23.82 4.39
C LYS C 161 -1.90 24.98 4.92
N SER C 162 -1.14 24.70 5.98
CA SER C 162 -0.27 25.69 6.63
C SER C 162 0.02 26.91 5.77
N LEU C 163 0.58 26.69 4.60
CA LEU C 163 0.88 27.80 3.71
C LEU C 163 -0.40 28.57 3.42
N THR C 164 -0.37 29.89 3.62
CA THR C 164 -1.54 30.70 3.35
C THR C 164 -1.46 31.31 1.98
N PHE C 165 -2.12 30.64 1.03
CA PHE C 165 -2.14 31.06 -0.36
C PHE C 165 -2.89 32.37 -0.58
N ASN C 166 -2.40 33.13 -1.54
CA ASN C 166 -2.97 34.41 -1.91
C ASN C 166 -4.46 34.31 -2.12
N GLU C 167 -5.16 35.41 -1.88
CA GLU C 167 -6.60 35.42 -2.07
C GLU C 167 -6.82 35.67 -3.55
N THR C 168 -6.10 36.64 -4.09
CA THR C 168 -6.24 36.98 -5.51
C THR C 168 -5.96 35.81 -6.42
N TYR C 169 -4.71 35.36 -6.47
CA TYR C 169 -4.33 34.23 -7.31
C TYR C 169 -5.47 33.21 -7.30
N GLN C 170 -5.96 32.89 -6.10
CA GLN C 170 -7.05 31.94 -5.95
C GLN C 170 -8.28 32.35 -6.72
N ASP C 171 -8.52 33.66 -6.80
CA ASP C 171 -9.66 34.16 -7.54
C ASP C 171 -9.36 33.99 -9.03
N ILE C 172 -8.17 34.41 -9.42
CA ILE C 172 -7.76 34.28 -10.81
C ILE C 172 -7.88 32.81 -11.11
N SER C 173 -6.98 32.02 -10.54
CA SER C 173 -6.97 30.58 -10.74
C SER C 173 -8.35 29.94 -10.87
N GLU C 174 -9.35 30.51 -10.22
CA GLU C 174 -10.68 29.93 -10.34
C GLU C 174 -11.23 30.20 -11.73
N LEU C 175 -11.52 31.47 -12.01
CA LEU C 175 -12.11 31.86 -13.28
C LEU C 175 -11.14 31.91 -14.45
N VAL C 176 -10.10 31.09 -14.41
CA VAL C 176 -9.14 31.07 -15.51
C VAL C 176 -8.60 29.68 -15.75
N TYR C 177 -8.22 29.00 -14.67
CA TYR C 177 -7.71 27.64 -14.78
C TYR C 177 -8.86 26.70 -14.45
N GLY C 178 -9.96 27.27 -13.95
CA GLY C 178 -11.11 26.46 -13.64
C GLY C 178 -11.54 26.46 -12.19
N ALA C 179 -10.60 26.12 -11.31
CA ALA C 179 -10.85 26.07 -9.88
C ALA C 179 -9.68 26.70 -9.14
N LYS C 180 -9.87 26.99 -7.85
CA LYS C 180 -8.82 27.60 -7.06
C LYS C 180 -7.75 26.55 -6.76
N LEU C 181 -6.89 26.82 -5.79
CA LEU C 181 -5.86 25.87 -5.41
C LEU C 181 -6.50 25.00 -4.33
N GLN C 182 -6.21 23.71 -4.30
CA GLN C 182 -6.82 22.86 -3.29
C GLN C 182 -5.88 22.47 -2.16
N PRO C 183 -5.97 23.15 -1.00
CA PRO C 183 -5.11 22.83 0.13
C PRO C 183 -5.35 21.43 0.69
N LEU C 184 -4.26 20.69 0.88
CA LEU C 184 -4.33 19.34 1.42
C LEU C 184 -3.32 19.18 2.54
N ASP C 185 -3.56 18.19 3.39
CA ASP C 185 -2.68 17.93 4.53
C ASP C 185 -1.52 17.03 4.13
N PHE C 186 -0.59 17.57 3.35
CA PHE C 186 0.55 16.78 2.94
C PHE C 186 1.30 16.39 4.21
N LYS C 187 1.66 17.39 5.01
CA LYS C 187 2.38 17.19 6.26
C LYS C 187 1.66 16.21 7.19
N GLU C 188 0.36 16.42 7.39
CA GLU C 188 -0.44 15.54 8.26
C GLU C 188 -0.41 14.11 7.74
N ASN C 189 -1.51 13.70 7.12
CA ASN C 189 -1.61 12.35 6.55
C ASN C 189 -1.39 12.45 5.05
N ALA C 190 -0.12 12.58 4.67
CA ALA C 190 0.27 12.70 3.27
C ALA C 190 -0.53 11.79 2.37
N GLU C 191 -0.17 10.51 2.33
CA GLU C 191 -0.87 9.57 1.46
C GLU C 191 -2.37 9.76 1.55
N GLN C 192 -2.88 9.99 2.74
CA GLN C 192 -4.31 10.19 2.90
C GLN C 192 -4.73 11.28 1.92
N SER C 193 -3.83 12.23 1.67
CA SER C 193 -4.11 13.33 0.76
C SER C 193 -3.87 12.93 -0.69
N ARG C 194 -2.76 12.24 -0.94
CA ARG C 194 -2.44 11.82 -2.30
C ARG C 194 -3.66 11.13 -2.90
N ALA C 195 -3.92 9.90 -2.45
CA ALA C 195 -5.06 9.13 -2.94
C ALA C 195 -6.37 9.90 -2.90
N ALA C 196 -6.32 11.13 -2.39
CA ALA C 196 -7.51 11.97 -2.32
C ALA C 196 -7.53 12.80 -3.59
N ILE C 197 -6.35 13.12 -4.10
CA ILE C 197 -6.24 13.87 -5.34
C ILE C 197 -6.79 12.96 -6.43
N ASN C 198 -6.14 11.81 -6.58
CA ASN C 198 -6.53 10.81 -7.56
C ASN C 198 -8.05 10.75 -7.69
N LYS C 199 -8.70 10.26 -6.63
CA LYS C 199 -10.14 10.17 -6.64
C LYS C 199 -10.75 11.40 -7.29
N TRP C 200 -10.20 12.57 -6.99
CA TRP C 200 -10.72 13.82 -7.56
C TRP C 200 -10.66 13.77 -9.08
N VAL C 201 -9.50 13.39 -9.59
CA VAL C 201 -9.35 13.29 -11.02
C VAL C 201 -10.50 12.43 -11.51
N SER C 202 -10.65 11.25 -10.93
CA SER C 202 -11.71 10.36 -11.34
C SER C 202 -13.09 11.02 -11.37
N ASN C 203 -13.52 11.60 -10.25
CA ASN C 203 -14.83 12.23 -10.21
C ASN C 203 -14.96 13.43 -11.14
N LYS C 204 -13.96 13.61 -12.00
CA LYS C 204 -13.98 14.71 -12.96
C LYS C 204 -13.91 14.15 -14.36
N THR C 205 -12.92 13.29 -14.61
CA THR C 205 -12.76 12.68 -15.91
C THR C 205 -13.73 11.52 -15.99
N GLU C 206 -14.73 11.55 -15.12
CA GLU C 206 -15.76 10.53 -15.06
C GLU C 206 -15.21 9.11 -15.21
N GLY C 207 -14.09 8.84 -14.56
CA GLY C 207 -13.48 7.53 -14.63
C GLY C 207 -12.22 7.47 -15.46
N ARG C 208 -12.40 7.53 -16.77
CA ARG C 208 -11.31 7.46 -17.74
C ARG C 208 -9.88 7.60 -17.19
N ILE C 209 -9.52 8.77 -16.67
CA ILE C 209 -8.16 8.93 -16.11
C ILE C 209 -8.20 8.61 -14.63
N THR C 210 -7.17 7.92 -14.16
CA THR C 210 -7.08 7.54 -12.76
C THR C 210 -5.64 7.25 -12.37
N ASP C 211 -5.32 7.50 -11.10
CA ASP C 211 -3.97 7.28 -10.58
C ASP C 211 -2.97 8.24 -11.20
N VAL C 212 -3.46 9.41 -11.57
CA VAL C 212 -2.63 10.43 -12.15
C VAL C 212 -1.31 10.44 -11.43
N ILE C 213 -1.36 10.32 -10.11
CA ILE C 213 -0.16 10.32 -9.28
C ILE C 213 0.16 8.93 -8.76
N PRO C 214 1.43 8.50 -8.92
CA PRO C 214 1.90 7.18 -8.49
C PRO C 214 2.12 7.09 -6.99
N SER C 215 2.81 6.03 -6.58
CA SER C 215 3.13 5.79 -5.17
C SER C 215 4.59 6.16 -4.92
N GLU C 216 4.82 6.92 -3.86
CA GLU C 216 6.16 7.39 -3.48
C GLU C 216 6.45 8.67 -4.26
N ALA C 217 5.38 9.40 -4.57
CA ALA C 217 5.48 10.65 -5.30
C ALA C 217 5.30 11.80 -4.33
N ILE C 218 4.34 11.62 -3.44
CA ILE C 218 4.02 12.63 -2.45
C ILE C 218 4.33 12.17 -1.02
N ASN C 219 5.28 12.84 -0.37
CA ASN C 219 5.67 12.53 1.00
C ASN C 219 5.54 13.77 1.87
N GLU C 220 6.01 13.69 3.11
CA GLU C 220 5.92 14.81 4.06
C GLU C 220 6.84 15.98 3.75
N LEU C 221 6.85 16.41 2.50
CA LEU C 221 7.67 17.53 2.03
C LEU C 221 7.02 18.08 0.77
N THR C 222 6.19 17.25 0.15
CA THR C 222 5.46 17.62 -1.05
C THR C 222 4.62 18.83 -0.71
N VAL C 223 5.16 20.02 -0.97
CA VAL C 223 4.43 21.23 -0.66
C VAL C 223 3.55 21.72 -1.79
N LEU C 224 4.01 21.54 -3.03
CA LEU C 224 3.26 21.99 -4.20
C LEU C 224 3.47 21.08 -5.40
N VAL C 225 2.37 20.61 -6.00
CA VAL C 225 2.43 19.73 -7.17
C VAL C 225 1.51 20.15 -8.31
N LEU C 226 2.00 20.05 -9.54
CA LEU C 226 1.22 20.41 -10.71
C LEU C 226 0.49 19.20 -11.25
N VAL C 227 -0.82 19.32 -11.44
CA VAL C 227 -1.60 18.20 -11.94
C VAL C 227 -2.55 18.52 -13.09
N ASN C 228 -2.20 18.04 -14.29
CA ASN C 228 -3.01 18.23 -15.49
C ASN C 228 -3.18 16.88 -16.15
N THR C 229 -4.41 16.58 -16.58
CA THR C 229 -4.70 15.30 -17.20
C THR C 229 -5.82 15.37 -18.26
N ILE C 230 -5.66 14.65 -19.37
CA ILE C 230 -6.66 14.68 -20.42
C ILE C 230 -7.02 13.35 -21.04
N TYR C 231 -8.26 13.27 -21.50
CA TYR C 231 -8.78 12.09 -22.15
C TYR C 231 -9.34 12.54 -23.48
N PHE C 232 -9.15 11.74 -24.52
CA PHE C 232 -9.67 12.09 -25.85
C PHE C 232 -9.99 10.86 -26.68
N LYS C 233 -11.13 10.90 -27.36
CA LYS C 233 -11.58 9.84 -28.24
C LYS C 233 -12.29 10.56 -29.38
N GLY C 234 -11.60 10.72 -30.51
CA GLY C 234 -12.20 11.43 -31.60
C GLY C 234 -13.28 10.68 -32.34
N LEU C 235 -13.86 11.35 -33.32
CA LEU C 235 -14.89 10.74 -34.13
C LEU C 235 -14.49 10.94 -35.58
N TRP C 236 -14.29 9.85 -36.27
CA TRP C 236 -13.90 9.92 -37.66
C TRP C 236 -14.93 10.66 -38.47
N LYS C 237 -14.46 11.44 -39.42
CA LYS C 237 -15.36 12.15 -40.31
C LYS C 237 -15.88 11.00 -41.18
N SER C 238 -14.94 10.13 -41.55
CA SER C 238 -15.25 8.95 -42.35
C SER C 238 -14.88 7.75 -41.51
N LYS C 239 -15.89 7.02 -41.08
CA LYS C 239 -15.71 5.83 -40.26
C LYS C 239 -14.71 4.84 -40.82
N PHE C 240 -14.75 3.64 -40.24
CA PHE C 240 -13.90 2.54 -40.62
C PHE C 240 -14.84 1.35 -40.37
N SER C 241 -14.93 0.43 -41.32
CA SER C 241 -15.81 -0.69 -41.08
C SER C 241 -15.09 -1.71 -40.21
N PRO C 242 -15.73 -2.16 -39.11
CA PRO C 242 -15.19 -3.14 -38.17
C PRO C 242 -15.02 -4.41 -38.95
N GLU C 243 -15.97 -4.58 -39.87
CA GLU C 243 -16.06 -5.72 -40.77
C GLU C 243 -14.82 -5.77 -41.67
N ASN C 244 -14.09 -4.66 -41.70
CA ASN C 244 -12.84 -4.56 -42.46
C ASN C 244 -11.65 -4.48 -41.50
N THR C 245 -11.88 -4.92 -40.27
CA THR C 245 -10.83 -4.91 -39.27
C THR C 245 -10.46 -6.35 -39.00
N ARG C 246 -9.16 -6.61 -39.02
CA ARG C 246 -8.67 -7.96 -38.78
C ARG C 246 -7.24 -7.94 -38.28
N LYS C 247 -6.88 -8.98 -37.54
CA LYS C 247 -5.56 -9.07 -36.97
C LYS C 247 -4.46 -9.21 -38.03
N GLU C 248 -3.53 -8.26 -38.03
CA GLU C 248 -2.42 -8.31 -38.95
C GLU C 248 -1.13 -8.06 -38.17
N LEU C 249 -0.01 -8.06 -38.87
CA LEU C 249 1.29 -7.88 -38.26
C LEU C 249 1.71 -6.45 -38.09
N PHE C 250 2.56 -6.23 -37.08
CA PHE C 250 3.12 -4.91 -36.77
C PHE C 250 4.61 -5.14 -36.58
N TYR C 251 5.43 -4.46 -37.35
CA TYR C 251 6.88 -4.65 -37.29
C TYR C 251 7.63 -3.69 -36.37
N LYS C 252 7.59 -3.99 -35.09
CA LYS C 252 8.23 -3.20 -34.07
C LYS C 252 9.60 -2.65 -34.44
N ALA C 253 10.01 -1.66 -33.65
CA ALA C 253 11.28 -0.98 -33.82
C ALA C 253 12.39 -1.74 -33.13
N ASP C 254 12.01 -2.72 -32.30
CA ASP C 254 12.99 -3.54 -31.62
C ASP C 254 13.28 -4.73 -32.52
N GLY C 255 12.67 -4.70 -33.71
CA GLY C 255 12.83 -5.76 -34.70
C GLY C 255 11.69 -6.77 -34.67
N GLU C 256 11.21 -7.02 -33.46
CA GLU C 256 10.13 -7.98 -33.19
C GLU C 256 8.90 -7.95 -34.11
N SER C 257 8.01 -8.91 -33.89
CA SER C 257 6.77 -9.04 -34.65
C SER C 257 5.63 -8.75 -33.70
N CYS C 258 4.43 -8.54 -34.25
CA CYS C 258 3.27 -8.26 -33.43
C CYS C 258 1.99 -8.44 -34.19
N SER C 259 0.95 -8.77 -33.45
CA SER C 259 -0.35 -8.94 -34.06
C SER C 259 -1.31 -7.98 -33.41
N ALA C 260 -1.80 -7.01 -34.18
CA ALA C 260 -2.73 -6.04 -33.64
C ALA C 260 -3.98 -5.95 -34.48
N SER C 261 -4.96 -5.23 -33.97
CA SER C 261 -6.19 -5.03 -34.72
C SER C 261 -5.82 -3.97 -35.75
N MET C 262 -5.93 -4.32 -37.02
CA MET C 262 -5.61 -3.42 -38.10
C MET C 262 -6.89 -3.05 -38.82
N MET C 263 -7.20 -1.76 -38.85
CA MET C 263 -8.40 -1.26 -39.53
C MET C 263 -8.08 -0.91 -40.97
N TYR C 264 -9.10 -0.65 -41.77
CA TYR C 264 -8.81 -0.38 -43.16
C TYR C 264 -9.96 0.27 -43.88
N GLN C 265 -9.63 1.25 -44.70
CA GLN C 265 -10.62 1.95 -45.48
C GLN C 265 -9.96 2.77 -46.55
N GLU C 266 -10.67 2.91 -47.68
CA GLU C 266 -10.20 3.69 -48.82
C GLU C 266 -11.15 4.88 -48.92
N GLY C 267 -10.61 6.04 -49.24
CA GLY C 267 -11.40 7.26 -49.36
C GLY C 267 -10.49 8.39 -49.76
N LYS C 268 -11.02 9.56 -50.07
CA LYS C 268 -10.13 10.65 -50.43
C LYS C 268 -9.75 11.36 -49.13
N PHE C 269 -8.45 11.47 -48.87
CA PHE C 269 -7.93 12.12 -47.69
C PHE C 269 -6.85 13.07 -48.13
N ARG C 270 -6.41 13.92 -47.24
CA ARG C 270 -5.36 14.87 -47.59
C ARG C 270 -4.10 14.10 -47.28
N TYR C 271 -3.07 14.26 -48.12
CA TYR C 271 -1.85 13.50 -47.92
C TYR C 271 -0.66 14.06 -48.65
N ARG C 272 0.52 13.72 -48.13
CA ARG C 272 1.75 14.21 -48.72
C ARG C 272 2.97 13.34 -48.42
N ARG C 273 3.75 12.98 -49.44
CA ARG C 273 4.98 12.22 -49.20
C ARG C 273 6.09 13.21 -49.44
N VAL C 274 6.64 13.70 -48.35
CA VAL C 274 7.71 14.67 -48.43
C VAL C 274 8.94 14.14 -49.15
N ALA C 275 9.79 15.06 -49.61
CA ALA C 275 11.01 14.69 -50.33
C ALA C 275 11.72 13.59 -49.61
N GLU C 276 12.02 13.79 -48.33
CA GLU C 276 12.69 12.77 -47.55
C GLU C 276 11.99 11.42 -47.75
N GLY C 277 10.67 11.43 -47.65
CA GLY C 277 9.94 10.19 -47.83
C GLY C 277 9.02 9.86 -46.67
N THR C 278 9.13 10.56 -45.55
CA THR C 278 8.27 10.29 -44.42
C THR C 278 6.88 10.50 -44.99
N GLN C 279 5.86 9.87 -44.43
CA GLN C 279 4.52 10.04 -44.98
C GLN C 279 3.56 10.79 -44.06
N VAL C 280 2.96 11.85 -44.58
CA VAL C 280 2.05 12.68 -43.81
C VAL C 280 0.61 12.47 -44.17
N LEU C 281 -0.17 11.95 -43.23
CA LEU C 281 -1.61 11.70 -43.44
C LEU C 281 -2.50 12.41 -42.45
N GLU C 282 -3.49 13.13 -42.96
CA GLU C 282 -4.43 13.85 -42.12
C GLU C 282 -5.78 13.13 -42.20
N LEU C 283 -6.33 12.80 -41.05
CA LEU C 283 -7.64 12.13 -40.99
C LEU C 283 -8.51 13.04 -40.16
N PRO C 284 -9.51 13.66 -40.77
CA PRO C 284 -10.36 14.55 -39.98
C PRO C 284 -11.37 13.86 -39.08
N PHE C 285 -11.79 14.56 -38.04
CA PHE C 285 -12.82 14.06 -37.13
C PHE C 285 -14.05 14.80 -37.63
N LYS C 286 -15.22 14.52 -37.08
CA LYS C 286 -16.47 15.18 -37.50
C LYS C 286 -16.42 16.71 -37.59
N GLY C 287 -16.71 17.25 -38.76
CA GLY C 287 -16.71 18.70 -38.90
C GLY C 287 -15.45 19.38 -39.40
N ASP C 288 -14.42 18.58 -39.63
CA ASP C 288 -13.14 19.10 -40.12
C ASP C 288 -12.55 20.23 -39.28
N ASP C 289 -12.93 20.29 -38.01
CA ASP C 289 -12.39 21.32 -37.13
C ASP C 289 -11.19 20.77 -36.38
N ILE C 290 -11.16 19.45 -36.21
CA ILE C 290 -10.07 18.77 -35.52
C ILE C 290 -9.58 17.58 -36.32
N THR C 291 -8.37 17.67 -36.86
CA THR C 291 -7.82 16.55 -37.62
C THR C 291 -6.69 15.91 -36.84
N MET C 292 -6.40 14.66 -37.17
CA MET C 292 -5.34 13.95 -36.52
C MET C 292 -4.39 13.44 -37.57
N VAL C 293 -3.39 14.24 -37.93
CA VAL C 293 -2.42 13.82 -38.91
C VAL C 293 -1.50 12.79 -38.26
N LEU C 294 -0.99 11.86 -39.06
CA LEU C 294 -0.10 10.80 -38.58
C LEU C 294 1.17 10.95 -39.35
N ILE C 295 2.30 10.67 -38.74
CA ILE C 295 3.55 10.79 -39.46
C ILE C 295 4.22 9.46 -39.51
N LEU C 296 4.20 8.83 -40.68
CA LEU C 296 4.80 7.52 -40.87
C LEU C 296 6.00 7.65 -41.79
N PRO C 297 7.20 7.47 -41.22
CA PRO C 297 8.47 7.55 -41.93
C PRO C 297 8.63 6.48 -43.00
N LYS C 298 9.77 6.49 -43.68
CA LYS C 298 10.05 5.47 -44.68
C LYS C 298 10.62 4.26 -43.93
N PRO C 299 10.48 3.07 -44.49
CA PRO C 299 11.02 1.90 -43.78
C PRO C 299 12.53 1.99 -43.67
N GLU C 300 13.14 2.75 -44.55
CA GLU C 300 14.57 2.93 -44.51
C GLU C 300 14.84 3.69 -43.21
N LYS C 301 14.05 4.73 -42.99
CA LYS C 301 14.15 5.61 -41.83
C LYS C 301 13.65 4.95 -40.55
N SER C 302 14.25 5.31 -39.43
CA SER C 302 13.87 4.80 -38.12
C SER C 302 13.05 5.88 -37.46
N LEU C 303 11.82 5.56 -37.05
CA LEU C 303 10.95 6.57 -36.42
C LEU C 303 11.70 7.44 -35.43
N ALA C 304 12.81 6.94 -34.92
CA ALA C 304 13.57 7.70 -33.97
C ALA C 304 14.26 8.85 -34.70
N LYS C 305 14.99 8.54 -35.77
CA LYS C 305 15.69 9.60 -36.48
C LYS C 305 14.76 10.75 -36.77
N VAL C 306 13.54 10.42 -37.12
CA VAL C 306 12.55 11.44 -37.41
C VAL C 306 12.42 12.27 -36.14
N GLU C 307 12.31 11.56 -35.03
CA GLU C 307 12.20 12.20 -33.72
C GLU C 307 13.46 12.96 -33.34
N LYS C 308 14.63 12.42 -33.67
CA LYS C 308 15.87 13.10 -33.35
C LYS C 308 15.95 14.40 -34.16
N GLU C 309 15.51 14.32 -35.43
CA GLU C 309 15.54 15.45 -36.35
C GLU C 309 14.31 16.36 -36.35
N LEU C 310 13.36 16.09 -35.45
CA LEU C 310 12.11 16.86 -35.35
C LEU C 310 12.20 18.33 -34.93
N THR C 311 11.65 19.21 -35.77
CA THR C 311 11.65 20.64 -35.49
C THR C 311 10.27 21.25 -35.75
N PRO C 312 10.08 22.50 -35.35
CA PRO C 312 8.79 23.14 -35.58
C PRO C 312 8.74 23.45 -37.05
N GLU C 313 9.92 23.81 -37.55
CA GLU C 313 10.10 24.14 -38.94
C GLU C 313 9.72 22.98 -39.84
N VAL C 314 10.02 21.76 -39.42
CA VAL C 314 9.74 20.59 -40.23
C VAL C 314 8.37 19.99 -39.97
N LEU C 315 7.70 20.49 -38.94
CA LEU C 315 6.37 20.02 -38.59
C LEU C 315 5.53 20.69 -39.63
N GLN C 316 6.04 21.85 -40.03
CA GLN C 316 5.42 22.69 -41.02
C GLN C 316 5.42 22.05 -42.40
N GLU C 317 6.60 21.62 -42.85
CA GLU C 317 6.71 20.99 -44.15
C GLU C 317 5.74 19.83 -44.23
N TRP C 318 5.72 18.99 -43.21
CA TRP C 318 4.81 17.85 -43.21
C TRP C 318 3.35 18.25 -43.50
N LEU C 319 2.95 19.45 -43.09
CA LEU C 319 1.58 19.87 -43.34
C LEU C 319 1.45 20.90 -44.47
N ASP C 320 2.22 21.98 -44.36
CA ASP C 320 2.21 23.09 -45.33
C ASP C 320 1.68 22.73 -46.71
N GLU C 321 2.12 21.58 -47.22
CA GLU C 321 1.66 21.15 -48.53
C GLU C 321 1.03 19.77 -48.45
N LEU C 322 -0.30 19.74 -48.50
CA LEU C 322 -1.07 18.51 -48.46
C LEU C 322 -2.04 18.51 -49.62
N GLU C 323 -2.21 17.34 -50.22
CA GLU C 323 -3.10 17.20 -51.36
C GLU C 323 -4.16 16.14 -51.03
N GLU C 324 -5.34 16.28 -51.63
CA GLU C 324 -6.40 15.33 -51.39
C GLU C 324 -6.30 14.23 -52.41
N MET C 325 -6.08 13.00 -51.96
CA MET C 325 -5.98 11.87 -52.88
C MET C 325 -6.84 10.68 -52.50
N MET C 326 -6.81 9.64 -53.32
CA MET C 326 -7.58 8.46 -53.03
C MET C 326 -6.59 7.50 -52.48
N LEU C 327 -6.45 7.48 -51.17
CA LEU C 327 -5.51 6.58 -50.58
C LEU C 327 -6.10 5.57 -49.63
N VAL C 328 -5.52 4.38 -49.65
CA VAL C 328 -5.97 3.29 -48.80
C VAL C 328 -5.25 3.43 -47.50
N VAL C 329 -5.97 3.34 -46.39
CA VAL C 329 -5.37 3.50 -45.07
C VAL C 329 -5.41 2.28 -44.19
N HIS C 330 -4.25 1.77 -43.81
CA HIS C 330 -4.21 0.64 -42.89
C HIS C 330 -3.77 1.25 -41.54
N MET C 331 -4.70 1.32 -40.61
CA MET C 331 -4.40 1.89 -39.32
C MET C 331 -4.87 0.96 -38.24
N PRO C 332 -4.11 0.85 -37.14
CA PRO C 332 -4.48 -0.03 -36.05
C PRO C 332 -5.46 0.62 -35.06
N ARG C 333 -6.10 -0.19 -34.24
CA ARG C 333 -7.01 0.31 -33.22
C ARG C 333 -6.16 0.34 -31.95
N PHE C 334 -6.10 1.47 -31.24
CA PHE C 334 -5.24 1.50 -30.07
C PHE C 334 -5.63 2.42 -28.92
N ARG C 335 -4.98 2.18 -27.79
CA ARG C 335 -5.20 2.91 -26.55
C ARG C 335 -3.84 3.31 -26.01
N ILE C 336 -3.79 4.40 -25.27
CA ILE C 336 -2.54 4.87 -24.69
C ILE C 336 -2.79 5.71 -23.45
N GLU C 337 -2.34 5.23 -22.29
CA GLU C 337 -2.49 6.02 -21.07
C GLU C 337 -1.10 6.31 -20.53
N ASP C 338 -0.80 7.60 -20.43
CA ASP C 338 0.50 8.02 -19.94
C ASP C 338 0.45 8.83 -18.67
N GLY C 339 1.36 8.48 -17.77
CA GLY C 339 1.46 9.17 -16.50
C GLY C 339 2.95 9.38 -16.28
N PHE C 340 3.34 10.62 -16.03
CA PHE C 340 4.75 10.91 -15.80
C PHE C 340 5.02 12.24 -15.12
N SER C 341 6.19 12.33 -14.49
CA SER C 341 6.61 13.54 -13.81
C SER C 341 7.26 14.43 -14.84
N LEU C 342 6.69 15.61 -15.03
CA LEU C 342 7.21 16.55 -16.00
C LEU C 342 8.52 17.19 -15.53
N LYS C 343 8.66 17.32 -14.21
CA LYS C 343 9.84 17.97 -13.63
C LYS C 343 11.14 17.41 -14.14
N GLU C 344 11.29 16.10 -14.10
CA GLU C 344 12.51 15.46 -14.56
C GLU C 344 12.98 16.12 -15.84
N GLN C 345 12.14 16.02 -16.86
CA GLN C 345 12.42 16.57 -18.19
C GLN C 345 12.66 18.08 -18.16
N LEU C 346 11.58 18.83 -17.98
CA LEU C 346 11.64 20.28 -17.91
C LEU C 346 12.97 20.76 -17.37
N GLN C 347 13.38 20.22 -16.22
CA GLN C 347 14.64 20.60 -15.63
C GLN C 347 15.71 20.65 -16.71
N ASP C 348 16.04 19.49 -17.26
CA ASP C 348 17.06 19.39 -18.30
C ASP C 348 16.90 20.45 -19.39
N MET C 349 15.67 20.91 -19.60
CA MET C 349 15.36 21.92 -20.61
C MET C 349 15.68 23.34 -20.18
N GLY C 350 16.11 23.52 -18.93
CA GLY C 350 16.43 24.85 -18.46
C GLY C 350 15.62 25.40 -17.30
N LEU C 351 14.52 24.73 -16.95
CA LEU C 351 13.72 25.19 -15.83
C LEU C 351 14.32 24.57 -14.58
N VAL C 352 15.00 25.36 -13.77
CA VAL C 352 15.64 24.84 -12.57
C VAL C 352 15.04 25.39 -11.30
N ASP C 353 15.09 26.71 -11.18
CA ASP C 353 14.57 27.40 -10.02
C ASP C 353 13.15 27.03 -9.65
N LEU C 354 12.26 26.93 -10.63
CA LEU C 354 10.87 26.58 -10.34
C LEU C 354 10.72 25.37 -9.41
N PHE C 355 11.76 24.54 -9.32
CA PHE C 355 11.66 23.36 -8.48
C PHE C 355 12.64 23.27 -7.32
N SER C 356 13.45 24.31 -7.10
CA SER C 356 14.43 24.29 -6.00
C SER C 356 14.07 25.22 -4.85
N PRO C 357 13.70 24.64 -3.70
CA PRO C 357 13.33 25.41 -2.51
C PRO C 357 14.34 26.49 -2.19
N ALA C 358 15.60 26.07 -2.12
CA ALA C 358 16.70 26.99 -1.82
C ALA C 358 16.70 28.22 -2.72
N ALA C 359 16.21 28.06 -3.95
CA ALA C 359 16.18 29.19 -4.89
C ALA C 359 14.96 29.18 -5.80
N SER C 360 13.84 29.65 -5.29
CA SER C 360 12.61 29.70 -6.09
C SER C 360 12.33 31.15 -6.40
N ALA C 361 11.06 31.51 -6.34
CA ALA C 361 10.61 32.87 -6.58
C ALA C 361 9.15 32.84 -6.92
N LEU C 362 8.35 32.25 -6.03
CA LEU C 362 6.91 32.17 -6.22
C LEU C 362 6.20 33.02 -5.18
N PRO C 363 6.61 34.28 -5.03
CA PRO C 363 5.97 35.17 -4.06
C PRO C 363 4.57 35.58 -4.50
N GLY C 364 4.10 34.97 -5.58
CA GLY C 364 2.79 35.31 -6.09
C GLY C 364 1.69 34.47 -5.49
N ILE C 365 2.02 33.25 -5.07
CA ILE C 365 1.03 32.39 -4.48
C ILE C 365 1.11 32.39 -2.95
N VAL C 366 2.09 33.06 -2.40
CA VAL C 366 2.24 33.12 -0.95
C VAL C 366 2.96 34.38 -0.47
N ALA C 367 4.26 34.44 -0.71
CA ALA C 367 5.08 35.58 -0.31
C ALA C 367 4.94 35.84 1.18
N GLU C 368 5.57 34.98 1.99
CA GLU C 368 5.52 35.14 3.43
C GLU C 368 6.52 34.21 4.12
N GLY C 369 6.48 32.93 3.76
CA GLY C 369 7.36 31.93 4.33
C GLY C 369 8.78 32.35 4.67
N ARG C 370 9.66 32.36 3.66
CA ARG C 370 11.07 32.73 3.77
C ARG C 370 11.82 32.08 2.61
N ASP C 371 11.16 32.08 1.44
CA ASP C 371 11.67 31.47 0.22
C ASP C 371 11.39 29.98 0.44
N ASP C 372 10.23 29.69 1.00
CA ASP C 372 9.84 28.34 1.32
C ASP C 372 8.81 27.73 0.37
N LEU C 373 8.67 28.29 -0.83
CA LEU C 373 7.71 27.75 -1.77
C LEU C 373 8.31 27.31 -3.09
N TYR C 374 8.06 26.07 -3.47
CA TYR C 374 8.57 25.55 -4.73
C TYR C 374 7.60 24.50 -5.27
N VAL C 375 8.01 23.83 -6.34
CA VAL C 375 7.17 22.79 -6.93
C VAL C 375 7.94 21.50 -6.73
N SER C 376 7.32 20.53 -6.07
CA SER C 376 7.99 19.25 -5.84
C SER C 376 7.90 18.37 -7.07
N ASP C 377 6.76 18.44 -7.75
CA ASP C 377 6.55 17.64 -8.96
C ASP C 377 5.34 18.07 -9.78
N ALA C 378 5.37 17.66 -11.04
CA ALA C 378 4.28 17.96 -11.95
C ALA C 378 3.85 16.64 -12.55
N PHE C 379 2.58 16.30 -12.36
CA PHE C 379 2.06 15.05 -12.87
C PHE C 379 1.10 15.29 -14.01
N HIS C 380 1.47 14.76 -15.17
CA HIS C 380 0.68 14.88 -16.38
C HIS C 380 0.19 13.47 -16.73
N LYS C 381 -1.12 13.31 -16.89
CA LYS C 381 -1.69 12.01 -17.25
C LYS C 381 -2.61 12.16 -18.44
N ALA C 382 -2.17 11.63 -19.58
CA ALA C 382 -2.95 11.71 -20.80
C ALA C 382 -3.39 10.32 -21.22
N PHE C 383 -4.54 10.24 -21.88
CA PHE C 383 -5.07 8.95 -22.32
C PHE C 383 -5.82 9.12 -23.65
N LEU C 384 -5.45 8.29 -24.63
CA LEU C 384 -6.04 8.34 -25.97
C LEU C 384 -6.69 7.03 -26.36
N GLU C 385 -7.85 7.13 -27.01
CA GLU C 385 -8.62 5.98 -27.48
C GLU C 385 -8.80 6.11 -29.00
N VAL C 386 -8.74 4.99 -29.71
CA VAL C 386 -8.89 5.01 -31.15
C VAL C 386 -9.47 3.70 -31.69
N ASN C 387 -10.78 3.65 -31.86
CA ASN C 387 -11.43 2.46 -32.39
C ASN C 387 -11.92 2.85 -33.78
N GLU C 388 -12.58 1.94 -34.49
CA GLU C 388 -13.07 2.26 -35.82
C GLU C 388 -14.07 3.39 -35.83
N GLU C 389 -14.80 3.53 -34.74
CA GLU C 389 -15.86 4.55 -34.63
C GLU C 389 -15.64 5.90 -35.27
N GLY C 390 -16.76 6.47 -35.71
CA GLY C 390 -16.77 7.76 -36.37
C GLY C 390 -18.05 7.78 -37.16
N SER C 391 -18.46 8.94 -37.65
CA SER C 391 -19.69 8.98 -38.42
C SER C 391 -20.15 10.37 -38.81
N GLU C 392 -21.01 10.36 -39.81
CA GLU C 392 -21.68 11.53 -40.37
C GLU C 392 -22.93 10.85 -40.93
N ALA C 393 -22.67 9.68 -41.54
CA ALA C 393 -23.69 8.82 -42.12
C ALA C 393 -24.58 9.53 -43.15
N ALA C 394 -24.08 10.62 -43.72
CA ALA C 394 -24.82 11.39 -44.73
C ALA C 394 -26.02 10.60 -45.27
N ALA C 395 -25.76 9.67 -46.18
CA ALA C 395 -26.82 8.84 -46.78
C ALA C 395 -26.24 7.93 -47.87
N SER C 396 -27.11 7.25 -48.62
CA SER C 396 -26.66 6.41 -49.72
C SER C 396 -26.73 7.33 -50.93
N THR C 397 -26.24 8.56 -50.71
CA THR C 397 -26.20 9.64 -51.69
C THR C 397 -25.68 9.36 -53.10
N ALA C 398 -25.52 8.09 -53.44
CA ALA C 398 -25.01 7.73 -54.77
C ALA C 398 -25.59 6.45 -55.37
N VAL C 399 -26.42 6.60 -56.40
CA VAL C 399 -27.03 5.46 -57.09
C VAL C 399 -26.80 5.54 -58.61
N VAL C 400 -25.55 5.34 -59.04
CA VAL C 400 -25.20 5.37 -60.47
C VAL C 400 -24.39 4.12 -60.82
N ILE C 401 -23.89 4.06 -62.06
CA ILE C 401 -23.08 2.93 -62.47
C ILE C 401 -21.83 2.90 -61.63
N ALA C 402 -21.67 1.79 -60.95
CA ALA C 402 -20.51 1.61 -60.11
C ALA C 402 -19.44 0.85 -60.89
N GLY C 403 -18.64 1.59 -61.66
CA GLY C 403 -17.57 0.96 -62.40
C GLY C 403 -16.84 0.05 -61.44
N ARG C 404 -16.36 -1.09 -61.93
CA ARG C 404 -15.66 -2.04 -61.08
C ARG C 404 -14.15 -1.93 -61.19
N SER C 405 -13.64 -0.76 -61.48
CA SER C 405 -12.20 -0.56 -61.58
C SER C 405 -11.79 0.22 -60.34
N LEU C 406 -10.50 0.39 -60.10
CA LEU C 406 -10.07 1.20 -58.95
C LEU C 406 -9.52 2.56 -59.38
N ASN C 407 -9.21 3.43 -58.42
CA ASN C 407 -8.70 4.72 -58.79
C ASN C 407 -7.28 4.65 -59.25
N PRO C 408 -7.06 4.78 -60.55
CA PRO C 408 -5.71 4.71 -61.08
C PRO C 408 -4.68 5.36 -60.19
N ASN C 409 -5.05 6.36 -59.42
CA ASN C 409 -4.02 7.01 -58.64
C ASN C 409 -4.00 6.73 -57.16
N ARG C 410 -4.38 5.51 -56.81
CA ARG C 410 -4.43 5.11 -55.41
C ARG C 410 -3.08 5.28 -54.79
N VAL C 411 -3.08 5.57 -53.51
CA VAL C 411 -1.86 5.75 -52.75
C VAL C 411 -2.16 5.02 -51.48
N THR C 412 -1.19 4.35 -50.89
CA THR C 412 -1.47 3.63 -49.66
C THR C 412 -0.71 4.12 -48.45
N PHE C 413 -1.36 4.02 -47.28
CA PHE C 413 -0.77 4.42 -46.00
C PHE C 413 -1.06 3.29 -45.03
N LYS C 414 -0.20 2.28 -45.02
CA LYS C 414 -0.37 1.14 -44.12
C LYS C 414 0.56 1.37 -42.92
N ALA C 415 0.05 2.16 -41.96
CA ALA C 415 0.79 2.48 -40.77
C ALA C 415 0.89 1.26 -39.87
N ASN C 416 1.39 0.14 -40.40
CA ASN C 416 1.52 -1.07 -39.60
C ASN C 416 2.93 -1.12 -39.08
N ARG C 417 3.36 0.02 -38.57
CA ARG C 417 4.68 0.18 -37.99
C ARG C 417 4.88 1.58 -37.43
N PRO C 418 5.85 1.75 -36.53
CA PRO C 418 6.20 3.02 -35.87
C PRO C 418 5.77 4.31 -36.53
N PHE C 419 4.76 4.95 -35.95
CA PHE C 419 4.28 6.22 -36.47
C PHE C 419 3.88 7.19 -35.38
N LEU C 420 4.10 8.48 -35.67
CA LEU C 420 3.79 9.58 -34.77
C LEU C 420 2.32 9.93 -34.83
N VAL C 421 1.89 10.72 -33.86
CA VAL C 421 0.51 11.14 -33.81
C VAL C 421 0.43 12.62 -33.54
N PHE C 422 -0.54 13.26 -34.15
CA PHE C 422 -0.71 14.68 -33.96
C PHE C 422 -2.21 14.96 -33.97
N ILE C 423 -2.65 15.83 -33.07
CA ILE C 423 -4.05 16.21 -32.99
C ILE C 423 -4.08 17.72 -32.91
N ARG C 424 -4.58 18.32 -33.98
CA ARG C 424 -4.60 19.76 -34.07
C ARG C 424 -5.93 20.41 -34.40
N GLU C 425 -5.91 21.74 -34.39
CA GLU C 425 -7.06 22.55 -34.72
C GLU C 425 -6.76 23.02 -36.15
N VAL C 426 -7.78 23.07 -36.99
CA VAL C 426 -7.59 23.47 -38.37
C VAL C 426 -7.28 24.93 -38.65
N PRO C 427 -8.19 25.83 -38.31
CA PRO C 427 -7.82 27.21 -38.62
C PRO C 427 -6.58 27.64 -37.86
N LEU C 428 -6.71 27.70 -36.54
CA LEU C 428 -5.66 28.12 -35.62
C LEU C 428 -4.39 27.29 -35.73
N ASN C 429 -4.54 26.03 -36.13
CA ASN C 429 -3.40 25.13 -36.30
C ASN C 429 -2.67 24.78 -34.99
N THR C 430 -3.43 24.73 -33.91
CA THR C 430 -2.87 24.41 -32.60
C THR C 430 -2.59 22.93 -32.50
N ILE C 431 -1.49 22.57 -31.84
CA ILE C 431 -1.19 21.15 -31.70
C ILE C 431 -1.77 20.72 -30.39
N ILE C 432 -3.06 20.42 -30.38
CA ILE C 432 -3.69 19.97 -29.15
C ILE C 432 -2.90 18.80 -28.56
N PHE C 433 -2.96 17.65 -29.22
CA PHE C 433 -2.26 16.47 -28.73
C PHE C 433 -1.11 16.05 -29.61
N MET C 434 -0.07 15.55 -28.95
CA MET C 434 1.13 15.06 -29.60
C MET C 434 1.20 13.61 -29.11
N GLY C 435 1.84 12.73 -29.86
CA GLY C 435 1.88 11.35 -29.41
C GLY C 435 2.54 10.42 -30.37
N ARG C 436 2.79 9.20 -29.94
CA ARG C 436 3.45 8.21 -30.76
C ARG C 436 2.85 6.84 -30.54
N VAL C 437 2.70 6.09 -31.63
CA VAL C 437 2.19 4.73 -31.57
C VAL C 437 3.35 3.77 -31.83
N ALA C 438 3.85 3.15 -30.77
CA ALA C 438 4.98 2.20 -30.87
C ALA C 438 4.51 0.76 -30.74
N ASN C 439 3.78 0.45 -29.67
CA ASN C 439 3.27 -0.89 -29.50
C ASN C 439 1.76 -0.86 -29.47
N PRO C 440 1.13 -1.30 -30.55
CA PRO C 440 -0.32 -1.31 -30.55
C PRO C 440 -0.83 -2.60 -29.92
N CYS C 441 -0.52 -3.72 -30.56
CA CYS C 441 -0.90 -5.07 -30.14
C CYS C 441 -0.85 -5.32 -28.64
N VAL C 442 -1.50 -6.40 -28.23
CA VAL C 442 -1.61 -6.88 -26.85
C VAL C 442 -3.04 -7.35 -26.60
N LYS D 3 1.81 -7.33 104.70
CA LYS D 3 2.10 -6.12 105.52
C LYS D 3 1.34 -4.90 104.99
N LEU D 4 2.07 -3.83 104.69
CA LEU D 4 1.46 -2.60 104.17
C LEU D 4 1.13 -2.66 102.68
N CYS D 5 1.97 -2.07 101.84
CA CYS D 5 1.71 -2.08 100.40
C CYS D 5 1.71 -3.52 99.88
N SER D 6 2.20 -4.44 100.69
CA SER D 6 2.24 -5.83 100.30
C SER D 6 0.80 -6.34 100.22
N LEU D 7 -0.03 -5.88 101.14
CA LEU D 7 -1.42 -6.29 101.18
C LEU D 7 -2.32 -5.41 100.31
N ASP D 8 -2.99 -6.06 99.36
CA ASP D 8 -3.91 -5.39 98.44
C ASP D 8 -3.51 -3.98 98.05
N ASN D 9 -2.24 -3.80 97.70
CA ASN D 9 -1.73 -2.50 97.30
C ASN D 9 -2.35 -1.34 98.07
N GLY D 10 -2.17 -1.36 99.39
CA GLY D 10 -2.68 -0.31 100.25
C GLY D 10 -4.01 0.35 99.95
N ASP D 11 -5.01 -0.43 99.56
CA ASP D 11 -6.33 0.10 99.27
C ASP D 11 -6.28 1.40 98.48
N CYS D 12 -5.20 1.63 97.75
CA CYS D 12 -5.08 2.83 96.95
C CYS D 12 -5.77 2.53 95.63
N ASP D 13 -5.66 3.45 94.68
CA ASP D 13 -6.25 3.29 93.35
C ASP D 13 -5.13 3.19 92.31
N GLN D 14 -3.94 3.65 92.67
CA GLN D 14 -2.79 3.60 91.76
C GLN D 14 -1.46 3.31 92.45
N PHE D 15 -0.68 4.34 92.75
CA PHE D 15 0.62 4.12 93.37
C PHE D 15 0.66 3.93 94.89
N CYS D 16 1.59 3.09 95.34
CA CYS D 16 1.76 2.78 96.76
C CYS D 16 3.19 3.09 97.21
N HIS D 17 3.34 3.59 98.44
CA HIS D 17 4.65 3.93 98.96
C HIS D 17 4.73 3.54 100.42
N GLU D 18 5.35 4.40 101.22
CA GLU D 18 5.49 4.18 102.67
C GLU D 18 6.32 5.24 103.41
N GLU D 19 5.89 6.49 103.33
CA GLU D 19 6.57 7.57 104.03
C GLU D 19 6.10 7.51 105.48
N GLN D 20 7.06 7.38 106.40
CA GLN D 20 6.81 7.30 107.84
C GLN D 20 6.18 5.96 108.28
N ASN D 21 6.80 4.87 107.86
CA ASN D 21 6.36 3.51 108.18
C ASN D 21 4.85 3.26 108.06
N SER D 22 4.19 4.04 107.20
CA SER D 22 2.75 3.90 107.00
C SER D 22 2.35 4.11 105.54
N VAL D 23 1.27 3.46 105.12
CA VAL D 23 0.77 3.57 103.75
C VAL D 23 0.51 5.01 103.26
N VAL D 24 0.75 5.23 101.98
CA VAL D 24 0.55 6.52 101.36
C VAL D 24 0.19 6.29 99.88
N CYS D 25 -0.68 7.12 99.33
CA CYS D 25 -1.07 6.96 97.94
C CYS D 25 -0.79 8.21 97.10
N SER D 26 -0.66 8.03 95.80
CA SER D 26 -0.44 9.13 94.87
C SER D 26 -1.14 8.79 93.57
N CYS D 27 -0.87 9.53 92.51
CA CYS D 27 -1.52 9.26 91.23
C CYS D 27 -0.73 9.76 90.02
N ALA D 28 -1.00 9.15 88.87
CA ALA D 28 -0.34 9.51 87.63
C ALA D 28 -0.74 10.92 87.21
N ARG D 29 0.13 11.62 86.49
CA ARG D 29 -0.16 12.98 86.06
C ARG D 29 -1.47 13.06 85.30
N GLY D 30 -2.28 14.06 85.65
CA GLY D 30 -3.57 14.24 85.02
C GLY D 30 -4.66 13.79 85.94
N TYR D 31 -4.24 13.24 87.08
CA TYR D 31 -5.16 12.75 88.09
C TYR D 31 -4.91 13.52 89.38
N THR D 32 -5.86 13.46 90.30
CA THR D 32 -5.75 14.13 91.59
C THR D 32 -6.31 13.22 92.67
N LEU D 33 -5.45 12.80 93.60
CA LEU D 33 -5.88 11.94 94.68
C LEU D 33 -7.09 12.55 95.34
N ALA D 34 -7.98 11.70 95.82
CA ALA D 34 -9.19 12.17 96.48
C ALA D 34 -8.91 12.61 97.91
N ASP D 35 -9.92 13.21 98.52
CA ASP D 35 -9.79 13.68 99.89
C ASP D 35 -9.66 12.48 100.82
N ASN D 36 -10.26 11.36 100.44
CA ASN D 36 -10.17 10.16 101.25
C ASN D 36 -8.75 9.62 101.20
N GLY D 37 -7.96 10.11 100.24
CA GLY D 37 -6.57 9.72 100.09
C GLY D 37 -6.22 8.35 99.53
N LYS D 38 -7.21 7.48 99.33
CA LYS D 38 -6.93 6.15 98.79
C LYS D 38 -7.68 5.88 97.48
N ALA D 39 -7.65 6.85 96.57
CA ALA D 39 -8.33 6.72 95.28
C ALA D 39 -7.98 7.88 94.37
N CYS D 40 -7.79 7.59 93.08
CA CYS D 40 -7.42 8.62 92.11
C CYS D 40 -8.58 9.15 91.28
N ILE D 41 -8.89 10.43 91.50
CA ILE D 41 -9.98 11.10 90.81
C ILE D 41 -9.44 11.94 89.66
N PRO D 42 -9.83 11.62 88.43
CA PRO D 42 -9.37 12.36 87.25
C PRO D 42 -9.26 13.87 87.43
N THR D 43 -8.68 14.54 86.44
CA THR D 43 -8.48 15.98 86.45
C THR D 43 -9.09 16.56 85.18
N GLY D 44 -9.33 15.69 84.22
CA GLY D 44 -9.90 16.12 82.96
C GLY D 44 -10.77 15.03 82.39
N PRO D 45 -11.09 15.11 81.09
CA PRO D 45 -11.94 14.14 80.39
C PRO D 45 -11.20 12.86 79.97
N TYR D 46 -10.21 13.01 79.09
CA TYR D 46 -9.41 11.89 78.59
C TYR D 46 -8.08 11.79 79.31
N PRO D 47 -8.04 10.96 80.36
CA PRO D 47 -6.86 10.71 81.19
C PRO D 47 -6.22 9.39 80.76
N CYS D 48 -4.91 9.31 80.99
CA CYS D 48 -4.14 8.13 80.60
C CYS D 48 -4.67 6.81 81.13
N GLY D 49 -4.39 5.74 80.38
CA GLY D 49 -4.82 4.41 80.76
C GLY D 49 -6.31 4.18 80.64
N LYS D 50 -7.06 5.20 80.25
CA LYS D 50 -8.51 5.07 80.13
C LYS D 50 -9.03 4.90 78.72
N GLN D 51 -9.43 3.67 78.39
CA GLN D 51 -9.95 3.40 77.07
C GLN D 51 -11.06 4.39 76.83
N THR D 52 -10.96 5.10 75.71
CA THR D 52 -11.96 6.09 75.35
C THR D 52 -13.29 5.42 75.10
N LEU D 53 -14.26 5.70 75.97
CA LEU D 53 -15.57 5.09 75.82
C LEU D 53 -16.65 6.14 75.99
N GLU D 54 -17.14 6.68 74.87
CA GLU D 54 -18.19 7.70 74.89
C GLU D 54 -19.46 7.20 74.18
N ILE E 1 1.03 -7.43 64.31
CA ILE E 1 0.67 -8.46 65.33
C ILE E 1 0.42 -9.78 64.64
N VAL E 2 0.48 -10.87 65.41
CA VAL E 2 0.25 -12.20 64.87
C VAL E 2 -0.69 -12.95 65.80
N GLY E 3 -1.98 -12.94 65.47
CA GLY E 3 -2.93 -13.60 66.33
C GLY E 3 -3.73 -12.47 66.95
N GLY E 4 -3.89 -12.46 68.27
CA GLY E 4 -4.63 -11.38 68.91
C GLY E 4 -5.96 -11.06 68.25
N GLN E 5 -6.26 -9.78 68.10
CA GLN E 5 -7.52 -9.41 67.48
C GLN E 5 -7.50 -8.03 66.85
N GLU E 6 -8.60 -7.28 66.98
CA GLU E 6 -8.68 -5.96 66.39
C GLU E 6 -9.21 -4.93 67.38
N CYS E 7 -8.39 -3.97 67.79
CA CYS E 7 -8.86 -2.97 68.77
C CYS E 7 -10.17 -2.35 68.33
N LYS E 8 -11.23 -2.66 69.06
CA LYS E 8 -12.54 -2.13 68.76
C LYS E 8 -12.41 -0.68 69.17
N ASP E 9 -13.22 0.20 68.59
CA ASP E 9 -13.15 1.62 68.90
C ASP E 9 -12.84 1.89 70.35
N GLY E 10 -11.76 2.63 70.58
CA GLY E 10 -11.39 2.99 71.93
C GLY E 10 -10.79 1.96 72.86
N GLU E 11 -10.15 0.91 72.35
CA GLU E 11 -9.53 -0.10 73.24
C GLU E 11 -8.03 0.09 73.37
N CYS E 12 -7.46 0.90 72.47
CA CYS E 12 -6.02 1.13 72.46
C CYS E 12 -5.75 2.55 71.96
N PRO E 13 -6.42 3.55 72.55
CA PRO E 13 -6.27 4.96 72.17
C PRO E 13 -4.87 5.50 72.14
N TRP E 14 -3.99 4.93 72.95
CA TRP E 14 -2.60 5.40 73.00
C TRP E 14 -1.72 5.00 71.82
N GLN E 15 -2.14 3.96 71.12
CA GLN E 15 -1.38 3.51 69.97
C GLN E 15 -1.14 4.72 69.08
N ALA E 16 0.08 4.86 68.60
CA ALA E 16 0.40 5.95 67.70
C ALA E 16 0.92 5.29 66.46
N LEU E 17 1.25 6.07 65.45
CA LEU E 17 1.76 5.49 64.21
C LEU E 17 2.68 6.41 63.43
N LEU E 18 3.91 5.98 63.21
CA LEU E 18 4.88 6.76 62.47
C LEU E 18 4.71 6.44 60.99
N ILE E 19 4.69 7.45 60.14
CA ILE E 19 4.51 7.23 58.70
C ILE E 19 5.45 8.10 57.87
N ASN E 20 5.71 7.70 56.63
CA ASN E 20 6.62 8.44 55.79
C ASN E 20 6.01 9.43 54.81
N GLU E 21 6.90 10.13 54.10
CA GLU E 21 6.53 11.14 53.10
C GLU E 21 5.67 10.53 52.00
N GLU E 22 5.83 9.24 51.78
CA GLU E 22 5.06 8.53 50.76
C GLU E 22 3.83 8.02 51.47
N ASN E 23 3.77 8.30 52.76
CA ASN E 23 2.65 7.88 53.59
C ASN E 23 2.65 6.36 53.73
N GLU E 24 3.18 5.88 54.84
CA GLU E 24 3.27 4.45 55.08
C GLU E 24 3.68 4.30 56.54
N GLY E 25 2.99 3.45 57.26
CA GLY E 25 3.33 3.26 58.66
C GLY E 25 4.54 2.36 58.72
N PHE E 26 5.17 2.25 59.88
CA PHE E 26 6.33 1.39 59.97
C PHE E 26 6.90 1.32 61.35
N CYS E 27 6.20 1.92 62.31
CA CYS E 27 6.66 1.88 63.69
C CYS E 27 5.63 2.41 64.64
N GLY E 28 5.22 1.54 65.54
CA GLY E 28 4.23 1.93 66.52
C GLY E 28 4.76 2.98 67.47
N GLY E 29 3.84 3.73 68.04
CA GLY E 29 4.17 4.75 69.00
C GLY E 29 3.36 4.46 70.24
N THR E 30 3.47 5.35 71.21
CA THR E 30 2.75 5.19 72.46
C THR E 30 2.49 6.59 72.95
N ILE E 31 1.29 7.10 72.75
CA ILE E 31 1.01 8.45 73.22
C ILE E 31 1.25 8.59 74.72
N LEU E 32 2.27 9.38 75.07
CA LEU E 32 2.59 9.60 76.46
C LEU E 32 1.90 10.85 76.96
N SER E 33 1.51 11.72 76.05
CA SER E 33 0.84 12.95 76.42
C SER E 33 0.65 13.80 75.18
N GLU E 34 -0.02 14.93 75.35
CA GLU E 34 -0.31 15.86 74.27
C GLU E 34 0.85 16.28 73.35
N PHE E 35 2.08 16.05 73.78
CA PHE E 35 3.27 16.44 73.01
C PHE E 35 4.29 15.36 72.67
N TYR E 36 4.56 14.51 73.64
CA TYR E 36 5.55 13.45 73.49
C TYR E 36 5.07 12.06 73.08
N ILE E 37 5.74 11.48 72.10
CA ILE E 37 5.39 10.14 71.66
C ILE E 37 6.50 9.18 72.06
N LEU E 38 6.12 7.98 72.46
CA LEU E 38 7.09 6.99 72.89
C LEU E 38 7.29 5.89 71.84
N THR E 39 8.47 5.86 71.24
CA THR E 39 8.75 4.89 70.22
C THR E 39 10.10 4.19 70.42
N ALA E 40 10.38 3.21 69.55
CA ALA E 40 11.63 2.44 69.58
C ALA E 40 12.77 3.24 69.03
N ALA E 41 14.00 2.82 69.29
CA ALA E 41 15.16 3.57 68.78
C ALA E 41 15.49 3.14 67.36
N HIS E 42 15.61 1.85 67.15
CA HIS E 42 15.95 1.36 65.84
C HIS E 42 14.96 1.85 64.80
N CYS E 43 13.76 2.24 65.25
CA CYS E 43 12.75 2.75 64.34
C CYS E 43 13.23 3.91 63.45
N LEU E 44 13.90 4.88 64.06
CA LEU E 44 14.37 6.04 63.32
C LEU E 44 15.77 5.88 62.69
N TYR E 45 16.50 4.86 63.09
CA TYR E 45 17.85 4.65 62.59
C TYR E 45 18.07 5.08 61.16
N GLN E 46 17.69 4.23 60.20
CA GLN E 46 17.86 4.54 58.78
C GLN E 46 16.63 5.24 58.19
N ALA E 47 15.85 5.83 59.08
CA ALA E 47 14.65 6.52 58.67
C ALA E 47 14.99 7.85 58.06
N LYS E 48 13.98 8.48 57.47
CA LYS E 48 14.15 9.78 56.84
C LYS E 48 12.82 10.47 56.52
N ARG E 49 12.48 11.49 57.32
CA ARG E 49 11.26 12.25 57.12
C ARG E 49 10.06 11.37 57.41
N PHE E 50 9.34 11.70 58.46
CA PHE E 50 8.18 10.91 58.83
C PHE E 50 7.25 11.82 59.62
N LYS E 51 6.18 11.24 60.14
CA LYS E 51 5.20 11.98 60.92
C LYS E 51 4.41 10.98 61.77
N VAL E 52 3.68 11.47 62.75
CA VAL E 52 2.91 10.60 63.61
C VAL E 52 1.42 10.79 63.41
N ARG E 53 0.74 9.70 63.15
CA ARG E 53 -0.69 9.73 62.95
C ARG E 53 -1.30 9.10 64.19
N VAL E 54 -2.31 9.75 64.76
CA VAL E 54 -2.94 9.22 65.96
C VAL E 54 -4.35 8.72 65.74
N GLY E 55 -4.84 8.00 66.72
CA GLY E 55 -6.19 7.46 66.70
C GLY E 55 -6.76 7.00 65.37
N ASP E 56 -5.98 6.28 64.58
CA ASP E 56 -6.50 5.79 63.32
C ASP E 56 -6.49 4.29 63.38
N ARG E 57 -7.65 3.66 63.21
CA ARG E 57 -7.70 2.21 63.29
C ARG E 57 -7.72 1.50 61.93
N ASN E 58 -7.74 2.25 60.83
CA ASN E 58 -7.78 1.63 59.52
C ASN E 58 -6.92 2.40 58.52
N THR E 59 -5.95 1.74 57.89
CA THR E 59 -5.08 2.43 56.94
C THR E 59 -5.64 2.52 55.54
N GLU E 60 -6.59 1.64 55.21
CA GLU E 60 -7.24 1.61 53.88
C GLU E 60 -8.28 2.73 53.62
N GLN E 61 -9.01 3.10 54.67
CA GLN E 61 -10.03 4.14 54.58
C GLN E 61 -9.75 5.22 55.61
N GLU E 62 -9.93 6.48 55.21
CA GLU E 62 -9.71 7.61 56.09
C GLU E 62 -11.05 8.27 56.41
N GLU E 63 -11.16 8.87 57.60
CA GLU E 63 -12.38 9.55 58.02
C GLU E 63 -12.15 10.38 59.28
N GLY E 64 -11.71 11.61 59.07
CA GLY E 64 -11.46 12.52 60.18
C GLY E 64 -10.65 11.89 61.29
N GLY E 65 -11.35 11.40 62.32
CA GLY E 65 -10.72 10.76 63.46
C GLY E 65 -9.21 10.81 63.49
N GLU E 66 -8.59 10.25 62.47
CA GLU E 66 -7.14 10.22 62.33
C GLU E 66 -6.52 11.63 62.21
N ALA E 67 -5.55 11.93 63.08
CA ALA E 67 -4.85 13.21 63.07
C ALA E 67 -3.38 12.97 62.72
N VAL E 68 -2.76 13.95 62.07
CA VAL E 68 -1.36 13.83 61.67
C VAL E 68 -0.55 14.95 62.29
N HIS E 69 0.33 14.61 63.21
CA HIS E 69 1.13 15.63 63.86
C HIS E 69 2.56 15.56 63.33
N GLU E 70 3.31 16.67 63.39
CA GLU E 70 4.71 16.70 62.93
C GLU E 70 5.72 16.63 64.09
N VAL E 71 6.94 16.20 63.79
CA VAL E 71 7.97 16.06 64.80
C VAL E 71 8.94 17.22 64.93
N GLU E 72 8.83 17.90 66.06
CA GLU E 72 9.63 19.06 66.38
C GLU E 72 11.00 18.63 66.83
N VAL E 73 11.03 17.58 67.65
CA VAL E 73 12.28 17.09 68.20
C VAL E 73 12.34 15.57 68.32
N VAL E 74 13.37 14.97 67.73
CA VAL E 74 13.58 13.53 67.82
C VAL E 74 14.69 13.33 68.81
N ILE E 75 14.58 12.29 69.65
CA ILE E 75 15.62 12.03 70.64
C ILE E 75 15.80 10.55 70.83
N LYS E 76 16.84 10.01 70.20
CA LYS E 76 17.12 8.58 70.31
C LYS E 76 18.03 8.40 71.51
N HIS E 77 17.85 7.34 72.27
CA HIS E 77 18.74 7.16 73.40
C HIS E 77 20.14 7.05 72.87
N ASN E 78 20.98 8.04 73.16
CA ASN E 78 22.36 8.05 72.66
C ASN E 78 23.14 6.71 72.74
N ARG E 79 22.78 5.82 73.66
CA ARG E 79 23.52 4.57 73.78
C ARG E 79 22.91 3.33 73.11
N PHE E 80 22.26 3.53 71.97
CA PHE E 80 21.62 2.43 71.25
C PHE E 80 22.50 1.83 70.17
N THR E 81 22.35 0.53 69.93
CA THR E 81 23.16 -0.12 68.92
C THR E 81 22.39 -1.19 68.17
N LYS E 82 22.56 -1.21 66.85
CA LYS E 82 21.87 -2.19 66.03
C LYS E 82 22.60 -3.52 66.18
N GLU E 83 23.64 -3.52 66.99
CA GLU E 83 24.41 -4.72 67.21
C GLU E 83 24.11 -5.41 68.52
N THR E 84 23.21 -4.83 69.31
CA THR E 84 22.84 -5.43 70.60
C THR E 84 21.39 -5.07 70.85
N TYR E 85 20.88 -4.15 70.05
CA TYR E 85 19.53 -3.71 70.23
C TYR E 85 19.20 -3.38 71.69
N ASP E 86 20.23 -2.95 72.41
CA ASP E 86 20.09 -2.52 73.79
C ASP E 86 19.77 -1.02 73.65
N PHE E 87 19.07 -0.45 74.62
CA PHE E 87 18.73 0.96 74.55
C PHE E 87 17.97 1.29 73.26
N ASP E 88 16.94 0.49 72.95
CA ASP E 88 16.13 0.72 71.76
C ASP E 88 14.87 1.44 72.23
N ILE E 89 14.94 2.77 72.23
CA ILE E 89 13.85 3.63 72.69
C ILE E 89 14.19 5.04 72.23
N ALA E 90 13.24 5.96 72.31
CA ALA E 90 13.46 7.33 71.89
C ALA E 90 12.18 8.08 72.15
N VAL E 91 12.28 9.37 72.41
CA VAL E 91 11.09 10.19 72.67
C VAL E 91 10.91 11.16 71.54
N LEU E 92 9.65 11.44 71.23
CA LEU E 92 9.29 12.34 70.15
C LEU E 92 8.43 13.51 70.61
N ARG E 93 8.94 14.72 70.40
CA ARG E 93 8.18 15.91 70.75
C ARG E 93 7.60 16.42 69.44
N LEU E 94 6.29 16.62 69.41
CA LEU E 94 5.61 17.09 68.22
C LEU E 94 5.58 18.61 68.14
N LYS E 95 5.23 19.14 66.97
CA LYS E 95 5.19 20.59 66.81
C LYS E 95 3.89 21.24 67.31
N THR E 96 2.75 20.58 67.16
CA THR E 96 1.46 21.10 67.61
C THR E 96 0.69 20.05 68.38
N PRO E 97 0.55 20.21 69.70
CA PRO E 97 -0.16 19.29 70.61
C PRO E 97 -1.39 18.54 70.09
N ILE E 98 -1.49 17.30 70.55
CA ILE E 98 -2.59 16.43 70.16
C ILE E 98 -3.88 16.92 70.79
N THR E 99 -5.00 16.58 70.17
CA THR E 99 -6.29 16.96 70.72
C THR E 99 -6.96 15.63 71.06
N PHE E 100 -7.03 15.29 72.35
CA PHE E 100 -7.64 14.02 72.73
C PHE E 100 -9.09 13.84 72.27
N ARG E 101 -9.40 12.63 71.82
CA ARG E 101 -10.75 12.28 71.38
C ARG E 101 -10.87 10.76 71.30
N MET E 102 -12.05 10.25 70.97
CA MET E 102 -12.22 8.81 70.89
C MET E 102 -11.07 8.23 70.10
N ASN E 103 -10.63 7.04 70.49
CA ASN E 103 -9.53 6.39 69.82
C ASN E 103 -8.24 7.14 70.10
N VAL E 104 -8.32 8.25 70.81
CA VAL E 104 -7.12 9.02 71.09
C VAL E 104 -7.00 9.51 72.52
N ALA E 105 -6.02 8.95 73.25
CA ALA E 105 -5.74 9.32 74.63
C ALA E 105 -4.44 8.64 74.96
N PRO E 106 -3.75 9.11 76.00
CA PRO E 106 -2.47 8.53 76.40
C PRO E 106 -2.58 7.26 77.19
N ALA E 107 -1.42 6.81 77.68
CA ALA E 107 -1.30 5.63 78.51
C ALA E 107 -0.43 6.18 79.63
N CYS E 108 -0.60 5.68 80.85
CA CYS E 108 0.18 6.22 81.97
C CYS E 108 1.56 5.63 82.11
N LEU E 109 2.46 6.40 82.74
CA LEU E 109 3.84 5.95 82.99
C LEU E 109 4.00 5.60 84.45
N PRO E 110 4.24 4.31 84.76
CA PRO E 110 4.43 3.91 86.15
C PRO E 110 5.51 4.66 86.90
N GLU E 111 5.67 4.33 88.18
CA GLU E 111 6.69 4.93 89.02
C GLU E 111 7.64 3.76 89.23
N ARG E 112 8.86 3.88 88.72
CA ARG E 112 9.89 2.83 88.82
C ARG E 112 9.58 1.69 89.78
N ASP E 113 10.01 1.86 91.03
CA ASP E 113 9.81 0.88 92.08
C ASP E 113 8.45 0.20 91.99
N TRP E 114 7.37 0.95 92.23
CA TRP E 114 6.01 0.41 92.19
C TRP E 114 5.88 -0.45 90.97
N ALA E 115 6.27 0.11 89.83
CA ALA E 115 6.19 -0.58 88.58
C ALA E 115 6.79 -1.99 88.68
N GLU E 116 8.10 -2.02 88.90
CA GLU E 116 8.83 -3.29 89.01
C GLU E 116 8.22 -4.28 89.99
N SER E 117 7.30 -3.82 90.83
CA SER E 117 6.69 -4.70 91.80
C SER E 117 5.22 -4.99 91.56
N THR E 118 4.55 -4.13 90.79
CA THR E 118 3.14 -4.32 90.55
C THR E 118 2.68 -4.61 89.12
N LEU E 119 3.37 -4.09 88.11
CA LEU E 119 2.94 -4.37 86.74
C LEU E 119 3.72 -5.55 86.19
N MET E 120 5.02 -5.51 86.42
CA MET E 120 5.94 -6.52 85.93
C MET E 120 5.69 -7.92 86.49
N THR E 121 5.09 -7.98 87.68
CA THR E 121 4.81 -9.26 88.33
C THR E 121 3.50 -9.79 87.78
N GLN E 122 2.66 -8.88 87.32
CA GLN E 122 1.34 -9.22 86.77
C GLN E 122 1.48 -10.25 85.64
N LYS E 123 0.43 -11.04 85.44
CA LYS E 123 0.49 -12.08 84.42
C LYS E 123 0.58 -11.67 82.95
N THR E 124 -0.20 -10.67 82.51
CA THR E 124 -0.17 -10.29 81.09
C THR E 124 -0.24 -8.81 80.75
N GLY E 125 0.01 -8.52 79.48
CA GLY E 125 -0.03 -7.15 78.99
C GLY E 125 -0.54 -7.11 77.55
N ILE E 126 -0.72 -5.92 76.99
CA ILE E 126 -1.25 -5.87 75.65
C ILE E 126 -0.48 -5.06 74.60
N VAL E 127 0.22 -5.77 73.72
CA VAL E 127 0.98 -5.13 72.66
C VAL E 127 0.02 -4.95 71.50
N SER E 128 0.28 -3.94 70.69
CA SER E 128 -0.58 -3.64 69.58
C SER E 128 0.13 -2.85 68.50
N GLY E 129 -0.39 -2.95 67.27
CA GLY E 129 0.22 -2.21 66.17
C GLY E 129 -0.38 -2.64 64.84
N PHE E 130 0.33 -2.33 63.76
CA PHE E 130 -0.12 -2.71 62.42
C PHE E 130 0.96 -3.56 61.76
N GLY E 131 1.66 -4.37 62.55
CA GLY E 131 2.72 -5.20 62.01
C GLY E 131 2.25 -6.17 60.94
N ARG E 132 2.96 -7.28 60.75
CA ARG E 132 2.56 -8.25 59.76
C ARG E 132 1.53 -9.26 60.32
N THR E 133 1.74 -10.55 60.12
CA THR E 133 0.82 -11.57 60.63
C THR E 133 1.29 -12.99 60.30
N HIS E 134 2.61 -13.12 60.27
CA HIS E 134 3.32 -14.36 60.00
C HIS E 134 4.71 -13.82 59.83
N GLU E 135 5.72 -14.65 60.03
CA GLU E 135 7.06 -14.14 59.92
C GLU E 135 7.21 -13.23 58.72
N LYS E 136 6.85 -13.70 57.53
CA LYS E 136 7.00 -12.84 56.37
C LYS E 136 5.72 -12.70 55.58
N GLY E 137 4.65 -12.37 56.29
CA GLY E 137 3.35 -12.21 55.65
C GLY E 137 2.97 -10.79 55.28
N ARG E 138 1.67 -10.53 55.22
CA ARG E 138 1.18 -9.21 54.84
C ARG E 138 1.06 -8.24 56.02
N GLN E 139 1.01 -6.95 55.71
CA GLN E 139 0.88 -5.92 56.72
C GLN E 139 -0.57 -5.91 57.10
N SER E 140 -0.89 -5.49 58.33
CA SER E 140 -2.29 -5.44 58.71
C SER E 140 -2.93 -4.14 58.24
N THR E 141 -4.16 -4.25 57.77
CA THR E 141 -4.90 -3.11 57.29
C THR E 141 -5.41 -2.42 58.55
N ARG E 142 -5.84 -3.24 59.50
CA ARG E 142 -6.39 -2.76 60.75
C ARG E 142 -5.43 -2.88 61.92
N LEU E 143 -5.79 -2.25 63.03
CA LEU E 143 -4.95 -2.24 64.23
C LEU E 143 -5.23 -3.40 65.16
N LYS E 144 -4.43 -4.44 65.05
CA LYS E 144 -4.60 -5.60 65.89
C LYS E 144 -3.96 -5.37 67.25
N MET E 145 -4.50 -6.07 68.24
CA MET E 145 -3.98 -6.04 69.60
C MET E 145 -3.93 -7.51 70.05
N LEU E 146 -3.02 -7.83 70.97
CA LEU E 146 -2.94 -9.19 71.46
C LEU E 146 -2.33 -9.15 72.83
N GLU E 147 -2.83 -10.05 73.67
CA GLU E 147 -2.40 -10.20 75.06
C GLU E 147 -1.13 -10.99 75.06
N VAL E 148 -0.31 -10.85 76.09
CA VAL E 148 0.93 -11.61 76.14
C VAL E 148 1.43 -11.85 77.55
N PRO E 149 1.56 -13.11 77.91
CA PRO E 149 2.04 -13.55 79.22
C PRO E 149 3.45 -13.05 79.39
N TYR E 150 3.78 -12.52 80.54
CA TYR E 150 5.14 -12.07 80.74
C TYR E 150 5.95 -13.36 80.78
N VAL E 151 7.24 -13.30 80.42
CA VAL E 151 8.08 -14.50 80.43
C VAL E 151 9.23 -14.43 81.41
N ASP E 152 9.52 -15.57 82.02
CA ASP E 152 10.59 -15.70 83.01
C ASP E 152 11.96 -15.30 82.46
N ARG E 153 12.49 -14.16 82.91
CA ARG E 153 13.79 -13.68 82.46
C ARG E 153 14.81 -14.80 82.22
N ASN E 154 15.13 -15.53 83.28
CA ASN E 154 16.08 -16.61 83.22
C ASN E 154 15.77 -17.62 82.11
N SER E 155 14.53 -17.68 81.66
CA SER E 155 14.12 -18.60 80.61
C SER E 155 14.37 -17.94 79.26
N CYS E 156 13.93 -16.69 79.20
CA CYS E 156 14.07 -15.82 78.04
C CYS E 156 15.49 -16.06 77.52
N LYS E 157 16.46 -15.88 78.41
CA LYS E 157 17.87 -16.06 78.10
C LYS E 157 18.27 -17.40 77.48
N LEU E 158 17.71 -18.49 78.00
CA LEU E 158 18.06 -19.79 77.46
C LEU E 158 17.50 -20.02 76.06
N SER E 159 16.43 -19.30 75.75
CA SER E 159 15.81 -19.44 74.44
C SER E 159 16.49 -18.49 73.46
N SER E 160 17.02 -17.40 74.00
CA SER E 160 17.64 -16.40 73.15
C SER E 160 19.01 -16.73 72.56
N SER E 161 19.13 -16.40 71.27
CA SER E 161 20.36 -16.60 70.53
C SER E 161 21.22 -15.41 70.82
N PHE E 162 20.57 -14.27 71.07
CA PHE E 162 21.24 -13.03 71.36
C PHE E 162 21.04 -12.68 72.82
N ILE E 163 22.02 -12.04 73.43
CA ILE E 163 21.96 -11.68 74.85
C ILE E 163 20.71 -10.91 75.23
N ILE E 164 20.42 -10.83 76.52
CA ILE E 164 19.25 -10.11 76.97
C ILE E 164 19.58 -9.10 78.08
N THR E 165 19.61 -7.82 77.71
CA THR E 165 19.93 -6.75 78.65
C THR E 165 18.88 -6.64 79.72
N GLN E 166 19.24 -6.01 80.84
CA GLN E 166 18.29 -5.84 81.93
C GLN E 166 17.41 -4.68 81.52
N ASN E 167 17.60 -4.26 80.27
CA ASN E 167 16.82 -3.16 79.70
C ASN E 167 15.71 -3.78 78.88
N MET E 168 15.87 -5.06 78.61
CA MET E 168 14.91 -5.81 77.83
C MET E 168 14.00 -6.63 78.73
N PHE E 169 13.20 -7.48 78.10
CA PHE E 169 12.29 -8.38 78.81
C PHE E 169 11.49 -9.18 77.79
N CYS E 170 11.05 -10.37 78.20
CA CYS E 170 10.31 -11.24 77.30
C CYS E 170 8.79 -11.32 77.51
N ALA E 171 8.10 -11.58 76.41
CA ALA E 171 6.66 -11.72 76.44
C ALA E 171 6.23 -12.60 75.26
N GLY E 172 5.71 -13.78 75.61
CA GLY E 172 5.26 -14.75 74.62
C GLY E 172 4.64 -15.97 75.28
N TYR E 173 3.96 -16.79 74.48
CA TYR E 173 3.31 -18.00 74.95
C TYR E 173 4.27 -19.14 74.69
N ASP E 174 4.52 -19.95 75.70
CA ASP E 174 5.45 -21.05 75.51
C ASP E 174 5.20 -21.82 74.22
N THR E 175 3.96 -22.25 73.99
CA THR E 175 3.68 -23.02 72.79
C THR E 175 2.70 -22.40 71.80
N LYS E 176 1.72 -21.67 72.29
CA LYS E 176 0.77 -21.01 71.40
C LYS E 176 1.63 -20.18 70.47
N GLN E 177 1.19 -19.99 69.24
CA GLN E 177 2.00 -19.20 68.32
C GLN E 177 1.37 -17.88 67.93
N GLU E 178 1.63 -16.86 68.75
CA GLU E 178 1.13 -15.52 68.54
C GLU E 178 2.18 -14.57 69.06
N ASP E 179 2.28 -13.39 68.46
CA ASP E 179 3.28 -12.47 68.91
C ASP E 179 3.25 -11.17 68.17
N ALA E 180 4.27 -10.35 68.43
CA ALA E 180 4.45 -9.05 67.79
C ALA E 180 5.31 -9.33 66.59
N CYS E 181 5.14 -8.57 65.51
CA CYS E 181 5.95 -8.81 64.34
C CYS E 181 6.37 -7.53 63.65
N GLN E 182 7.22 -7.66 62.64
CA GLN E 182 7.71 -6.51 61.90
C GLN E 182 6.58 -5.52 61.57
N GLY E 183 6.86 -4.24 61.81
CA GLY E 183 5.87 -3.20 61.60
C GLY E 183 5.36 -2.77 62.95
N ASP E 184 5.62 -3.60 63.96
CA ASP E 184 5.19 -3.37 65.33
C ASP E 184 6.18 -2.67 66.23
N ALA E 185 7.46 -2.77 65.91
CA ALA E 185 8.47 -2.12 66.72
C ALA E 185 8.05 -0.70 67.10
N GLY E 186 8.38 -0.31 68.32
CA GLY E 186 8.06 1.04 68.78
C GLY E 186 6.66 1.16 69.33
N GLY E 187 5.85 0.12 69.11
CA GLY E 187 4.48 0.13 69.60
C GLY E 187 4.38 -0.05 71.10
N PRO E 188 3.21 0.17 71.68
CA PRO E 188 3.04 0.02 73.13
C PRO E 188 2.84 -1.41 73.61
N HIS E 189 3.23 -1.61 74.86
CA HIS E 189 3.10 -2.86 75.58
C HIS E 189 2.65 -2.31 76.92
N VAL E 190 1.33 -2.28 77.10
CA VAL E 190 0.72 -1.75 78.32
C VAL E 190 0.17 -2.83 79.23
N THR E 191 0.34 -2.60 80.52
CA THR E 191 -0.08 -3.52 81.57
C THR E 191 -1.12 -2.85 82.43
N ARG E 192 -2.18 -3.55 82.76
CA ARG E 192 -3.25 -2.96 83.55
C ARG E 192 -3.10 -3.20 85.03
N PHE E 193 -3.66 -2.33 85.86
CA PHE E 193 -3.60 -2.54 87.30
C PHE E 193 -5.01 -2.69 87.84
N LYS E 194 -5.82 -1.63 87.70
CA LYS E 194 -7.20 -1.70 88.14
C LYS E 194 -8.01 -1.34 86.95
N ASP E 195 -8.33 -0.07 86.80
CA ASP E 195 -9.05 0.32 85.61
C ASP E 195 -8.14 1.13 84.69
N THR E 196 -6.86 1.21 85.07
CA THR E 196 -5.87 1.97 84.32
C THR E 196 -4.76 1.16 83.65
N TYR E 197 -4.35 1.60 82.48
CA TYR E 197 -3.26 0.95 81.77
C TYR E 197 -1.99 1.77 81.84
N PHE E 198 -0.87 1.11 82.05
CA PHE E 198 0.42 1.80 82.14
C PHE E 198 1.28 1.20 81.04
N VAL E 199 2.14 2.00 80.43
CA VAL E 199 3.02 1.45 79.41
C VAL E 199 4.10 0.75 80.21
N THR E 200 4.49 -0.44 79.77
CA THR E 200 5.49 -1.17 80.51
C THR E 200 6.77 -1.43 79.71
N GLY E 201 6.60 -1.77 78.43
CA GLY E 201 7.75 -2.01 77.58
C GLY E 201 7.53 -1.55 76.14
N ILE E 202 8.61 -1.38 75.37
CA ILE E 202 8.46 -0.97 73.97
C ILE E 202 8.75 -2.13 73.03
N VAL E 203 7.98 -2.25 71.95
CA VAL E 203 8.17 -3.34 71.00
C VAL E 203 9.51 -3.25 70.31
N SER E 204 10.48 -4.04 70.76
CA SER E 204 11.81 -3.98 70.17
C SER E 204 12.12 -4.98 69.05
N TRP E 205 12.67 -6.14 69.40
CA TRP E 205 13.02 -7.14 68.40
C TRP E 205 12.51 -8.50 68.74
N GLY E 206 13.16 -9.48 68.14
CA GLY E 206 12.80 -10.86 68.36
C GLY E 206 13.36 -11.65 67.20
N GLU E 207 13.41 -12.97 67.33
CA GLU E 207 13.91 -13.81 66.27
C GLU E 207 12.69 -14.28 65.50
N GLY E 208 12.55 -13.82 64.26
CA GLY E 208 11.39 -14.19 63.45
C GLY E 208 10.16 -13.62 64.13
N CYS E 209 9.06 -14.36 64.07
CA CYS E 209 7.80 -13.96 64.70
C CYS E 209 6.95 -15.18 65.01
N ALA E 210 6.93 -15.56 66.29
CA ALA E 210 6.17 -16.70 66.77
C ALA E 210 6.81 -17.99 66.38
N ARG E 211 8.10 -18.11 66.60
CA ARG E 211 8.80 -19.33 66.28
C ARG E 211 8.71 -20.25 67.48
N LYS E 212 8.98 -21.54 67.27
CA LYS E 212 8.92 -22.46 68.39
C LYS E 212 9.97 -22.05 69.41
N GLY E 213 9.56 -22.00 70.67
CA GLY E 213 10.45 -21.63 71.75
C GLY E 213 11.19 -20.32 71.59
N LYS E 214 10.49 -19.31 71.10
CA LYS E 214 11.10 -18.01 70.90
C LYS E 214 10.20 -16.97 71.56
N TYR E 215 10.78 -15.96 72.19
CA TYR E 215 9.95 -14.98 72.84
C TYR E 215 9.99 -13.55 72.34
N GLY E 216 8.97 -12.79 72.71
CA GLY E 216 8.86 -11.40 72.33
C GLY E 216 9.75 -10.54 73.21
N ILE E 217 10.61 -9.74 72.58
CA ILE E 217 11.51 -8.87 73.30
C ILE E 217 10.99 -7.46 73.34
N TYR E 218 10.88 -6.89 74.54
CA TYR E 218 10.37 -5.53 74.68
C TYR E 218 11.30 -4.70 75.55
N THR E 219 11.46 -3.44 75.17
CA THR E 219 12.28 -2.51 75.93
C THR E 219 11.56 -2.26 77.24
N LYS E 220 12.23 -2.59 78.35
CA LYS E 220 11.69 -2.44 79.69
C LYS E 220 11.54 -0.94 79.99
N VAL E 221 10.33 -0.41 79.85
CA VAL E 221 10.12 1.00 80.11
C VAL E 221 10.54 1.25 81.53
N THR E 222 9.98 0.44 82.41
CA THR E 222 10.22 0.50 83.85
C THR E 222 11.65 0.76 84.21
N ALA E 223 12.54 0.72 83.23
CA ALA E 223 13.94 0.97 83.50
C ALA E 223 14.42 2.10 82.63
N PHE E 224 13.61 3.16 82.56
CA PHE E 224 13.95 4.32 81.75
C PHE E 224 13.04 5.48 82.10
N LEU E 225 12.12 5.25 83.03
CA LEU E 225 11.20 6.30 83.42
C LEU E 225 12.00 7.54 83.72
N LYS E 226 13.29 7.33 84.02
CA LYS E 226 14.22 8.41 84.31
C LYS E 226 14.65 9.07 82.99
N TRP E 227 15.38 8.34 82.16
CA TRP E 227 15.82 8.90 80.88
C TRP E 227 14.62 9.41 80.10
N ILE E 228 13.46 8.85 80.37
CA ILE E 228 12.28 9.27 79.67
C ILE E 228 11.90 10.69 80.05
N ASP E 229 11.19 10.86 81.16
CA ASP E 229 10.77 12.21 81.53
C ASP E 229 11.94 13.20 81.53
N ARG E 230 13.17 12.69 81.52
CA ARG E 230 14.33 13.57 81.47
C ARG E 230 14.29 14.12 80.07
N SER E 231 14.09 13.22 79.12
CA SER E 231 14.01 13.62 77.73
C SER E 231 12.77 14.49 77.57
N MET E 232 11.70 14.12 78.30
CA MET E 232 10.43 14.84 78.25
C MET E 232 10.53 16.27 78.77
N LYS E 233 11.76 16.77 78.88
CA LYS E 233 12.03 18.13 79.33
C LYS E 233 13.11 18.71 78.41
N THR E 234 12.67 19.16 77.25
CA THR E 234 13.51 19.77 76.21
C THR E 234 14.10 18.81 75.15
N ARG E 235 15.42 18.59 75.19
CA ARG E 235 16.15 17.74 74.21
C ARG E 235 17.15 16.65 74.68
N GLY E 236 16.69 15.64 75.40
CA GLY E 236 17.57 14.57 75.87
C GLY E 236 18.53 15.03 76.94
N LEU E 237 19.29 14.12 77.56
CA LEU E 237 20.20 14.57 78.60
C LEU E 237 21.23 13.62 79.25
N PRO E 238 20.76 12.59 80.01
CA PRO E 238 21.56 11.59 80.72
C PRO E 238 23.06 11.75 80.93
N LYS E 239 23.70 10.60 81.17
CA LYS E 239 25.14 10.43 81.42
C LYS E 239 25.34 9.65 82.74
N PRO F 15 25.84 -28.51 7.75
CA PRO F 15 25.36 -28.68 9.16
C PRO F 15 24.52 -27.47 9.52
N VAL F 16 25.07 -26.68 10.43
CA VAL F 16 24.48 -25.42 10.89
C VAL F 16 23.57 -25.40 12.10
N ASP F 17 23.84 -24.42 12.96
CA ASP F 17 23.11 -24.11 14.19
C ASP F 17 23.32 -22.60 14.24
N ILE F 18 22.54 -21.90 13.42
CA ILE F 18 22.59 -20.44 13.24
C ILE F 18 23.14 -19.60 14.37
N CYS F 19 22.90 -20.03 15.60
CA CYS F 19 23.35 -19.31 16.76
C CYS F 19 24.86 -19.16 16.88
N THR F 20 25.59 -19.81 15.98
CA THR F 20 27.05 -19.75 15.95
C THR F 20 27.49 -19.93 14.51
N ALA F 21 26.88 -19.17 13.61
CA ALA F 21 27.19 -19.26 12.19
C ALA F 21 26.89 -17.97 11.43
N LYS F 22 27.91 -17.13 11.28
CA LYS F 22 27.77 -15.86 10.58
C LYS F 22 27.14 -16.05 9.21
N PRO F 23 26.48 -15.01 8.67
CA PRO F 23 25.86 -15.08 7.35
C PRO F 23 26.93 -15.28 6.31
N ARG F 24 26.58 -15.09 5.05
CA ARG F 24 27.55 -15.26 3.98
C ARG F 24 28.39 -16.49 4.27
N ASP F 25 27.75 -17.44 4.93
CA ASP F 25 28.32 -18.73 5.32
C ASP F 25 27.25 -19.67 4.79
N ILE F 26 26.25 -19.05 4.17
CA ILE F 26 25.11 -19.72 3.59
C ILE F 26 24.69 -18.84 2.42
N PRO F 27 24.07 -19.42 1.38
CA PRO F 27 23.65 -18.59 0.25
C PRO F 27 23.04 -17.26 0.70
N MET F 28 23.72 -16.18 0.39
CA MET F 28 23.26 -14.85 0.82
C MET F 28 22.81 -13.95 -0.33
N ASN F 29 22.73 -12.66 -0.03
CA ASN F 29 22.33 -11.62 -0.98
C ASN F 29 21.31 -12.08 -2.03
N PRO F 30 20.03 -12.16 -1.65
CA PRO F 30 18.93 -12.57 -2.52
C PRO F 30 18.62 -11.50 -3.57
N MET F 31 17.41 -11.49 -4.10
CA MET F 31 17.05 -10.47 -5.08
C MET F 31 16.23 -9.36 -4.43
N CYS F 32 16.16 -8.21 -5.09
CA CYS F 32 15.44 -7.07 -4.54
C CYS F 32 15.92 -6.77 -3.13
N ILE F 33 16.84 -5.81 -3.05
CA ILE F 33 17.43 -5.39 -1.81
C ILE F 33 17.19 -3.88 -1.70
N TYR F 34 16.07 -3.52 -1.07
CA TYR F 34 15.65 -2.14 -0.87
C TYR F 34 16.67 -1.18 -0.27
N ARG F 35 16.61 0.08 -0.74
CA ARG F 35 17.48 1.15 -0.29
C ARG F 35 16.67 2.44 -0.08
N SER F 36 16.98 3.18 0.98
CA SER F 36 16.29 4.42 1.31
C SER F 36 16.89 5.66 0.61
N PRO F 37 16.04 6.50 0.02
CA PRO F 37 16.50 7.70 -0.68
C PRO F 37 17.45 8.57 0.15
N GLU F 48 28.00 8.80 21.29
CA GLU F 48 26.80 8.65 20.47
C GLU F 48 26.24 7.22 20.52
N GLN F 49 25.29 6.98 21.43
CA GLN F 49 24.66 5.65 21.60
C GLN F 49 25.65 4.46 21.51
N LYS F 50 26.18 4.07 22.67
CA LYS F 50 27.16 2.99 22.76
C LYS F 50 26.58 1.57 22.85
N ILE F 51 27.26 0.63 22.21
CA ILE F 51 26.84 -0.77 22.18
C ILE F 51 27.22 -1.48 23.48
N PRO F 52 26.28 -2.25 24.04
CA PRO F 52 26.40 -3.03 25.28
C PRO F 52 27.46 -4.11 25.25
N GLU F 53 27.56 -4.84 26.36
CA GLU F 53 28.51 -5.92 26.48
C GLU F 53 28.26 -6.90 25.36
N ALA F 54 28.87 -8.08 25.46
CA ALA F 54 28.75 -9.13 24.45
C ALA F 54 27.49 -8.97 23.62
N THR F 55 27.61 -8.28 22.48
CA THR F 55 26.48 -8.06 21.61
C THR F 55 26.98 -7.61 20.25
N ASN F 56 26.23 -7.95 19.21
CA ASN F 56 26.59 -7.58 17.84
C ASN F 56 25.90 -6.28 17.46
N ARG F 57 26.68 -5.30 17.03
CA ARG F 57 26.15 -4.00 16.64
C ARG F 57 24.83 -4.14 15.86
N ARG F 58 24.79 -5.07 14.92
CA ARG F 58 23.59 -5.27 14.12
C ARG F 58 22.39 -5.76 14.94
N VAL F 59 22.57 -6.83 15.72
CA VAL F 59 21.47 -7.32 16.53
C VAL F 59 20.85 -6.16 17.32
N TRP F 60 21.67 -5.53 18.14
CA TRP F 60 21.25 -4.38 18.94
C TRP F 60 20.53 -3.36 18.04
N GLU F 61 20.77 -3.45 16.75
CA GLU F 61 20.16 -2.54 15.80
C GLU F 61 18.81 -3.08 15.40
N LEU F 62 18.83 -4.24 14.75
CA LEU F 62 17.62 -4.91 14.29
C LEU F 62 16.66 -5.00 15.46
N SER F 63 17.21 -4.91 16.67
CA SER F 63 16.45 -4.97 17.92
C SER F 63 15.70 -3.68 18.22
N LYS F 64 16.43 -2.58 18.34
CA LYS F 64 15.88 -1.25 18.63
C LYS F 64 14.84 -0.84 17.60
N ALA F 65 14.95 -1.46 16.42
CA ALA F 65 14.02 -1.22 15.32
C ALA F 65 12.67 -1.73 15.77
N ASN F 66 12.65 -2.99 16.18
CA ASN F 66 11.44 -3.63 16.68
C ASN F 66 10.81 -2.71 17.72
N SER F 67 11.62 -2.23 18.66
CA SER F 67 11.12 -1.33 19.66
C SER F 67 10.33 -0.23 18.99
N ARG F 68 10.94 0.45 18.03
CA ARG F 68 10.27 1.53 17.32
C ARG F 68 8.91 1.10 16.80
N PHE F 69 8.88 -0.10 16.21
CA PHE F 69 7.68 -0.71 15.64
C PHE F 69 6.66 -1.11 16.70
N ALA F 70 7.13 -1.72 17.78
CA ALA F 70 6.27 -2.20 18.86
C ALA F 70 5.25 -1.23 19.44
N THR F 71 5.65 0.01 19.68
CA THR F 71 4.71 0.98 20.25
C THR F 71 3.60 1.31 19.29
N THR F 72 3.96 1.73 18.08
CA THR F 72 2.96 2.07 17.08
C THR F 72 1.92 0.97 17.02
N PHE F 73 2.40 -0.24 16.72
CA PHE F 73 1.54 -1.41 16.59
C PHE F 73 0.64 -1.63 17.80
N TYR F 74 1.23 -1.72 18.99
CA TYR F 74 0.41 -1.92 20.19
C TYR F 74 -0.79 -0.97 20.15
N GLN F 75 -0.49 0.31 19.95
CA GLN F 75 -1.50 1.37 19.87
C GLN F 75 -2.68 0.99 18.98
N HIS F 76 -2.41 0.71 17.71
CA HIS F 76 -3.44 0.33 16.76
C HIS F 76 -4.19 -0.87 17.28
N LEU F 77 -3.46 -1.95 17.54
CA LEU F 77 -4.06 -3.16 18.03
C LEU F 77 -4.87 -2.90 19.28
N ALA F 78 -4.61 -1.78 19.93
CA ALA F 78 -5.31 -1.42 21.14
C ALA F 78 -6.71 -0.96 20.80
N ASP F 79 -6.84 -0.15 19.76
CA ASP F 79 -8.16 0.34 19.38
C ASP F 79 -9.02 -0.78 18.82
N SER F 80 -8.37 -1.77 18.21
CA SER F 80 -9.09 -2.89 17.62
C SER F 80 -9.90 -3.66 18.65
N LYS F 81 -9.40 -3.69 19.87
CA LYS F 81 -10.07 -4.42 20.94
C LYS F 81 -10.83 -3.51 21.92
N ASN F 82 -11.38 -4.12 22.96
CA ASN F 82 -12.14 -3.44 24.00
C ASN F 82 -11.20 -3.09 25.16
N ASP F 83 -11.23 -1.85 25.62
CA ASP F 83 -10.36 -1.45 26.71
C ASP F 83 -10.43 -2.42 27.87
N ASN F 84 -11.40 -3.31 27.82
CA ASN F 84 -11.59 -4.29 28.89
C ASN F 84 -11.03 -5.69 28.60
N ASP F 85 -10.55 -5.90 27.39
CA ASP F 85 -9.96 -7.20 27.04
C ASP F 85 -8.47 -7.15 27.34
N ASN F 86 -7.93 -8.21 27.94
CA ASN F 86 -6.50 -8.23 28.22
C ASN F 86 -5.75 -8.24 26.89
N ILE F 87 -4.50 -7.81 26.90
CA ILE F 87 -3.73 -7.80 25.67
C ILE F 87 -2.44 -8.55 25.89
N PHE F 88 -1.94 -9.19 24.84
CA PHE F 88 -0.66 -9.90 24.91
C PHE F 88 -0.11 -10.20 23.53
N LEU F 89 1.20 -10.28 23.40
CA LEU F 89 1.76 -10.51 22.08
C LEU F 89 3.26 -10.37 22.06
N SER F 90 3.88 -10.78 20.96
CA SER F 90 5.33 -10.64 20.84
C SER F 90 5.60 -9.79 19.62
N PRO F 91 5.84 -8.50 19.83
CA PRO F 91 6.12 -7.63 18.69
C PRO F 91 7.26 -8.24 17.90
N LEU F 92 8.27 -8.70 18.61
CA LEU F 92 9.42 -9.28 17.94
C LEU F 92 9.03 -10.43 17.02
N SER F 93 8.09 -11.26 17.43
CA SER F 93 7.69 -12.34 16.54
C SER F 93 7.00 -11.71 15.35
N ILE F 94 5.87 -11.06 15.60
CA ILE F 94 5.12 -10.40 14.54
C ILE F 94 6.12 -9.69 13.63
N SER F 95 7.18 -9.16 14.22
CA SER F 95 8.18 -8.44 13.45
C SER F 95 9.09 -9.34 12.62
N THR F 96 9.63 -10.37 13.24
CA THR F 96 10.53 -11.28 12.55
C THR F 96 9.85 -12.02 11.42
N ALA F 97 8.58 -12.35 11.61
CA ALA F 97 7.84 -13.09 10.60
C ALA F 97 7.77 -12.29 9.31
N PHE F 98 7.22 -11.08 9.37
CA PHE F 98 7.12 -10.27 8.18
C PHE F 98 8.49 -9.98 7.60
N ALA F 99 9.52 -10.49 8.28
CA ALA F 99 10.89 -10.31 7.82
C ALA F 99 11.23 -11.43 6.86
N MET F 100 10.43 -12.49 6.91
CA MET F 100 10.60 -13.62 6.02
C MET F 100 9.87 -13.31 4.73
N THR F 101 9.18 -12.17 4.74
CA THR F 101 8.44 -11.72 3.57
C THR F 101 9.35 -10.69 2.93
N LYS F 102 9.79 -9.74 3.76
CA LYS F 102 10.69 -8.69 3.31
C LYS F 102 11.78 -9.39 2.51
N LEU F 103 12.10 -10.61 2.92
CA LEU F 103 13.12 -11.40 2.26
C LEU F 103 12.84 -11.56 0.79
N GLY F 104 11.67 -12.09 0.47
CA GLY F 104 11.32 -12.29 -0.92
C GLY F 104 10.34 -11.31 -1.54
N ALA F 105 10.48 -10.04 -1.21
CA ALA F 105 9.57 -9.05 -1.76
C ALA F 105 10.29 -8.21 -2.79
N CYS F 106 9.52 -7.48 -3.59
CA CYS F 106 10.06 -6.58 -4.63
C CYS F 106 9.19 -5.33 -4.77
N ASN F 107 9.74 -4.30 -5.40
CA ASN F 107 9.04 -3.05 -5.65
C ASN F 107 8.08 -2.58 -4.55
N ASP F 108 7.25 -1.61 -4.91
CA ASP F 108 6.25 -1.00 -4.04
C ASP F 108 5.97 -1.78 -2.75
N THR F 109 5.75 -3.07 -2.91
CA THR F 109 5.38 -3.92 -1.79
C THR F 109 6.38 -3.88 -0.66
N LEU F 110 7.62 -4.22 -0.98
CA LEU F 110 8.67 -4.23 0.01
C LEU F 110 8.79 -2.92 0.77
N GLN F 111 9.00 -1.82 0.04
CA GLN F 111 9.13 -0.51 0.67
C GLN F 111 8.24 -0.44 1.89
N GLN F 112 6.97 -0.77 1.72
CA GLN F 112 6.05 -0.75 2.83
C GLN F 112 6.59 -1.60 3.96
N LEU F 113 6.71 -2.91 3.74
CA LEU F 113 7.24 -3.80 4.77
C LEU F 113 8.50 -3.23 5.43
N MET F 114 9.13 -2.28 4.75
CA MET F 114 10.33 -1.68 5.28
C MET F 114 10.01 -0.53 6.22
N GLU F 115 9.03 0.28 5.86
CA GLU F 115 8.70 1.43 6.68
C GLU F 115 7.66 1.19 7.76
N VAL F 116 7.04 0.01 7.77
CA VAL F 116 6.04 -0.26 8.79
C VAL F 116 6.60 -1.08 9.92
N PHE F 117 7.75 -1.70 9.67
CA PHE F 117 8.44 -2.50 10.68
C PHE F 117 9.73 -1.78 10.94
N LYS F 118 9.73 -0.51 10.54
CA LYS F 118 10.87 0.38 10.70
C LYS F 118 12.23 -0.21 10.38
N PHE F 119 12.27 -1.17 9.45
CA PHE F 119 13.54 -1.78 9.06
C PHE F 119 14.31 -0.86 8.12
N ASP F 120 13.83 0.36 7.91
CA ASP F 120 14.50 1.28 7.01
C ASP F 120 15.56 2.13 7.69
N THR F 121 15.62 2.03 9.02
CA THR F 121 16.58 2.76 9.81
C THR F 121 17.95 2.05 9.78
N ILE F 122 17.92 0.72 9.84
CA ILE F 122 19.14 -0.07 9.83
C ILE F 122 20.03 0.18 8.62
N SER F 123 21.32 -0.10 8.81
CA SER F 123 22.35 0.09 7.79
C SER F 123 22.20 -0.86 6.63
N GLU F 124 23.08 -0.70 5.65
CA GLU F 124 23.10 -1.54 4.45
C GLU F 124 22.97 -3.02 4.80
N LYS F 125 24.12 -3.69 4.88
CA LYS F 125 24.19 -5.11 5.19
C LYS F 125 22.94 -5.59 5.93
N THR F 126 22.81 -5.19 7.19
CA THR F 126 21.67 -5.57 7.98
C THR F 126 20.36 -5.54 7.19
N SER F 127 20.00 -4.38 6.66
CA SER F 127 18.77 -4.22 5.89
C SER F 127 18.65 -5.21 4.73
N ASP F 128 19.54 -6.18 4.71
CA ASP F 128 19.53 -7.20 3.67
C ASP F 128 19.52 -8.55 4.35
N GLN F 129 20.65 -8.92 4.91
CA GLN F 129 20.77 -10.20 5.59
C GLN F 129 19.86 -10.21 6.83
N ILE F 130 19.20 -9.08 7.06
CA ILE F 130 18.29 -8.92 8.19
C ILE F 130 17.57 -10.19 8.62
N HIS F 131 16.94 -10.88 7.67
CA HIS F 131 16.21 -12.09 8.01
C HIS F 131 17.08 -13.02 8.81
N PHE F 132 18.37 -13.00 8.52
CA PHE F 132 19.32 -13.84 9.22
C PHE F 132 19.50 -13.32 10.65
N PHE F 133 19.95 -12.08 10.77
CA PHE F 133 20.13 -11.53 12.10
C PHE F 133 18.91 -11.77 12.96
N PHE F 134 17.73 -11.39 12.48
CA PHE F 134 16.53 -11.60 13.28
C PHE F 134 16.59 -12.97 13.93
N ALA F 135 17.18 -13.92 13.23
CA ALA F 135 17.33 -15.26 13.78
C ALA F 135 18.40 -15.14 14.87
N LYS F 136 19.60 -14.74 14.48
CA LYS F 136 20.69 -14.60 15.43
C LYS F 136 20.26 -13.84 16.68
N LEU F 137 19.17 -13.09 16.55
CA LEU F 137 18.65 -12.32 17.66
C LEU F 137 17.83 -13.27 18.51
N ASN F 138 16.80 -13.80 17.90
CA ASN F 138 15.91 -14.73 18.57
C ASN F 138 16.67 -15.75 19.40
N CYS F 139 17.70 -16.35 18.81
CA CYS F 139 18.45 -17.35 19.55
C CYS F 139 18.90 -16.76 20.87
N ARG F 140 19.65 -15.67 20.82
CA ARG F 140 20.13 -15.01 22.03
C ARG F 140 18.96 -14.90 23.00
N LEU F 141 17.87 -14.28 22.55
CA LEU F 141 16.71 -14.11 23.40
C LEU F 141 16.06 -15.45 23.73
N TYR F 142 16.43 -16.50 23.02
CA TYR F 142 15.85 -17.80 23.29
C TYR F 142 16.51 -18.44 24.51
N ARG F 143 17.84 -18.51 24.50
CA ARG F 143 18.58 -19.11 25.61
C ARG F 143 18.28 -18.50 26.98
N LYS F 144 18.82 -17.32 27.21
CA LYS F 144 18.64 -16.61 28.48
C LYS F 144 17.26 -16.84 29.05
N ALA F 145 16.27 -16.80 28.17
CA ALA F 145 14.89 -16.99 28.56
C ALA F 145 14.67 -18.38 29.12
N ASN F 146 14.85 -19.40 28.29
CA ASN F 146 14.64 -20.78 28.69
C ASN F 146 15.64 -21.29 29.71
N LYS F 147 16.83 -20.70 29.70
CA LYS F 147 17.89 -21.07 30.64
C LYS F 147 17.32 -21.32 32.04
N ALA F 148 16.54 -20.35 32.55
CA ALA F 148 15.94 -20.47 33.86
C ALA F 148 14.42 -20.55 33.82
N SER F 149 13.82 -20.03 32.75
CA SER F 149 12.38 -20.03 32.60
C SER F 149 11.94 -20.77 31.32
N LYS F 150 10.65 -20.69 30.97
CA LYS F 150 10.17 -21.40 29.78
C LYS F 150 9.50 -20.52 28.73
N LEU F 151 10.00 -20.63 27.49
CA LEU F 151 9.50 -19.86 26.36
C LEU F 151 9.33 -20.75 25.13
N VAL F 152 8.08 -21.10 24.82
CA VAL F 152 7.78 -21.95 23.67
C VAL F 152 7.24 -21.15 22.49
N SER F 153 7.69 -21.48 21.29
CA SER F 153 7.23 -20.78 20.10
C SER F 153 6.84 -21.73 18.99
N ALA F 154 5.86 -21.34 18.19
CA ALA F 154 5.39 -22.13 17.08
C ALA F 154 5.01 -21.21 15.92
N ASN F 155 5.90 -21.07 14.95
CA ASN F 155 5.61 -20.19 13.83
C ASN F 155 6.13 -20.66 12.47
N ARG F 156 5.23 -20.63 11.48
CA ARG F 156 5.54 -21.07 10.13
C ARG F 156 4.73 -20.33 9.09
N LEU F 157 5.21 -20.38 7.85
CA LEU F 157 4.54 -19.72 6.73
C LEU F 157 3.75 -20.83 6.02
N PHE F 158 2.57 -20.51 5.53
CA PHE F 158 1.76 -21.51 4.85
C PHE F 158 1.29 -21.15 3.43
N GLY F 159 1.50 -22.07 2.51
CA GLY F 159 1.10 -21.84 1.12
C GLY F 159 0.53 -23.08 0.44
N ASP F 160 -0.30 -22.86 -0.57
CA ASP F 160 -0.92 -23.94 -1.31
C ASP F 160 0.05 -24.77 -2.18
N LYS F 161 -0.34 -26.02 -2.45
CA LYS F 161 0.47 -26.92 -3.27
C LYS F 161 0.78 -26.30 -4.63
N SER F 162 -0.20 -26.36 -5.53
CA SER F 162 -0.10 -25.83 -6.89
C SER F 162 1.06 -24.85 -7.07
N LEU F 163 1.05 -23.78 -6.29
CA LEU F 163 2.12 -22.79 -6.39
C LEU F 163 3.46 -23.47 -6.14
N THR F 164 4.40 -23.27 -7.05
CA THR F 164 5.71 -23.89 -6.88
C THR F 164 6.68 -22.89 -6.25
N PHE F 165 6.82 -23.03 -4.94
CA PHE F 165 7.68 -22.16 -4.15
C PHE F 165 9.15 -22.35 -4.46
N ASN F 166 9.87 -21.25 -4.36
CA ASN F 166 11.30 -21.21 -4.62
C ASN F 166 12.01 -22.30 -3.86
N GLU F 167 13.14 -22.74 -4.41
CA GLU F 167 13.92 -23.77 -3.74
C GLU F 167 14.77 -23.05 -2.71
N THR F 168 15.40 -21.96 -3.12
CA THR F 168 16.26 -21.18 -2.24
C THR F 168 15.53 -20.70 -1.00
N TYR F 169 14.59 -19.78 -1.17
CA TYR F 169 13.82 -19.26 -0.06
C TYR F 169 13.57 -20.38 0.93
N GLN F 170 13.11 -21.52 0.42
CA GLN F 170 12.83 -22.68 1.26
C GLN F 170 14.05 -23.12 2.05
N ASP F 171 15.22 -22.99 1.45
CA ASP F 171 16.44 -23.36 2.13
C ASP F 171 16.72 -22.31 3.20
N ILE F 172 16.62 -21.05 2.81
CA ILE F 172 16.84 -19.96 3.75
C ILE F 172 15.84 -20.20 4.87
N SER F 173 14.56 -19.99 4.56
CA SER F 173 13.49 -20.17 5.53
C SER F 173 13.70 -21.34 6.48
N GLU F 174 14.41 -22.37 6.06
CA GLU F 174 14.63 -23.49 6.97
C GLU F 174 15.63 -23.08 8.04
N LEU F 175 16.88 -22.89 7.64
CA LEU F 175 17.95 -22.53 8.54
C LEU F 175 17.95 -21.09 9.03
N VAL F 176 16.79 -20.46 9.08
CA VAL F 176 16.71 -19.08 9.54
C VAL F 176 15.44 -18.82 10.32
N TYR F 177 14.32 -19.27 9.77
CA TYR F 177 13.04 -19.10 10.43
C TYR F 177 12.73 -20.41 11.15
N GLY F 178 13.52 -21.44 10.87
CA GLY F 178 13.31 -22.71 11.53
C GLY F 178 12.98 -23.88 10.62
N ALA F 179 11.94 -23.70 9.83
CA ALA F 179 11.48 -24.73 8.90
C ALA F 179 11.15 -24.09 7.56
N LYS F 180 10.99 -24.91 6.52
CA LYS F 180 10.66 -24.39 5.21
C LYS F 180 9.21 -23.94 5.20
N LEU F 181 8.65 -23.76 4.02
CA LEU F 181 7.25 -23.36 3.89
C LEU F 181 6.47 -24.67 3.82
N GLN F 182 5.30 -24.74 4.44
CA GLN F 182 4.55 -25.99 4.41
C GLN F 182 3.35 -25.97 3.46
N PRO F 183 3.50 -26.56 2.26
CA PRO F 183 2.41 -26.60 1.29
C PRO F 183 1.21 -27.40 1.77
N LEU F 184 0.04 -26.80 1.65
CA LEU F 184 -1.21 -27.46 2.05
C LEU F 184 -2.24 -27.34 0.95
N ASP F 185 -3.23 -28.23 0.98
CA ASP F 185 -4.28 -28.23 -0.03
C ASP F 185 -5.40 -27.28 0.34
N PHE F 186 -5.13 -25.99 0.27
CA PHE F 186 -6.16 -25.02 0.58
C PHE F 186 -7.31 -25.23 -0.38
N LYS F 187 -6.99 -25.18 -1.67
CA LYS F 187 -7.96 -25.37 -2.74
C LYS F 187 -8.74 -26.69 -2.61
N GLU F 188 -8.01 -27.79 -2.39
CA GLU F 188 -8.64 -29.10 -2.24
C GLU F 188 -9.59 -29.10 -1.04
N ASN F 189 -9.16 -29.71 0.06
CA ASN F 189 -9.97 -29.75 1.27
C ASN F 189 -9.45 -28.70 2.24
N ALA F 190 -9.80 -27.45 1.96
CA ALA F 190 -9.38 -26.32 2.78
C ALA F 190 -9.37 -26.64 4.27
N GLU F 191 -10.54 -26.61 4.89
CA GLU F 191 -10.63 -26.87 6.33
C GLU F 191 -9.78 -28.07 6.72
N GLN F 192 -9.81 -29.11 5.89
CA GLN F 192 -9.01 -30.28 6.19
C GLN F 192 -7.57 -29.82 6.43
N SER F 193 -7.17 -28.76 5.74
CA SER F 193 -5.81 -28.22 5.88
C SER F 193 -5.71 -27.29 7.09
N ARG F 194 -6.69 -26.42 7.25
CA ARG F 194 -6.69 -25.49 8.38
C ARG F 194 -6.42 -26.25 9.66
N ALA F 195 -7.43 -26.98 10.13
CA ALA F 195 -7.31 -27.77 11.35
C ALA F 195 -6.07 -28.67 11.37
N ALA F 196 -5.32 -28.67 10.28
CA ALA F 196 -4.10 -29.46 10.18
C ALA F 196 -2.97 -28.57 10.64
N ILE F 197 -3.10 -27.27 10.40
CA ILE F 197 -2.09 -26.31 10.83
C ILE F 197 -2.15 -26.33 12.34
N ASN F 198 -3.31 -25.98 12.88
CA ASN F 198 -3.54 -25.94 14.32
C ASN F 198 -2.81 -27.09 15.00
N LYS F 199 -3.28 -28.31 14.75
CA LYS F 199 -2.64 -29.47 15.35
C LYS F 199 -1.12 -29.32 15.34
N TRP F 200 -0.58 -28.80 14.24
CA TRP F 200 0.87 -28.62 14.15
C TRP F 200 1.36 -27.72 15.26
N VAL F 201 0.70 -26.59 15.43
CA VAL F 201 1.08 -25.68 16.48
C VAL F 201 1.13 -26.49 17.75
N SER F 202 0.06 -27.21 18.06
CA SER F 202 0.01 -28.01 19.26
C SER F 202 1.22 -28.93 19.42
N ASN F 203 1.48 -29.78 18.43
CA ASN F 203 2.59 -30.71 18.51
C ASN F 203 3.94 -30.02 18.56
N LYS F 204 3.92 -28.70 18.71
CA LYS F 204 5.16 -27.93 18.79
C LYS F 204 5.21 -27.20 20.12
N THR F 205 4.15 -26.46 20.43
CA THR F 205 4.05 -25.72 21.68
C THR F 205 3.64 -26.71 22.76
N GLU F 206 3.83 -27.98 22.46
CA GLU F 206 3.50 -29.07 23.38
C GLU F 206 2.17 -28.85 24.11
N GLY F 207 1.18 -28.38 23.36
CA GLY F 207 -0.14 -28.15 23.94
C GLY F 207 -0.49 -26.69 24.11
N ARG F 208 0.12 -26.07 25.12
CA ARG F 208 -0.09 -24.67 25.45
C ARG F 208 -0.88 -23.82 24.44
N ILE F 209 -0.32 -23.57 23.26
CA ILE F 209 -1.05 -22.78 22.26
C ILE F 209 -1.85 -23.73 21.38
N THR F 210 -3.07 -23.32 21.04
CA THR F 210 -3.93 -24.14 20.20
C THR F 210 -4.99 -23.28 19.55
N ASP F 211 -5.44 -23.69 18.36
CA ASP F 211 -6.46 -22.98 17.60
C ASP F 211 -5.96 -21.61 17.14
N VAL F 212 -4.64 -21.54 16.91
CA VAL F 212 -4.02 -20.32 16.46
C VAL F 212 -4.94 -19.68 15.44
N ILE F 213 -5.49 -20.50 14.56
CA ILE F 213 -6.38 -20.03 13.50
C ILE F 213 -7.84 -20.37 13.80
N PRO F 214 -8.73 -19.37 13.70
CA PRO F 214 -10.16 -19.53 13.96
C PRO F 214 -10.90 -20.23 12.83
N SER F 215 -12.24 -20.15 12.88
CA SER F 215 -13.09 -20.75 11.87
C SER F 215 -13.60 -19.66 10.94
N GLU F 216 -13.51 -19.91 9.63
CA GLU F 216 -13.92 -18.96 8.59
C GLU F 216 -12.75 -18.01 8.32
N ALA F 217 -11.55 -18.52 8.52
CA ALA F 217 -10.33 -17.76 8.31
C ALA F 217 -9.70 -18.19 7.02
N ILE F 218 -9.71 -19.51 6.82
CA ILE F 218 -9.13 -20.11 5.63
C ILE F 218 -10.17 -20.77 4.73
N ASN F 219 -10.33 -20.24 3.53
CA ASN F 219 -11.28 -20.78 2.56
C ASN F 219 -10.57 -21.12 1.25
N GLU F 220 -11.33 -21.46 0.22
CA GLU F 220 -10.74 -21.83 -1.08
C GLU F 220 -10.14 -20.66 -1.87
N LEU F 221 -9.35 -19.85 -1.19
CA LEU F 221 -8.68 -18.69 -1.80
C LEU F 221 -7.46 -18.37 -0.95
N THR F 222 -7.49 -18.86 0.29
CA THR F 222 -6.39 -18.67 1.23
C THR F 222 -5.15 -19.27 0.60
N VAL F 223 -4.38 -18.44 -0.09
CA VAL F 223 -3.17 -18.92 -0.75
C VAL F 223 -1.94 -18.87 0.13
N LEU F 224 -1.85 -17.84 0.97
CA LEU F 224 -0.70 -17.67 1.85
C LEU F 224 -1.07 -17.01 3.17
N VAL F 225 -0.68 -17.64 4.28
CA VAL F 225 -0.96 -17.12 5.63
C VAL F 225 0.24 -17.12 6.56
N LEU F 226 0.36 -16.05 7.34
CA LEU F 226 1.46 -15.93 8.28
C LEU F 226 1.06 -16.46 9.63
N VAL F 227 1.86 -17.37 10.18
CA VAL F 227 1.54 -17.93 11.49
C VAL F 227 2.68 -17.97 12.51
N ASN F 228 2.57 -17.12 13.52
CA ASN F 228 3.56 -17.04 14.58
C ASN F 228 2.84 -17.08 15.91
N THR F 229 3.35 -17.88 16.85
CA THR F 229 2.70 -18.03 18.14
C THR F 229 3.70 -18.29 19.28
N ILE F 230 3.46 -17.70 20.46
CA ILE F 230 4.37 -17.88 21.59
C ILE F 230 3.71 -18.11 22.93
N TYR F 231 4.43 -18.85 23.78
CA TYR F 231 3.98 -19.15 25.11
C TYR F 231 5.11 -18.74 26.03
N PHE F 232 4.77 -18.18 27.19
CA PHE F 232 5.79 -17.76 28.15
C PHE F 232 5.28 -17.80 29.58
N LYS F 233 6.13 -18.30 30.47
CA LYS F 233 5.82 -18.38 31.90
C LYS F 233 7.16 -18.14 32.58
N GLY F 234 7.38 -16.92 33.05
CA GLY F 234 8.64 -16.62 33.69
C GLY F 234 8.85 -17.22 35.06
N LEU F 235 10.03 -16.97 35.60
CA LEU F 235 10.35 -17.45 36.92
C LEU F 235 10.84 -16.26 37.71
N TRP F 236 10.14 -15.96 38.78
CA TRP F 236 10.52 -14.84 39.61
C TRP F 236 11.91 -15.04 40.18
N LYS F 237 12.66 -13.95 40.24
CA LYS F 237 13.99 -14.01 40.82
C LYS F 237 13.65 -14.17 42.30
N SER F 238 12.64 -13.42 42.73
CA SER F 238 12.16 -13.46 44.10
C SER F 238 10.71 -13.90 44.03
N LYS F 239 10.46 -15.10 44.51
CA LYS F 239 9.13 -15.70 44.52
C LYS F 239 8.06 -14.80 45.13
N PHE F 240 6.93 -15.41 45.40
CA PHE F 240 5.79 -14.77 46.00
C PHE F 240 5.20 -15.91 46.84
N SER F 241 4.87 -15.65 48.09
CA SER F 241 4.33 -16.73 48.88
C SER F 241 2.85 -16.87 48.56
N PRO F 242 2.39 -18.10 48.26
CA PRO F 242 1.01 -18.44 47.92
C PRO F 242 0.20 -18.12 49.16
N GLU F 243 0.88 -18.38 50.28
CA GLU F 243 0.35 -18.18 51.63
C GLU F 243 0.05 -16.71 51.85
N ASN F 244 0.58 -15.87 50.97
CA ASN F 244 0.34 -14.43 51.01
C ASN F 244 -0.52 -14.02 49.81
N THR F 245 -1.22 -14.99 49.25
CA THR F 245 -2.09 -14.73 48.13
C THR F 245 -3.52 -14.89 48.62
N ARG F 246 -4.35 -13.92 48.30
CA ARG F 246 -5.75 -13.96 48.72
C ARG F 246 -6.61 -13.10 47.79
N LYS F 247 -7.88 -13.47 47.71
CA LYS F 247 -8.80 -12.77 46.83
C LYS F 247 -9.06 -11.35 47.30
N GLU F 248 -8.76 -10.39 46.44
CA GLU F 248 -9.00 -8.98 46.73
C GLU F 248 -9.71 -8.34 45.53
N LEU F 249 -9.98 -7.05 45.63
CA LEU F 249 -10.70 -6.34 44.60
C LEU F 249 -9.84 -5.79 43.50
N PHE F 250 -10.44 -5.64 42.33
CA PHE F 250 -9.80 -5.09 41.15
C PHE F 250 -10.78 -4.07 40.58
N TYR F 251 -10.33 -2.83 40.44
CA TYR F 251 -11.22 -1.77 39.98
C TYR F 251 -11.17 -1.47 38.48
N LYS F 252 -11.87 -2.31 37.72
CA LYS F 252 -11.92 -2.22 36.28
C LYS F 252 -12.03 -0.81 35.74
N ALA F 253 -11.72 -0.70 34.45
CA ALA F 253 -11.74 0.56 33.71
C ALA F 253 -13.15 0.88 33.24
N ASP F 254 -14.04 -0.11 33.33
CA ASP F 254 -15.42 0.10 32.93
C ASP F 254 -16.16 0.58 34.17
N GLY F 255 -15.40 0.77 35.25
CA GLY F 255 -15.94 1.24 36.52
C GLY F 255 -16.21 0.11 37.48
N GLU F 256 -16.63 -1.03 36.93
CA GLU F 256 -16.96 -2.23 37.68
C GLU F 256 -15.99 -2.69 38.78
N SER F 257 -16.40 -3.72 39.51
CA SER F 257 -15.63 -4.29 40.59
C SER F 257 -15.19 -5.69 40.15
N CYS F 258 -14.25 -6.27 40.88
CA CYS F 258 -13.76 -7.61 40.54
C CYS F 258 -13.00 -8.22 41.67
N SER F 259 -13.03 -9.54 41.71
CA SER F 259 -12.32 -10.27 42.74
C SER F 259 -11.32 -11.19 42.07
N ALA F 260 -10.03 -10.92 42.25
CA ALA F 260 -9.02 -11.76 41.64
C ALA F 260 -8.03 -12.25 42.68
N SER F 261 -7.17 -13.16 42.26
CA SER F 261 -6.14 -13.66 43.15
C SER F 261 -5.09 -12.56 43.15
N MET F 262 -4.85 -12.01 44.34
CA MET F 262 -3.88 -10.93 44.49
C MET F 262 -2.70 -11.47 45.28
N MET F 263 -1.52 -11.41 44.69
CA MET F 263 -0.29 -11.87 45.33
C MET F 263 0.36 -10.71 46.07
N TYR F 264 1.36 -11.01 46.89
CA TYR F 264 1.95 -9.92 47.65
C TYR F 264 3.29 -10.28 48.22
N GLN F 265 4.21 -9.34 48.14
CA GLN F 265 5.53 -9.54 48.69
C GLN F 265 6.27 -8.21 48.76
N GLU F 266 7.14 -8.10 49.76
CA GLU F 266 7.96 -6.90 49.97
C GLU F 266 9.39 -7.35 49.72
N GLY F 267 10.17 -6.48 49.08
CA GLY F 267 11.56 -6.77 48.78
C GLY F 267 12.15 -5.58 48.09
N LYS F 268 13.46 -5.58 47.85
CA LYS F 268 14.02 -4.42 47.15
C LYS F 268 13.92 -4.71 45.66
N PHE F 269 13.28 -3.80 44.94
CA PHE F 269 13.10 -3.91 43.50
C PHE F 269 13.50 -2.60 42.90
N ARG F 270 13.62 -2.57 41.58
CA ARG F 270 13.99 -1.34 40.91
C ARG F 270 12.66 -0.67 40.65
N TYR F 271 12.60 0.64 40.80
CA TYR F 271 11.33 1.33 40.64
C TYR F 271 11.46 2.82 40.42
N ARG F 272 10.44 3.37 39.79
CA ARG F 272 10.43 4.80 39.48
C ARG F 272 9.05 5.41 39.32
N ARG F 273 8.77 6.52 39.99
CA ARG F 273 7.48 7.18 39.78
C ARG F 273 7.81 8.43 38.98
N VAL F 274 7.53 8.36 37.68
CA VAL F 274 7.81 9.45 36.80
C VAL F 274 7.06 10.72 37.17
N ALA F 275 7.55 11.86 36.68
CA ALA F 275 6.93 13.16 36.96
C ALA F 275 5.44 13.06 36.80
N GLU F 276 4.99 12.61 35.63
CA GLU F 276 3.57 12.48 35.41
C GLU F 276 2.91 11.75 36.57
N GLY F 277 3.52 10.65 37.00
CA GLY F 277 2.95 9.90 38.10
C GLY F 277 2.71 8.44 37.78
N THR F 278 2.79 8.04 36.51
CA THR F 278 2.58 6.65 36.16
C THR F 278 3.63 5.93 36.96
N GLN F 279 3.41 4.66 37.30
CA GLN F 279 4.41 3.95 38.10
C GLN F 279 5.13 2.83 37.35
N VAL F 280 6.45 2.88 37.35
CA VAL F 280 7.26 1.89 36.65
C VAL F 280 7.93 0.91 37.57
N LEU F 281 7.55 -0.37 37.46
CA LEU F 281 8.12 -1.43 38.28
C LEU F 281 8.74 -2.53 37.48
N GLU F 282 9.98 -2.87 37.82
CA GLU F 282 10.70 -3.93 37.14
C GLU F 282 10.81 -5.11 38.11
N LEU F 283 10.39 -6.30 37.66
CA LEU F 283 10.47 -7.49 38.47
C LEU F 283 11.31 -8.46 37.65
N PRO F 284 12.51 -8.79 38.13
CA PRO F 284 13.34 -9.71 37.36
C PRO F 284 12.95 -11.17 37.48
N PHE F 285 13.32 -11.95 36.46
CA PHE F 285 13.08 -13.39 36.46
C PHE F 285 14.45 -13.91 36.85
N LYS F 286 14.60 -15.22 37.03
CA LYS F 286 15.88 -15.81 37.43
C LYS F 286 17.09 -15.40 36.61
N GLY F 287 18.10 -14.83 37.27
CA GLY F 287 19.29 -14.45 36.55
C GLY F 287 19.40 -13.02 36.06
N ASP F 288 18.36 -12.25 36.29
CA ASP F 288 18.34 -10.84 35.89
C ASP F 288 18.64 -10.61 34.42
N ASP F 289 18.39 -11.60 33.58
CA ASP F 289 18.62 -11.47 32.15
C ASP F 289 17.31 -11.08 31.47
N ILE F 290 16.20 -11.42 32.10
CA ILE F 290 14.89 -11.10 31.56
C ILE F 290 14.00 -10.51 32.65
N THR F 291 13.68 -9.22 32.55
CA THR F 291 12.81 -8.60 33.54
C THR F 291 11.47 -8.29 32.92
N MET F 292 10.46 -8.14 33.76
CA MET F 292 9.13 -7.83 33.31
C MET F 292 8.66 -6.58 34.01
N VAL F 293 8.95 -5.42 33.46
CA VAL F 293 8.50 -4.18 34.06
C VAL F 293 7.01 -4.05 33.83
N LEU F 294 6.32 -3.39 34.75
CA LEU F 294 4.88 -3.19 34.69
C LEU F 294 4.67 -1.71 34.71
N ILE F 295 3.67 -1.22 33.98
CA ILE F 295 3.42 0.21 33.97
C ILE F 295 2.06 0.47 34.54
N LEU F 296 2.01 0.99 35.75
CA LEU F 296 0.75 1.28 36.42
C LEU F 296 0.61 2.78 36.59
N PRO F 297 -0.33 3.38 35.83
CA PRO F 297 -0.61 4.81 35.83
C PRO F 297 -1.15 5.30 37.16
N LYS F 298 -1.44 6.59 37.23
CA LYS F 298 -2.01 7.17 38.44
C LYS F 298 -3.51 6.93 38.37
N PRO F 299 -4.20 6.87 39.52
CA PRO F 299 -5.63 6.64 39.47
C PRO F 299 -6.34 7.79 38.78
N GLU F 300 -5.70 8.95 38.78
CA GLU F 300 -6.27 10.10 38.10
C GLU F 300 -6.29 9.74 36.62
N LYS F 301 -5.16 9.21 36.15
CA LYS F 301 -4.95 8.82 34.76
C LYS F 301 -5.70 7.56 34.39
N SER F 302 -6.12 7.48 33.14
CA SER F 302 -6.82 6.31 32.62
C SER F 302 -5.81 5.52 31.81
N LEU F 303 -5.63 4.24 32.14
CA LEU F 303 -4.64 3.41 31.43
C LEU F 303 -4.68 3.62 29.93
N ALA F 304 -5.81 4.11 29.44
CA ALA F 304 -5.94 4.34 28.02
C ALA F 304 -5.10 5.55 27.64
N LYS F 305 -5.29 6.68 28.33
CA LYS F 305 -4.53 7.87 27.99
C LYS F 305 -3.05 7.55 27.89
N VAL F 306 -2.58 6.70 28.78
CA VAL F 306 -1.19 6.30 28.78
C VAL F 306 -0.95 5.66 27.43
N GLU F 307 -1.87 4.79 27.05
CA GLU F 307 -1.79 4.10 25.78
C GLU F 307 -1.94 5.05 24.59
N LYS F 308 -2.83 6.03 24.71
CA LYS F 308 -3.00 6.99 23.63
C LYS F 308 -1.70 7.79 23.46
N GLU F 309 -1.08 8.14 24.59
CA GLU F 309 0.14 8.94 24.62
C GLU F 309 1.45 8.16 24.55
N LEU F 310 1.36 6.85 24.39
CA LEU F 310 2.54 5.97 24.35
C LEU F 310 3.52 6.12 23.16
N THR F 311 4.78 6.35 23.48
CA THR F 311 5.80 6.50 22.46
C THR F 311 7.05 5.70 22.80
N PRO F 312 7.99 5.59 21.86
CA PRO F 312 9.21 4.82 22.14
C PRO F 312 10.03 5.70 23.07
N GLU F 313 9.92 6.99 22.79
CA GLU F 313 10.61 8.01 23.55
C GLU F 313 10.21 7.97 25.02
N VAL F 314 8.94 7.70 25.28
CA VAL F 314 8.46 7.67 26.67
C VAL F 314 8.55 6.32 27.32
N LEU F 315 8.88 5.30 26.52
CA LEU F 315 9.03 3.95 27.04
C LEU F 315 10.36 4.03 27.72
N GLN F 316 11.18 4.90 27.17
CA GLN F 316 12.51 5.16 27.64
C GLN F 316 12.52 5.82 29.00
N GLU F 317 11.78 6.91 29.15
CA GLU F 317 11.71 7.60 30.43
C GLU F 317 11.29 6.64 31.52
N TRP F 318 10.25 5.84 31.26
CA TRP F 318 9.81 4.87 32.23
C TRP F 318 10.93 3.97 32.76
N LEU F 319 11.91 3.68 31.93
CA LEU F 319 13.00 2.82 32.37
C LEU F 319 14.31 3.59 32.65
N ASP F 320 14.75 4.37 31.67
CA ASP F 320 15.98 5.17 31.75
C ASP F 320 16.46 5.44 33.17
N GLU F 321 15.54 5.84 34.03
CA GLU F 321 15.91 6.13 35.41
C GLU F 321 15.08 5.29 36.37
N LEU F 322 15.73 4.26 36.93
CA LEU F 322 15.12 3.34 37.88
C LEU F 322 16.03 3.24 39.08
N GLU F 323 15.40 3.20 40.26
CA GLU F 323 16.15 3.10 41.51
C GLU F 323 15.71 1.85 42.26
N GLU F 324 16.61 1.28 43.04
CA GLU F 324 16.27 0.09 43.81
C GLU F 324 15.73 0.52 45.15
N MET F 325 14.49 0.17 45.44
CA MET F 325 13.90 0.53 46.72
C MET F 325 13.23 -0.64 47.44
N MET F 326 12.69 -0.37 48.62
CA MET F 326 12.02 -1.41 49.38
C MET F 326 10.57 -1.14 49.16
N LEU F 327 10.01 -1.78 48.15
CA LEU F 327 8.62 -1.55 47.89
C LEU F 327 7.75 -2.80 47.98
N VAL F 328 6.53 -2.59 48.47
CA VAL F 328 5.59 -3.66 48.64
C VAL F 328 4.85 -3.80 47.32
N VAL F 329 4.71 -5.02 46.84
CA VAL F 329 4.06 -5.26 45.56
C VAL F 329 2.79 -6.06 45.62
N HIS F 330 1.68 -5.47 45.19
CA HIS F 330 0.44 -6.21 45.15
C HIS F 330 0.21 -6.50 43.67
N MET F 331 0.36 -7.75 43.29
CA MET F 331 0.19 -8.12 41.90
C MET F 331 -0.73 -9.31 41.83
N PRO F 332 -1.60 -9.36 40.79
CA PRO F 332 -2.53 -10.47 40.63
C PRO F 332 -1.90 -11.65 39.90
N ARG F 333 -2.54 -12.81 40.00
CA ARG F 333 -2.07 -14.00 39.30
C ARG F 333 -2.95 -14.04 38.04
N PHE F 334 -2.35 -14.15 36.85
CA PHE F 334 -3.17 -14.14 35.65
C PHE F 334 -2.68 -14.92 34.43
N ARG F 335 -3.61 -15.09 33.50
CA ARG F 335 -3.38 -15.80 32.26
C ARG F 335 -3.92 -14.94 31.14
N ILE F 336 -3.36 -15.09 29.94
CA ILE F 336 -3.81 -14.32 28.79
C ILE F 336 -3.49 -15.06 27.49
N GLU F 337 -4.52 -15.45 26.75
CA GLU F 337 -4.26 -16.10 25.47
C GLU F 337 -4.90 -15.25 24.40
N ASP F 338 -4.08 -14.78 23.47
CA ASP F 338 -4.55 -13.93 22.39
C ASP F 338 -4.37 -14.52 21.01
N GLY F 339 -5.41 -14.39 20.21
CA GLY F 339 -5.39 -14.87 18.85
C GLY F 339 -6.02 -13.77 18.03
N PHE F 340 -5.34 -13.34 16.97
CA PHE F 340 -5.88 -12.30 16.12
C PHE F 340 -5.21 -12.17 14.77
N SER F 341 -5.94 -11.59 13.83
CA SER F 341 -5.44 -11.38 12.49
C SER F 341 -4.67 -10.08 12.48
N LEU F 342 -3.39 -10.17 12.17
CA LEU F 342 -2.53 -9.00 12.15
C LEU F 342 -2.84 -8.10 10.95
N LYS F 343 -3.29 -8.70 9.86
CA LYS F 343 -3.57 -7.97 8.63
C LYS F 343 -4.45 -6.77 8.83
N GLU F 344 -5.57 -6.97 9.51
CA GLU F 344 -6.50 -5.87 9.75
C GLU F 344 -5.72 -4.62 10.14
N GLN F 345 -5.01 -4.72 11.26
CA GLN F 345 -4.22 -3.62 11.81
C GLN F 345 -3.16 -3.12 10.84
N LEU F 346 -2.10 -3.91 10.69
CA LEU F 346 -1.01 -3.60 9.78
C LEU F 346 -1.49 -2.73 8.62
N GLN F 347 -2.53 -3.19 7.93
CA GLN F 347 -3.06 -2.45 6.81
C GLN F 347 -3.14 -0.98 7.18
N ASP F 348 -4.01 -0.65 8.13
CA ASP F 348 -4.20 0.73 8.57
C ASP F 348 -2.88 1.45 8.82
N MET F 349 -1.84 0.70 9.16
CA MET F 349 -0.52 1.26 9.44
C MET F 349 0.29 1.57 8.20
N GLY F 350 -0.23 1.23 7.03
CA GLY F 350 0.48 1.52 5.80
C GLY F 350 0.87 0.33 4.94
N LEU F 351 0.75 -0.87 5.47
CA LEU F 351 1.09 -2.06 4.69
C LEU F 351 -0.15 -2.43 3.89
N VAL F 352 -0.16 -2.17 2.59
CA VAL F 352 -1.33 -2.47 1.79
C VAL F 352 -1.07 -3.56 0.77
N ASP F 353 -0.10 -3.30 -0.10
CA ASP F 353 0.27 -4.21 -1.16
C ASP F 353 0.53 -5.63 -0.69
N LEU F 354 1.25 -5.79 0.41
CA LEU F 354 1.53 -7.15 0.90
C LEU F 354 0.30 -8.04 0.98
N PHE F 355 -0.89 -7.47 1.01
CA PHE F 355 -2.10 -8.28 1.10
C PHE F 355 -3.08 -8.18 -0.07
N SER F 356 -2.73 -7.43 -1.11
CA SER F 356 -3.64 -7.29 -2.26
C SER F 356 -3.15 -8.03 -3.50
N PRO F 357 -3.85 -9.11 -3.89
CA PRO F 357 -3.51 -9.91 -5.06
C PRO F 357 -3.26 -9.04 -6.28
N ALA F 358 -4.23 -8.18 -6.57
CA ALA F 358 -4.15 -7.28 -7.72
C ALA F 358 -2.83 -6.50 -7.76
N ALA F 359 -2.26 -6.21 -6.59
CA ALA F 359 -1.01 -5.47 -6.53
C ALA F 359 -0.10 -5.92 -5.40
N SER F 360 0.64 -7.00 -5.63
CA SER F 360 1.57 -7.50 -4.62
C SER F 360 2.97 -7.24 -5.13
N ALA F 361 3.86 -8.21 -4.90
CA ALA F 361 5.23 -8.11 -5.34
C ALA F 361 6.05 -9.10 -4.53
N LEU F 362 5.64 -10.36 -4.54
CA LEU F 362 6.35 -11.40 -3.83
C LEU F 362 6.97 -12.39 -4.81
N PRO F 363 7.73 -11.87 -5.79
CA PRO F 363 8.36 -12.73 -6.78
C PRO F 363 9.54 -13.50 -6.18
N GLY F 364 9.68 -13.40 -4.86
CA GLY F 364 10.77 -14.07 -4.20
C GLY F 364 10.42 -15.47 -3.76
N ILE F 365 9.15 -15.70 -3.49
CA ILE F 365 8.71 -17.01 -3.05
C ILE F 365 8.14 -17.82 -4.22
N VAL F 366 8.08 -17.20 -5.40
CA VAL F 366 7.59 -17.84 -6.63
C VAL F 366 7.25 -16.87 -7.77
N ALA F 367 8.18 -16.67 -8.71
CA ALA F 367 7.94 -15.78 -9.84
C ALA F 367 7.01 -16.39 -10.90
N GLU F 368 7.58 -16.73 -12.06
CA GLU F 368 6.86 -17.36 -13.17
C GLU F 368 5.94 -16.43 -13.97
N GLY F 369 4.99 -17.04 -14.69
CA GLY F 369 4.03 -16.26 -15.45
C GLY F 369 3.03 -15.78 -14.41
N ARG F 370 3.25 -16.26 -13.19
CA ARG F 370 2.48 -15.95 -12.00
C ARG F 370 0.97 -16.14 -12.04
N ASP F 371 0.34 -15.56 -11.02
CA ASP F 371 -1.11 -15.55 -10.82
C ASP F 371 -1.33 -14.43 -9.81
N ASP F 372 -0.34 -14.25 -8.94
CA ASP F 372 -0.34 -13.23 -7.91
C ASP F 372 0.65 -13.54 -6.78
N LEU F 373 0.15 -14.26 -5.78
CA LEU F 373 0.88 -14.66 -4.57
C LEU F 373 0.95 -13.49 -3.60
N TYR F 374 -0.08 -13.41 -2.78
CA TYR F 374 -0.25 -12.38 -1.76
C TYR F 374 -0.41 -13.07 -0.41
N VAL F 375 -0.74 -12.29 0.62
CA VAL F 375 -0.95 -12.84 1.94
C VAL F 375 -2.42 -12.63 2.26
N SER F 376 -3.13 -13.70 2.55
CA SER F 376 -4.54 -13.59 2.87
C SER F 376 -4.73 -13.14 4.31
N ASP F 377 -3.88 -13.65 5.19
CA ASP F 377 -3.95 -13.30 6.61
C ASP F 377 -2.73 -13.69 7.41
N ALA F 378 -2.60 -13.04 8.55
CA ALA F 378 -1.50 -13.32 9.46
C ALA F 378 -2.12 -13.63 10.81
N PHE F 379 -1.83 -14.81 11.33
CA PHE F 379 -2.38 -15.20 12.62
C PHE F 379 -1.30 -15.26 13.67
N HIS F 380 -1.48 -14.42 14.69
CA HIS F 380 -0.55 -14.33 15.79
C HIS F 380 -1.28 -14.82 17.04
N LYS F 381 -0.72 -15.80 17.73
CA LYS F 381 -1.34 -16.33 18.94
C LYS F 381 -0.33 -16.36 20.07
N ALA F 382 -0.54 -15.48 21.05
CA ALA F 382 0.36 -15.38 22.18
C ALA F 382 -0.38 -15.80 23.45
N PHE F 383 0.36 -16.35 24.41
CA PHE F 383 -0.23 -16.79 25.65
C PHE F 383 0.76 -16.59 26.81
N LEU F 384 0.29 -15.92 27.86
CA LEU F 384 1.11 -15.62 29.04
C LEU F 384 0.55 -16.20 30.32
N GLU F 385 1.43 -16.72 31.16
CA GLU F 385 1.05 -17.31 32.44
C GLU F 385 1.81 -16.56 33.54
N VAL F 386 1.16 -16.35 34.68
CA VAL F 386 1.78 -15.64 35.81
C VAL F 386 1.22 -16.08 37.16
N ASN F 387 1.89 -17.04 37.79
CA ASN F 387 1.46 -17.50 39.10
C ASN F 387 2.53 -17.03 40.07
N GLU F 388 2.40 -17.33 41.36
CA GLU F 388 3.37 -16.90 42.33
C GLU F 388 4.76 -17.44 42.06
N GLU F 389 4.82 -18.62 41.45
CA GLU F 389 6.09 -19.29 41.18
C GLU F 389 7.30 -18.46 40.80
N GLY F 390 8.46 -18.97 41.20
CA GLY F 390 9.72 -18.32 40.95
C GLY F 390 10.65 -18.88 41.99
N SER F 391 11.96 -18.69 41.85
CA SER F 391 12.87 -19.21 42.86
C SER F 391 14.33 -19.00 42.52
N GLU F 392 15.12 -18.80 43.58
CA GLU F 392 16.56 -18.55 43.40
C GLU F 392 17.47 -18.77 44.61
N ALA F 393 18.29 -17.76 44.89
CA ALA F 393 19.27 -17.77 45.97
C ALA F 393 18.74 -17.81 47.40
N ALA F 394 19.58 -18.38 48.28
CA ALA F 394 19.30 -18.51 49.71
C ALA F 394 18.32 -19.61 50.10
N ALA F 395 18.12 -19.73 51.41
CA ALA F 395 17.20 -20.69 52.00
C ALA F 395 16.99 -20.20 53.44
N SER F 396 17.90 -19.35 53.89
CA SER F 396 17.89 -18.74 55.22
C SER F 396 19.28 -18.11 55.43
N THR F 397 19.76 -17.42 54.39
CA THR F 397 21.08 -16.79 54.37
C THR F 397 21.38 -15.73 55.44
N ALA F 398 20.50 -15.59 56.43
CA ALA F 398 20.74 -14.61 57.49
C ALA F 398 20.17 -15.03 58.84
N VAL F 399 20.96 -14.82 59.90
CA VAL F 399 20.56 -15.14 61.28
C VAL F 399 21.11 -14.09 62.25
N VAL F 400 20.42 -12.96 62.33
CA VAL F 400 20.85 -11.90 63.25
C VAL F 400 19.62 -11.26 63.87
N ILE F 401 19.81 -10.15 64.56
CA ILE F 401 18.67 -9.51 65.19
C ILE F 401 17.73 -9.00 64.13
N ALA F 402 16.52 -9.50 64.20
CA ALA F 402 15.51 -9.12 63.26
C ALA F 402 14.67 -7.98 63.86
N GLY F 403 15.16 -6.75 63.71
CA GLY F 403 14.42 -5.60 64.22
C GLY F 403 12.98 -5.78 63.76
N ARG F 404 12.04 -5.38 64.60
CA ARG F 404 10.63 -5.51 64.26
C ARG F 404 10.02 -4.22 63.73
N SER F 405 10.81 -3.39 63.07
CA SER F 405 10.30 -2.16 62.50
C SER F 405 10.27 -2.37 61.00
N LEU F 406 9.68 -1.44 60.24
CA LEU F 406 9.69 -1.58 58.78
C LEU F 406 10.65 -0.61 58.10
N ASN F 407 10.83 -0.72 56.80
CA ASN F 407 11.76 0.18 56.14
C ASN F 407 11.18 1.56 56.00
N PRO F 408 11.66 2.49 56.80
CA PRO F 408 11.13 3.84 56.72
C PRO F 408 10.82 4.30 55.33
N ASN F 409 11.52 3.79 54.33
CA ASN F 409 11.24 4.31 53.00
C ASN F 409 10.46 3.41 52.07
N ARG F 410 9.53 2.64 52.64
CA ARG F 410 8.72 1.72 51.87
C ARG F 410 7.99 2.48 50.81
N VAL F 411 7.72 1.81 49.71
CA VAL F 411 7.00 2.39 48.60
C VAL F 411 6.10 1.26 48.20
N THR F 412 4.87 1.55 47.80
CA THR F 412 3.98 0.46 47.40
C THR F 412 3.55 0.48 45.95
N PHE F 413 3.36 -0.71 45.40
CA PHE F 413 2.91 -0.88 44.02
C PHE F 413 1.79 -1.91 44.06
N LYS F 414 0.57 -1.46 44.31
CA LYS F 414 -0.58 -2.35 44.35
C LYS F 414 -1.30 -2.26 43.00
N ALA F 415 -0.78 -3.02 42.05
CA ALA F 415 -1.34 -3.05 40.71
C ALA F 415 -2.68 -3.75 40.72
N ASN F 416 -3.61 -3.29 41.56
CA ASN F 416 -4.93 -3.91 41.61
C ASN F 416 -5.84 -3.10 40.73
N ARG F 417 -5.34 -2.80 39.54
CA ARG F 417 -6.07 -2.06 38.55
C ARG F 417 -5.26 -1.90 37.26
N PRO F 418 -5.93 -1.61 36.14
CA PRO F 418 -5.36 -1.44 34.81
C PRO F 418 -3.88 -1.12 34.71
N PHE F 419 -3.09 -2.12 34.30
CA PHE F 419 -1.67 -1.93 34.14
C PHE F 419 -1.11 -2.65 32.93
N LEU F 420 -0.09 -2.02 32.33
CA LEU F 420 0.60 -2.55 31.15
C LEU F 420 1.61 -3.61 31.53
N VAL F 421 2.08 -4.32 30.54
CA VAL F 421 3.06 -5.35 30.76
C VAL F 421 4.17 -5.24 29.75
N PHE F 422 5.38 -5.52 30.19
CA PHE F 422 6.52 -5.45 29.31
C PHE F 422 7.46 -6.58 29.71
N ILE F 423 8.04 -7.26 28.71
CA ILE F 423 8.98 -8.33 28.95
C ILE F 423 10.17 -8.07 28.05
N ARG F 424 11.28 -7.71 28.66
CA ARG F 424 12.47 -7.36 27.92
C ARG F 424 13.75 -8.09 28.30
N GLU F 425 14.78 -7.79 27.52
CA GLU F 425 16.11 -8.34 27.72
C GLU F 425 16.87 -7.18 28.38
N VAL F 426 17.71 -7.50 29.35
CA VAL F 426 18.45 -6.48 30.06
C VAL F 426 19.55 -5.77 29.31
N PRO F 427 20.59 -6.48 28.90
CA PRO F 427 21.61 -5.71 28.19
C PRO F 427 21.07 -5.06 26.93
N LEU F 428 20.70 -5.90 25.97
CA LEU F 428 20.17 -5.51 24.68
C LEU F 428 18.94 -4.63 24.76
N ASN F 429 18.17 -4.79 25.82
CA ASN F 429 16.97 -3.98 26.04
C ASN F 429 15.86 -4.23 25.02
N THR F 430 15.77 -5.46 24.54
CA THR F 430 14.77 -5.83 23.55
C THR F 430 13.42 -5.98 24.21
N ILE F 431 12.36 -5.56 23.54
CA ILE F 431 11.03 -5.71 24.12
C ILE F 431 10.48 -7.02 23.63
N ILE F 432 10.85 -8.11 24.28
CA ILE F 432 10.36 -9.40 23.86
C ILE F 432 8.83 -9.37 23.80
N PHE F 433 8.20 -9.29 24.96
CA PHE F 433 6.74 -9.28 25.02
C PHE F 433 6.17 -7.95 25.47
N MET F 434 5.02 -7.62 24.89
CA MET F 434 4.29 -6.41 25.21
C MET F 434 2.95 -6.93 25.65
N GLY F 435 2.21 -6.21 26.47
CA GLY F 435 0.94 -6.73 26.91
C GLY F 435 0.24 -5.85 27.91
N ARG F 436 -1.01 -6.17 28.19
CA ARG F 436 -1.81 -5.39 29.11
C ARG F 436 -2.69 -6.30 29.96
N VAL F 437 -2.81 -5.95 31.24
CA VAL F 437 -3.65 -6.70 32.16
C VAL F 437 -4.88 -5.84 32.47
N ALA F 438 -6.01 -6.18 31.86
CA ALA F 438 -7.27 -5.44 32.07
C ALA F 438 -8.24 -6.20 32.97
N ASN F 439 -8.51 -7.44 32.63
CA ASN F 439 -9.39 -8.25 33.46
C ASN F 439 -8.66 -9.44 33.97
N PRO F 440 -8.30 -9.42 35.25
CA PRO F 440 -7.60 -10.57 35.80
C PRO F 440 -8.60 -11.63 36.26
N CYS F 441 -9.40 -11.26 37.26
CA CYS F 441 -10.44 -12.08 37.86
C CYS F 441 -11.22 -12.96 36.88
N VAL F 442 -11.91 -13.95 37.44
CA VAL F 442 -12.75 -14.93 36.74
C VAL F 442 -12.53 -16.30 37.36
#